data_9KTO
#
_entry.id   9KTO
#
_cell.length_a   1.00
_cell.length_b   1.00
_cell.length_c   1.00
_cell.angle_alpha   90.00
_cell.angle_beta   90.00
_cell.angle_gamma   90.00
#
_symmetry.space_group_name_H-M   'P 1'
#
loop_
_entity.id
_entity.type
_entity.pdbx_description
1 polymer Alpha-hemolysin
2 non-polymer 1,2-DIDECANOYL-SN-GLYCERO-3-PHOSPHOCHOLINE
#
_entity_poly.entity_id   1
_entity_poly.type   'polypeptide(L)'
_entity_poly.pdbx_seq_one_letter_code
;ADSDINIKTGTTDIGSNTTVKTGDLVTYDKENGMHKKVFYSFIDDKNHNKKLLVIRTKGTIAGQYRVYSEEGANKSGLAW
PSAFKVQLQLPDNEVAQISDYYPRNSIDTKEYMSTLTYGFNGNVTGDDTGKIGGLIGANVSIGHTLKYVQPDFKTILESP
TDKKVGWKVIFNNMVNQNWGPYDRDSWNPVYGNQLFMKTRNGSMKAADNFLDPNKASSLLSSGFSPDFATVITMDRKASK
QQTNIDVIYERVRDDYQLHWTSTNWKGTNTKDKWTDRSSERYKIDWEKEEMTN
;
_entity_poly.pdbx_strand_id   G,A,B,C,D,E,F
#
loop_
_chem_comp.id
_chem_comp.type
_chem_comp.name
_chem_comp.formula
P1O non-polymer 1,2-DIDECANOYL-SN-GLYCERO-3-PHOSPHOCHOLINE 'C28 H57 N O8 P 1'
#
# COMPACT_ATOMS: atom_id res chain seq x y z
N ALA A 1 -6.98 11.86 13.66
CA ALA A 1 -8.14 12.67 14.01
C ALA A 1 -7.98 13.28 15.40
N ASP A 2 -8.37 12.52 16.42
CA ASP A 2 -8.30 13.01 17.79
C ASP A 2 -6.85 13.16 18.26
N SER A 3 -5.95 12.30 17.79
CA SER A 3 -4.56 12.38 18.22
C SER A 3 -3.85 13.61 17.67
N ASP A 4 -4.39 14.25 16.64
CA ASP A 4 -3.77 15.41 16.05
C ASP A 4 -3.96 16.66 16.89
N ILE A 5 -4.91 16.66 17.81
CA ILE A 5 -5.18 17.83 18.64
C ILE A 5 -4.48 17.65 19.99
N ASN A 6 -3.50 16.75 20.02
CA ASN A 6 -2.69 16.42 21.20
C ASN A 6 -3.50 15.71 22.29
N ILE A 7 -4.74 15.35 22.00
CA ILE A 7 -5.55 14.57 22.94
C ILE A 7 -5.23 13.09 22.75
N LYS A 8 -5.11 12.36 23.85
CA LYS A 8 -4.84 10.94 23.78
C LYS A 8 -5.95 10.23 23.02
N THR A 9 -5.56 9.24 22.21
CA THR A 9 -6.52 8.50 21.41
C THR A 9 -7.55 7.81 22.30
N GLY A 10 -8.82 7.95 21.94
CA GLY A 10 -9.90 7.35 22.69
C GLY A 10 -10.36 8.13 23.91
N THR A 11 -9.79 9.30 24.18
CA THR A 11 -10.19 10.07 25.34
C THR A 11 -11.62 10.56 25.20
N THR A 12 -11.98 11.10 24.04
CA THR A 12 -13.29 11.70 23.83
C THR A 12 -14.35 10.70 23.37
N ASP A 13 -13.98 9.44 23.16
CA ASP A 13 -14.96 8.41 22.83
C ASP A 13 -15.79 8.07 24.07
N ILE A 14 -16.90 7.35 23.85
CA ILE A 14 -17.82 7.02 24.93
C ILE A 14 -17.92 5.50 25.06
N GLY A 15 -18.58 5.04 26.13
CA GLY A 15 -18.77 3.63 26.38
C GLY A 15 -17.79 2.98 27.35
N SER A 16 -16.96 3.76 28.03
CA SER A 16 -16.02 3.19 28.97
C SER A 16 -16.72 2.80 30.27
N ASN A 17 -16.16 1.78 30.94
CA ASN A 17 -16.63 1.26 32.22
C ASN A 17 -18.16 1.21 32.34
N THR A 18 -18.82 0.79 31.26
CA THR A 18 -20.28 0.67 31.25
C THR A 18 -20.68 -0.63 30.57
N THR A 19 -21.93 -1.02 30.78
CA THR A 19 -22.46 -2.30 30.31
C THR A 19 -23.51 -2.05 29.23
N VAL A 20 -23.17 -2.37 28.00
CA VAL A 20 -24.14 -2.34 26.91
C VAL A 20 -24.96 -3.61 26.93
N LYS A 21 -26.26 -3.49 26.71
CA LYS A 21 -27.15 -4.64 26.57
C LYS A 21 -27.52 -4.77 25.11
N THR A 22 -26.81 -5.65 24.41
CA THR A 22 -27.02 -5.83 22.98
C THR A 22 -28.27 -6.67 22.74
N GLY A 23 -28.52 -7.03 21.49
CA GLY A 23 -29.70 -7.79 21.17
C GLY A 23 -29.73 -8.16 19.71
N ASP A 24 -30.86 -8.72 19.28
CA ASP A 24 -31.00 -9.17 17.90
C ASP A 24 -32.46 -9.47 17.63
N LEU A 25 -32.91 -9.14 16.42
CA LEU A 25 -34.31 -9.32 16.05
C LEU A 25 -34.38 -9.63 14.57
N VAL A 26 -34.76 -10.85 14.22
CA VAL A 26 -34.72 -11.34 12.84
C VAL A 26 -36.14 -11.55 12.35
N THR A 27 -36.41 -11.08 11.14
CA THR A 27 -37.70 -11.25 10.49
C THR A 27 -37.46 -11.62 9.04
N TYR A 28 -38.37 -12.40 8.47
CA TYR A 28 -38.32 -12.72 7.05
C TYR A 28 -39.68 -12.44 6.43
N ASP A 29 -39.68 -11.68 5.34
CA ASP A 29 -40.90 -11.24 4.67
C ASP A 29 -41.03 -12.03 3.38
N LYS A 30 -41.68 -13.20 3.46
CA LYS A 30 -41.68 -14.12 2.32
C LYS A 30 -42.42 -13.57 1.12
N GLU A 31 -43.34 -12.63 1.33
CA GLU A 31 -44.04 -12.04 0.19
C GLU A 31 -43.09 -11.25 -0.69
N ASN A 32 -42.21 -10.45 -0.10
CA ASN A 32 -41.26 -9.64 -0.85
C ASN A 32 -39.85 -10.19 -0.85
N GLY A 33 -39.57 -11.24 -0.10
CA GLY A 33 -38.23 -11.79 -0.06
C GLY A 33 -37.19 -10.88 0.56
N MET A 34 -37.46 -10.36 1.76
CA MET A 34 -36.57 -9.43 2.45
C MET A 34 -36.20 -9.99 3.82
N HIS A 35 -35.07 -10.68 3.90
CA HIS A 35 -34.53 -11.06 5.20
C HIS A 35 -34.15 -9.79 5.96
N LYS A 36 -34.60 -9.70 7.21
CA LYS A 36 -34.51 -8.46 7.97
C LYS A 36 -33.93 -8.75 9.34
N LYS A 37 -33.06 -7.85 9.82
CA LYS A 37 -32.32 -8.10 11.06
C LYS A 37 -31.90 -6.77 11.65
N VAL A 38 -32.22 -6.54 12.92
CA VAL A 38 -32.14 -5.22 13.53
C VAL A 38 -31.28 -5.20 14.79
N PHE A 39 -30.11 -5.83 14.73
CA PHE A 39 -29.15 -5.79 15.84
C PHE A 39 -29.07 -4.40 16.46
N TYR A 40 -29.24 -4.34 17.78
CA TYR A 40 -29.28 -3.09 18.51
C TYR A 40 -28.33 -3.17 19.71
N SER A 41 -28.20 -2.05 20.43
CA SER A 41 -27.30 -1.99 21.57
C SER A 41 -27.57 -0.75 22.42
N PHE A 42 -27.77 -0.93 23.72
CA PHE A 42 -28.16 0.15 24.62
C PHE A 42 -26.94 0.57 25.44
N ILE A 43 -26.30 1.66 25.04
CA ILE A 43 -25.08 2.13 25.68
C ILE A 43 -25.47 3.21 26.68
N ASP A 44 -25.24 2.95 27.95
CA ASP A 44 -25.61 3.88 29.02
C ASP A 44 -24.35 4.29 29.78
N ASP A 45 -23.83 5.48 29.47
CA ASP A 45 -22.71 6.07 30.22
C ASP A 45 -23.29 7.01 31.27
N LYS A 46 -22.69 7.01 32.45
CA LYS A 46 -23.09 8.01 33.44
C LYS A 46 -22.49 9.37 33.13
N ASN A 47 -21.40 9.40 32.36
CA ASN A 47 -20.84 10.69 31.92
C ASN A 47 -21.67 11.32 30.83
N HIS A 48 -22.10 10.53 29.85
CA HIS A 48 -22.89 11.06 28.74
C HIS A 48 -24.19 11.64 29.25
N ASN A 49 -24.65 12.72 28.64
CA ASN A 49 -25.84 13.42 29.10
C ASN A 49 -27.13 12.85 28.53
N LYS A 50 -27.06 11.88 27.63
CA LYS A 50 -28.24 11.23 27.07
C LYS A 50 -27.97 9.74 26.91
N LYS A 51 -29.03 8.95 26.94
CA LYS A 51 -28.89 7.54 26.64
C LYS A 51 -28.63 7.35 25.15
N LEU A 52 -28.10 6.18 24.80
CA LEU A 52 -27.80 5.88 23.41
C LEU A 52 -28.39 4.54 23.03
N LEU A 53 -28.60 4.37 21.72
CA LEU A 53 -29.07 3.10 21.17
C LEU A 53 -28.66 3.08 19.70
N VAL A 54 -27.68 2.24 19.38
CA VAL A 54 -27.23 2.09 18.00
C VAL A 54 -28.02 0.98 17.33
N ILE A 55 -28.63 1.28 16.20
CA ILE A 55 -29.47 0.32 15.49
C ILE A 55 -28.73 -0.10 14.23
N ARG A 56 -28.25 -1.34 14.20
CA ARG A 56 -27.67 -1.90 12.98
C ARG A 56 -28.78 -2.50 12.14
N THR A 57 -28.85 -2.07 10.88
CA THR A 57 -29.94 -2.44 9.99
C THR A 57 -29.52 -3.51 8.99
N LYS A 58 -28.80 -4.53 9.43
CA LYS A 58 -28.37 -5.61 8.56
C LYS A 58 -29.58 -6.34 7.95
N GLY A 59 -29.29 -7.27 7.07
CA GLY A 59 -30.35 -8.04 6.48
C GLY A 59 -29.96 -8.47 5.08
N THR A 60 -30.96 -8.54 4.20
CA THR A 60 -30.76 -8.84 2.79
C THR A 60 -32.04 -8.55 2.05
N ILE A 61 -31.93 -7.87 0.91
CA ILE A 61 -33.05 -7.58 0.03
C ILE A 61 -32.81 -8.34 -1.27
N ALA A 62 -33.62 -9.36 -1.53
CA ALA A 62 -33.35 -10.24 -2.65
C ALA A 62 -33.46 -9.49 -3.97
N GLY A 63 -32.62 -9.88 -4.93
CA GLY A 63 -32.55 -9.15 -6.18
C GLY A 63 -33.81 -9.23 -7.02
N GLN A 64 -34.36 -10.43 -7.16
CA GLN A 64 -35.55 -10.66 -7.98
C GLN A 64 -35.33 -10.20 -9.43
N TYR A 65 -34.42 -10.90 -10.10
CA TYR A 65 -34.04 -10.62 -11.48
C TYR A 65 -34.52 -11.79 -12.33
N ARG A 66 -35.64 -11.62 -13.02
CA ARG A 66 -36.25 -12.73 -13.75
C ARG A 66 -37.13 -12.19 -14.87
N VAL A 67 -37.40 -13.04 -15.84
CA VAL A 67 -38.26 -12.71 -16.98
C VAL A 67 -39.71 -12.82 -16.52
N TYR A 68 -40.36 -11.69 -16.31
CA TYR A 68 -41.69 -11.72 -15.70
C TYR A 68 -42.75 -12.19 -16.68
N SER A 69 -42.60 -11.86 -17.96
CA SER A 69 -43.59 -12.28 -18.94
C SER A 69 -42.95 -12.37 -20.32
N GLU A 70 -43.56 -13.19 -21.17
CA GLU A 70 -43.17 -13.31 -22.57
C GLU A 70 -44.41 -13.37 -23.44
N GLU A 71 -44.36 -12.67 -24.58
CA GLU A 71 -45.50 -12.58 -25.50
C GLU A 71 -45.04 -13.04 -26.87
N GLY A 72 -45.05 -14.35 -27.10
CA GLY A 72 -44.56 -14.90 -28.34
C GLY A 72 -43.04 -15.00 -28.37
N ALA A 73 -42.53 -15.22 -29.57
CA ALA A 73 -41.11 -15.35 -29.82
C ALA A 73 -40.49 -14.06 -30.32
N ASN A 74 -41.23 -12.96 -30.29
CA ASN A 74 -40.72 -11.66 -30.73
C ASN A 74 -40.86 -10.58 -29.67
N LYS A 75 -41.23 -10.94 -28.43
CA LYS A 75 -41.39 -9.95 -27.38
C LYS A 75 -41.26 -10.62 -26.03
N SER A 76 -40.59 -9.95 -25.10
CA SER A 76 -40.42 -10.47 -23.75
C SER A 76 -40.06 -9.33 -22.83
N GLY A 77 -40.07 -9.61 -21.52
CA GLY A 77 -39.80 -8.60 -20.53
C GLY A 77 -38.84 -9.11 -19.48
N LEU A 78 -38.34 -8.17 -18.67
CA LEU A 78 -37.40 -8.48 -17.60
C LEU A 78 -37.57 -7.45 -16.51
N ALA A 79 -37.67 -7.90 -15.26
CA ALA A 79 -37.78 -7.01 -14.12
C ALA A 79 -36.52 -7.13 -13.29
N TRP A 80 -35.81 -6.03 -13.12
CA TRP A 80 -34.55 -6.06 -12.40
C TRP A 80 -34.53 -4.98 -11.34
N PRO A 81 -33.78 -5.18 -10.26
CA PRO A 81 -33.80 -4.21 -9.15
C PRO A 81 -33.05 -2.93 -9.47
N SER A 82 -33.81 -1.85 -9.66
CA SER A 82 -33.19 -0.58 -10.01
C SER A 82 -32.54 0.08 -8.81
N ALA A 83 -33.11 -0.10 -7.62
CA ALA A 83 -32.59 0.59 -6.45
C ALA A 83 -33.11 -0.09 -5.19
N PHE A 84 -32.22 -0.31 -4.23
CA PHE A 84 -32.57 -0.82 -2.91
C PHE A 84 -32.58 0.34 -1.92
N LYS A 85 -33.53 0.31 -0.99
CA LYS A 85 -33.68 1.39 -0.02
C LYS A 85 -33.84 0.82 1.37
N VAL A 86 -33.42 1.60 2.37
CA VAL A 86 -33.58 1.26 3.78
C VAL A 86 -33.85 2.56 4.51
N GLN A 87 -35.05 2.70 5.06
CA GLN A 87 -35.46 3.89 5.79
C GLN A 87 -35.72 3.53 7.25
N LEU A 88 -35.49 4.50 8.13
CA LEU A 88 -35.67 4.29 9.57
C LEU A 88 -36.39 5.50 10.14
N GLN A 89 -37.71 5.51 10.06
CA GLN A 89 -38.52 6.63 10.52
C GLN A 89 -38.78 6.56 12.01
N LEU A 90 -39.15 7.69 12.59
CA LEU A 90 -39.41 7.83 14.00
C LEU A 90 -40.59 8.77 14.12
N PRO A 91 -41.64 8.40 14.86
CA PRO A 91 -42.83 9.24 14.92
C PRO A 91 -42.50 10.62 15.47
N ASP A 92 -43.09 11.65 14.84
CA ASP A 92 -42.85 13.02 15.28
C ASP A 92 -43.40 13.28 16.68
N ASN A 93 -44.24 12.40 17.19
CA ASN A 93 -44.72 12.54 18.55
C ASN A 93 -43.62 12.30 19.58
N GLU A 94 -42.72 11.36 19.30
CA GLU A 94 -41.70 10.99 20.28
C GLU A 94 -40.64 12.07 20.41
N VAL A 95 -39.93 12.04 21.54
CA VAL A 95 -38.92 13.04 21.85
C VAL A 95 -37.51 12.50 21.69
N ALA A 96 -37.34 11.23 21.31
CA ALA A 96 -36.03 10.75 20.95
C ALA A 96 -35.64 11.27 19.58
N GLN A 97 -34.34 11.49 19.39
CA GLN A 97 -33.81 12.07 18.17
C GLN A 97 -32.71 11.17 17.62
N ILE A 98 -32.58 11.12 16.31
CA ILE A 98 -31.45 10.40 15.73
C ILE A 98 -30.21 11.27 15.89
N SER A 99 -29.14 10.68 16.41
CA SER A 99 -27.94 11.42 16.73
C SER A 99 -26.96 11.40 15.56
N ASP A 100 -26.57 10.22 15.09
CA ASP A 100 -25.63 10.09 14.00
C ASP A 100 -26.08 8.98 13.08
N TYR A 101 -25.21 8.65 12.12
CA TYR A 101 -25.50 7.66 11.09
C TYR A 101 -24.21 7.36 10.35
N TYR A 102 -24.14 6.17 9.77
CA TYR A 102 -22.97 5.77 9.01
C TYR A 102 -23.40 4.64 8.08
N PRO A 103 -22.98 4.62 6.81
CA PRO A 103 -22.07 5.54 6.12
C PRO A 103 -22.68 6.87 5.75
N ARG A 104 -21.87 7.80 5.26
CA ARG A 104 -22.31 9.12 4.86
C ARG A 104 -21.74 9.46 3.49
N ASN A 105 -22.23 10.56 2.92
CA ASN A 105 -21.79 10.97 1.60
C ASN A 105 -20.31 11.34 1.62
N SER A 106 -19.61 10.93 0.57
CA SER A 106 -18.17 11.17 0.43
C SER A 106 -17.91 11.94 -0.85
N ILE A 107 -16.81 12.67 -0.87
CA ILE A 107 -16.45 13.54 -1.99
C ILE A 107 -15.66 12.73 -3.01
N ASP A 108 -16.05 12.82 -4.27
CA ASP A 108 -15.39 12.06 -5.33
C ASP A 108 -14.02 12.66 -5.63
N THR A 109 -13.32 12.04 -6.58
CA THR A 109 -11.99 12.47 -6.98
C THR A 109 -11.76 12.00 -8.41
N LYS A 110 -10.88 12.70 -9.11
CA LYS A 110 -10.51 12.33 -10.46
C LYS A 110 -9.09 12.79 -10.72
N GLU A 111 -8.36 12.02 -11.51
CA GLU A 111 -7.00 12.38 -11.88
C GLU A 111 -6.99 13.07 -13.22
N TYR A 112 -6.27 14.17 -13.32
CA TYR A 112 -6.14 14.92 -14.56
C TYR A 112 -4.68 14.89 -14.98
N MET A 113 -4.42 14.52 -16.23
CA MET A 113 -3.08 14.40 -16.74
C MET A 113 -2.98 15.09 -18.09
N SER A 114 -1.94 15.91 -18.26
CA SER A 114 -1.77 16.70 -19.48
C SER A 114 -0.43 16.40 -20.11
N THR A 115 -0.36 16.55 -21.42
CA THR A 115 0.83 16.22 -22.19
C THR A 115 1.16 17.39 -23.10
N LEU A 116 2.43 17.48 -23.48
CA LEU A 116 2.88 18.48 -24.46
C LEU A 116 4.14 17.91 -25.10
N THR A 117 4.01 17.35 -26.30
CA THR A 117 5.11 16.70 -27.00
C THR A 117 5.32 17.38 -28.35
N TYR A 118 6.56 17.78 -28.61
CA TYR A 118 6.90 18.30 -29.92
C TYR A 118 8.22 17.68 -30.38
N GLY A 119 8.25 17.26 -31.64
CA GLY A 119 9.39 16.58 -32.20
C GLY A 119 9.79 17.17 -33.54
N PHE A 120 10.86 16.59 -34.10
CA PHE A 120 11.40 17.02 -35.38
C PHE A 120 11.73 15.78 -36.21
N ASN A 121 11.73 15.94 -37.53
CA ASN A 121 11.94 14.82 -38.44
C ASN A 121 13.04 15.17 -39.43
N GLY A 122 13.85 14.17 -39.76
CA GLY A 122 14.92 14.36 -40.72
C GLY A 122 14.64 13.64 -42.01
N ILE A 136 12.37 20.20 -42.84
CA ILE A 136 12.19 19.65 -41.50
C ILE A 136 10.73 19.72 -41.08
N GLY A 137 10.16 18.56 -40.77
CA GLY A 137 8.77 18.47 -40.36
C GLY A 137 8.54 18.56 -38.87
N ALA A 138 8.77 19.74 -38.28
CA ALA A 138 8.51 19.92 -36.86
C ALA A 138 7.02 19.82 -36.57
N ASN A 139 6.66 18.95 -35.62
CA ASN A 139 5.28 18.77 -35.19
C ASN A 139 5.13 19.18 -33.73
N VAL A 140 3.87 19.34 -33.32
CA VAL A 140 3.53 19.64 -31.93
C VAL A 140 2.29 18.84 -31.57
N SER A 141 2.28 18.24 -30.38
CA SER A 141 1.16 17.43 -29.92
C SER A 141 0.77 17.85 -28.52
N ILE A 142 -0.52 18.09 -28.32
CA ILE A 142 -1.07 18.52 -27.03
C ILE A 142 -2.26 17.64 -26.70
N GLY A 143 -2.27 17.07 -25.51
CA GLY A 143 -3.34 16.16 -25.13
C GLY A 143 -3.53 16.14 -23.63
N HIS A 144 -4.73 15.75 -23.20
CA HIS A 144 -5.03 15.62 -21.79
C HIS A 144 -5.94 14.43 -21.55
N THR A 145 -5.68 13.68 -20.48
CA THR A 145 -6.47 12.50 -20.12
C THR A 145 -7.00 12.66 -18.71
N LEU A 146 -8.12 11.98 -18.43
CA LEU A 146 -8.83 12.15 -17.17
C LEU A 146 -9.50 10.85 -16.78
N LYS A 147 -9.19 10.35 -15.58
CA LYS A 147 -9.62 9.02 -15.17
C LYS A 147 -10.21 9.03 -13.77
N TYR A 148 -11.11 8.08 -13.52
CA TYR A 148 -11.87 7.99 -12.29
C TYR A 148 -12.57 6.64 -12.26
N VAL A 149 -12.89 6.17 -11.05
CA VAL A 149 -13.50 4.85 -10.89
C VAL A 149 -15.01 4.98 -10.84
N GLN A 150 -15.71 3.93 -11.27
CA GLN A 150 -17.16 3.95 -11.41
C GLN A 150 -17.79 2.70 -10.80
N PRO A 151 -18.27 2.79 -9.57
CA PRO A 151 -18.93 1.63 -8.96
C PRO A 151 -20.20 1.29 -9.72
N ASP A 152 -20.56 0.00 -9.71
CA ASP A 152 -21.80 -0.43 -10.36
C ASP A 152 -23.02 0.10 -9.63
N PHE A 153 -23.01 0.07 -8.30
CA PHE A 153 -24.09 0.59 -7.48
C PHE A 153 -23.55 1.65 -6.53
N LYS A 154 -24.29 2.72 -6.35
CA LYS A 154 -23.88 3.84 -5.51
C LYS A 154 -24.69 3.86 -4.22
N THR A 155 -24.00 3.91 -3.08
CA THR A 155 -24.68 3.96 -1.79
C THR A 155 -24.81 5.41 -1.36
N ILE A 156 -25.96 6.00 -1.67
CA ILE A 156 -26.23 7.39 -1.35
C ILE A 156 -26.97 7.46 -0.02
N LEU A 157 -26.48 8.29 0.89
CA LEU A 157 -27.21 8.60 2.11
C LEU A 157 -28.21 9.69 1.77
N GLU A 158 -29.49 9.33 1.73
CA GLU A 158 -30.53 10.32 1.50
C GLU A 158 -30.54 11.29 2.67
N SER A 159 -30.89 12.54 2.39
CA SER A 159 -30.75 13.60 3.38
C SER A 159 -31.52 13.26 4.65
N PRO A 160 -30.85 13.22 5.81
CA PRO A 160 -31.53 12.88 7.05
C PRO A 160 -32.15 14.11 7.71
N THR A 161 -33.00 13.84 8.69
CA THR A 161 -33.65 14.87 9.47
C THR A 161 -33.61 14.44 10.94
N ASP A 162 -34.40 15.11 11.77
CA ASP A 162 -34.39 14.83 13.19
C ASP A 162 -35.03 13.48 13.51
N LYS A 163 -36.07 13.12 12.76
CA LYS A 163 -36.80 11.89 13.01
C LYS A 163 -36.63 10.82 11.93
N LYS A 164 -36.09 11.17 10.78
CA LYS A 164 -36.04 10.24 9.66
C LYS A 164 -34.63 10.23 9.07
N VAL A 165 -34.11 9.03 8.85
CA VAL A 165 -32.84 8.85 8.13
C VAL A 165 -33.00 7.66 7.20
N GLY A 166 -32.46 7.76 6.00
CA GLY A 166 -32.56 6.68 5.05
C GLY A 166 -31.37 6.64 4.12
N TRP A 167 -31.11 5.46 3.58
CA TRP A 167 -30.10 5.24 2.57
C TRP A 167 -30.76 4.70 1.31
N LYS A 168 -30.00 4.67 0.23
CA LYS A 168 -30.45 4.01 -0.98
C LYS A 168 -29.22 3.58 -1.77
N VAL A 169 -29.38 2.52 -2.56
CA VAL A 169 -28.32 2.02 -3.41
C VAL A 169 -28.87 1.97 -4.83
N ILE A 170 -28.35 2.84 -5.70
CA ILE A 170 -28.89 3.04 -7.03
C ILE A 170 -27.97 2.37 -8.05
N PHE A 171 -28.47 2.26 -9.28
CA PHE A 171 -27.77 1.55 -10.34
C PHE A 171 -26.98 2.55 -11.16
N ASN A 172 -25.66 2.53 -11.03
CA ASN A 172 -24.82 3.47 -11.78
C ASN A 172 -24.75 3.09 -13.25
N ASN A 173 -24.05 1.99 -13.57
CA ASN A 173 -23.94 1.47 -14.92
C ASN A 173 -23.20 0.14 -14.84
N MET A 174 -23.21 -0.60 -15.93
CA MET A 174 -22.65 -1.95 -15.95
C MET A 174 -22.12 -2.26 -17.33
N VAL A 175 -21.05 -3.04 -17.37
CA VAL A 175 -20.37 -3.41 -18.61
C VAL A 175 -20.94 -4.73 -19.09
N ASN A 176 -21.47 -4.74 -20.31
CA ASN A 176 -22.20 -5.87 -20.85
C ASN A 176 -21.29 -6.66 -21.78
N GLN A 177 -20.88 -7.85 -21.32
CA GLN A 177 -19.99 -8.73 -22.07
C GLN A 177 -18.76 -7.98 -22.57
N ASN A 178 -18.06 -7.34 -21.63
CA ASN A 178 -16.82 -6.63 -21.91
C ASN A 178 -16.98 -5.68 -23.09
N TRP A 179 -18.12 -5.00 -23.13
CA TRP A 179 -18.43 -4.14 -24.26
C TRP A 179 -19.37 -3.04 -23.74
N GLY A 180 -18.79 -1.88 -23.46
CA GLY A 180 -19.54 -0.68 -23.18
C GLY A 180 -20.09 -0.66 -21.78
N PRO A 181 -19.92 0.45 -21.10
CA PRO A 181 -20.66 0.71 -19.85
C PRO A 181 -22.03 1.28 -20.16
N TYR A 182 -23.07 0.50 -19.91
CA TYR A 182 -24.44 0.91 -20.20
C TYR A 182 -25.17 1.31 -18.94
N ASP A 183 -26.10 2.25 -19.09
CA ASP A 183 -26.91 2.73 -17.98
C ASP A 183 -28.36 2.78 -18.41
N ARG A 184 -29.25 3.18 -17.49
CA ARG A 184 -30.67 3.18 -17.76
C ARG A 184 -31.05 4.19 -18.84
N ASP A 185 -30.21 5.20 -19.06
CA ASP A 185 -30.51 6.26 -20.00
C ASP A 185 -29.86 6.08 -21.36
N SER A 186 -29.02 5.06 -21.55
CA SER A 186 -28.34 4.88 -22.82
C SER A 186 -29.34 4.59 -23.93
N TRP A 187 -29.05 5.08 -25.13
CA TRP A 187 -29.91 4.85 -26.27
C TRP A 187 -29.07 4.80 -27.54
N ASN A 188 -29.37 3.82 -28.39
CA ASN A 188 -28.68 3.63 -29.66
C ASN A 188 -29.77 3.53 -30.72
N PRO A 189 -29.77 4.39 -31.74
CA PRO A 189 -30.92 4.47 -32.65
C PRO A 189 -31.28 3.14 -33.29
N VAL A 190 -30.30 2.27 -33.56
CA VAL A 190 -30.58 1.00 -34.21
C VAL A 190 -31.07 -0.03 -33.19
N TYR A 191 -30.30 -0.23 -32.12
CA TYR A 191 -30.53 -1.31 -31.17
C TYR A 191 -31.27 -0.89 -29.91
N GLY A 192 -31.48 0.40 -29.68
CA GLY A 192 -32.13 0.77 -28.44
C GLY A 192 -31.19 0.59 -27.26
N ASN A 193 -31.78 0.58 -26.07
CA ASN A 193 -30.98 0.40 -24.86
C ASN A 193 -30.58 -1.06 -24.72
N GLN A 194 -29.29 -1.33 -24.84
CA GLN A 194 -28.77 -2.70 -24.89
C GLN A 194 -28.16 -3.10 -23.54
N LEU A 195 -28.83 -2.74 -22.46
CA LEU A 195 -28.27 -2.95 -21.12
C LEU A 195 -28.10 -4.43 -20.81
N PHE A 196 -29.10 -5.25 -21.12
CA PHE A 196 -29.12 -6.68 -20.81
C PHE A 196 -29.39 -7.50 -22.05
N MET A 197 -28.90 -7.07 -23.20
CA MET A 197 -29.18 -7.74 -24.47
C MET A 197 -28.05 -8.73 -24.74
N LYS A 198 -28.38 -10.02 -24.73
CA LYS A 198 -27.36 -11.05 -24.91
C LYS A 198 -26.74 -10.98 -26.31
N THR A 199 -27.56 -10.89 -27.34
CA THR A 199 -27.09 -10.88 -28.72
C THR A 199 -27.85 -9.84 -29.52
N ARG A 200 -27.15 -9.15 -30.42
CA ARG A 200 -27.78 -8.12 -31.24
C ARG A 200 -28.55 -8.73 -32.41
N ASN A 201 -27.84 -9.45 -33.28
CA ASN A 201 -28.48 -10.17 -34.38
C ASN A 201 -28.70 -11.64 -34.01
N GLY A 202 -29.36 -11.82 -32.87
CA GLY A 202 -29.68 -13.16 -32.44
C GLY A 202 -30.86 -13.73 -33.18
N SER A 203 -30.98 -15.05 -33.15
CA SER A 203 -32.07 -15.75 -33.81
C SER A 203 -32.86 -16.62 -32.84
N MET A 204 -32.68 -16.44 -31.54
CA MET A 204 -33.34 -17.25 -30.55
C MET A 204 -34.69 -16.64 -30.16
N LYS A 205 -35.41 -17.36 -29.32
CA LYS A 205 -36.63 -16.82 -28.73
C LYS A 205 -36.29 -15.58 -27.91
N ALA A 206 -37.22 -14.62 -27.87
CA ALA A 206 -36.98 -13.40 -27.13
C ALA A 206 -36.77 -13.68 -25.65
N ALA A 207 -37.55 -14.60 -25.08
CA ALA A 207 -37.42 -14.93 -23.68
C ALA A 207 -36.04 -15.48 -23.32
N ASP A 208 -35.29 -15.99 -24.30
CA ASP A 208 -33.99 -16.59 -24.05
C ASP A 208 -32.85 -15.74 -24.62
N ASN A 209 -33.09 -14.44 -24.79
CA ASN A 209 -32.09 -13.52 -25.29
C ASN A 209 -31.76 -12.43 -24.26
N PHE A 210 -31.72 -12.80 -22.99
CA PHE A 210 -31.31 -11.88 -21.94
C PHE A 210 -29.99 -12.33 -21.34
N LEU A 211 -29.25 -11.36 -20.80
CA LEU A 211 -27.96 -11.64 -20.21
C LEU A 211 -28.10 -12.64 -19.06
N ASP A 212 -27.21 -13.62 -19.02
CA ASP A 212 -27.25 -14.61 -17.95
C ASP A 212 -26.99 -13.93 -16.62
N PRO A 213 -27.77 -14.23 -15.58
CA PRO A 213 -27.63 -13.49 -14.32
C PRO A 213 -26.24 -13.61 -13.70
N ASN A 214 -25.52 -14.70 -13.98
CA ASN A 214 -24.15 -14.83 -13.52
C ASN A 214 -23.25 -13.81 -14.20
N LYS A 215 -23.47 -13.55 -15.48
CA LYS A 215 -22.67 -12.56 -16.19
C LYS A 215 -22.91 -11.15 -15.65
N ALA A 216 -24.12 -10.88 -15.16
CA ALA A 216 -24.45 -9.57 -14.62
C ALA A 216 -23.74 -9.35 -13.28
N SER A 217 -24.06 -8.23 -12.65
CA SER A 217 -23.61 -7.98 -11.28
C SER A 217 -24.27 -8.94 -10.32
N SER A 218 -23.62 -9.17 -9.19
CA SER A 218 -24.19 -10.06 -8.18
C SER A 218 -25.44 -9.45 -7.55
N LEU A 219 -25.45 -8.13 -7.35
CA LEU A 219 -26.56 -7.50 -6.64
C LEU A 219 -27.85 -7.59 -7.45
N LEU A 220 -27.76 -7.83 -8.75
CA LEU A 220 -28.97 -7.84 -9.57
C LEU A 220 -29.86 -9.04 -9.24
N SER A 221 -29.28 -10.23 -9.15
CA SER A 221 -30.06 -11.45 -8.93
C SER A 221 -29.96 -12.01 -7.52
N SER A 222 -28.79 -11.92 -6.88
CA SER A 222 -28.59 -12.54 -5.58
C SER A 222 -28.84 -11.61 -4.40
N GLY A 223 -29.04 -10.33 -4.63
CA GLY A 223 -29.54 -9.43 -3.59
C GLY A 223 -28.45 -8.60 -2.95
N PHE A 224 -28.90 -7.61 -2.18
CA PHE A 224 -28.04 -6.63 -1.53
C PHE A 224 -28.27 -6.70 -0.04
N SER A 225 -27.19 -6.81 0.73
CA SER A 225 -27.26 -6.95 2.18
C SER A 225 -26.80 -5.67 2.87
N PRO A 226 -27.70 -4.90 3.48
CA PRO A 226 -27.31 -3.63 4.07
C PRO A 226 -26.36 -3.81 5.25
N ASP A 227 -25.65 -2.73 5.56
CA ASP A 227 -24.95 -2.61 6.84
C ASP A 227 -24.91 -1.13 7.19
N PHE A 228 -25.89 -0.68 7.96
CA PHE A 228 -26.10 0.73 8.24
C PHE A 228 -26.28 0.89 9.75
N ALA A 229 -25.95 2.06 10.26
CA ALA A 229 -26.06 2.30 11.70
C ALA A 229 -26.65 3.67 11.96
N THR A 230 -27.56 3.74 12.94
CA THR A 230 -28.16 5.01 13.37
C THR A 230 -28.24 4.97 14.90
N VAL A 231 -27.50 5.82 15.56
CA VAL A 231 -27.60 5.98 17.01
C VAL A 231 -28.67 7.01 17.30
N ILE A 232 -29.63 6.66 18.16
CA ILE A 232 -30.68 7.57 18.58
C ILE A 232 -30.52 7.82 20.07
N THR A 233 -30.66 9.07 20.48
CA THR A 233 -30.46 9.47 21.87
C THR A 233 -31.76 9.98 22.46
N MET A 234 -31.98 9.69 23.74
CA MET A 234 -33.17 10.17 24.43
C MET A 234 -32.78 10.90 25.70
N ASP A 235 -33.49 11.98 25.99
CA ASP A 235 -33.27 12.74 27.20
C ASP A 235 -33.42 11.82 28.42
N ARG A 236 -32.53 11.98 29.38
CA ARG A 236 -32.50 11.05 30.51
C ARG A 236 -33.63 11.28 31.51
N LYS A 237 -34.22 12.47 31.52
CA LYS A 237 -35.32 12.81 32.42
C LYS A 237 -36.64 12.92 31.69
N ALA A 238 -36.83 12.14 30.62
CA ALA A 238 -38.06 12.19 29.86
C ALA A 238 -39.23 11.69 30.70
N SER A 239 -40.42 12.22 30.40
CA SER A 239 -41.61 11.81 31.13
C SER A 239 -41.92 10.34 30.93
N LYS A 240 -41.88 9.87 29.69
CA LYS A 240 -42.06 8.45 29.39
C LYS A 240 -40.83 7.93 28.67
N GLN A 241 -40.27 6.84 29.17
CA GLN A 241 -39.09 6.22 28.56
C GLN A 241 -39.52 5.08 27.64
N GLN A 242 -40.18 5.46 26.55
CA GLN A 242 -40.63 4.47 25.59
C GLN A 242 -40.99 5.11 24.26
N THR A 243 -40.41 4.59 23.17
CA THR A 243 -40.64 5.11 21.82
C THR A 243 -40.72 3.95 20.85
N ASN A 244 -41.67 3.99 19.94
CA ASN A 244 -41.72 3.03 18.85
C ASN A 244 -41.00 3.56 17.62
N ILE A 245 -40.47 2.64 16.82
CA ILE A 245 -39.72 2.96 15.61
C ILE A 245 -40.23 2.11 14.46
N ASP A 246 -40.23 2.69 13.25
CA ASP A 246 -40.55 1.99 12.03
C ASP A 246 -39.31 1.94 11.15
N VAL A 247 -38.97 0.75 10.68
CA VAL A 247 -37.87 0.56 9.74
C VAL A 247 -38.44 -0.07 8.47
N ILE A 248 -38.12 0.51 7.33
CA ILE A 248 -38.73 0.15 6.04
C ILE A 248 -37.63 -0.28 5.09
N TYR A 249 -37.77 -1.47 4.52
CA TYR A 249 -36.96 -1.88 3.38
C TYR A 249 -37.81 -1.75 2.14
N GLU A 250 -37.17 -1.59 0.99
CA GLU A 250 -37.89 -1.63 -0.26
C GLU A 250 -36.91 -1.75 -1.42
N ARG A 251 -37.42 -2.27 -2.53
CA ARG A 251 -36.67 -2.35 -3.77
C ARG A 251 -37.53 -1.83 -4.90
N VAL A 252 -36.89 -1.19 -5.88
CA VAL A 252 -37.56 -0.59 -7.02
C VAL A 252 -37.13 -1.35 -8.26
N ARG A 253 -38.08 -1.86 -9.01
CA ARG A 253 -37.79 -2.71 -10.15
C ARG A 253 -38.17 -2.01 -11.45
N ASP A 254 -37.35 -2.21 -12.47
CA ASP A 254 -37.56 -1.61 -13.78
C ASP A 254 -37.97 -2.68 -14.77
N ASP A 255 -38.77 -2.29 -15.76
CA ASP A 255 -39.23 -3.21 -16.79
C ASP A 255 -38.36 -3.05 -18.02
N TYR A 256 -37.60 -4.09 -18.37
CA TYR A 256 -36.72 -4.08 -19.54
C TYR A 256 -37.33 -4.95 -20.61
N GLN A 257 -37.89 -4.33 -21.65
CA GLN A 257 -38.54 -5.02 -22.74
C GLN A 257 -37.63 -5.08 -23.95
N LEU A 258 -37.62 -6.21 -24.63
CA LEU A 258 -36.87 -6.32 -25.88
C LEU A 258 -37.68 -7.09 -26.89
N HIS A 259 -37.66 -6.63 -28.13
CA HIS A 259 -38.49 -7.17 -29.20
C HIS A 259 -37.72 -7.12 -30.52
N TRP A 260 -38.24 -7.83 -31.51
CA TRP A 260 -37.59 -7.93 -32.81
C TRP A 260 -38.17 -6.92 -33.78
N THR A 261 -37.28 -6.22 -34.50
CA THR A 261 -37.67 -5.24 -35.50
C THR A 261 -37.53 -5.78 -36.92
N SER A 262 -37.54 -7.10 -37.08
CA SER A 262 -37.39 -7.86 -38.32
C SER A 262 -35.96 -7.85 -38.83
N THR A 263 -35.05 -7.13 -38.20
CA THR A 263 -33.65 -7.14 -38.60
C THR A 263 -32.71 -7.35 -37.42
N ASN A 264 -33.02 -6.78 -36.26
CA ASN A 264 -32.20 -6.93 -35.07
C ASN A 264 -33.06 -6.61 -33.85
N TRP A 265 -32.59 -7.04 -32.68
CA TRP A 265 -33.32 -6.79 -31.45
C TRP A 265 -33.24 -5.32 -31.07
N LYS A 266 -34.31 -4.81 -30.49
CA LYS A 266 -34.31 -3.48 -29.91
C LYS A 266 -34.83 -3.58 -28.48
N GLY A 267 -34.11 -2.96 -27.55
CA GLY A 267 -34.46 -3.05 -26.15
C GLY A 267 -34.74 -1.69 -25.55
N THR A 268 -35.76 -1.64 -24.71
CA THR A 268 -36.18 -0.41 -24.05
C THR A 268 -36.35 -0.67 -22.56
N ASN A 269 -36.07 0.36 -21.77
CA ASN A 269 -36.11 0.27 -20.31
C ASN A 269 -37.02 1.35 -19.76
N THR A 270 -37.94 0.95 -18.89
CA THR A 270 -38.88 1.87 -18.25
C THR A 270 -38.57 1.96 -16.77
N LYS A 271 -38.42 3.18 -16.27
CA LYS A 271 -37.86 3.40 -14.94
C LYS A 271 -38.93 3.38 -13.86
N ASP A 272 -38.61 2.73 -12.74
CA ASP A 272 -39.45 2.69 -11.54
C ASP A 272 -40.85 2.13 -11.85
N LYS A 273 -40.88 0.87 -12.26
CA LYS A 273 -42.14 0.25 -12.62
C LYS A 273 -42.87 -0.28 -11.39
N TRP A 274 -42.17 -1.07 -10.56
CA TRP A 274 -42.76 -1.64 -9.35
C TRP A 274 -41.86 -1.32 -8.16
N THR A 275 -42.49 -1.02 -7.02
CA THR A 275 -41.78 -0.82 -5.77
C THR A 275 -42.54 -1.53 -4.67
N ASP A 276 -41.84 -2.35 -3.89
CA ASP A 276 -42.44 -3.14 -2.82
C ASP A 276 -41.76 -2.82 -1.50
N ARG A 277 -42.54 -2.39 -0.51
CA ARG A 277 -42.02 -1.94 0.77
C ARG A 277 -42.37 -2.96 1.84
N SER A 278 -41.41 -3.24 2.71
CA SER A 278 -41.61 -4.08 3.88
C SER A 278 -41.37 -3.23 5.12
N SER A 279 -42.44 -2.95 5.85
CA SER A 279 -42.37 -2.08 7.02
C SER A 279 -42.61 -2.90 8.29
N GLU A 280 -41.79 -2.62 9.31
CA GLU A 280 -41.91 -3.27 10.60
C GLU A 280 -41.84 -2.21 11.68
N ARG A 281 -42.55 -2.41 12.78
CA ARG A 281 -42.58 -1.45 13.88
C ARG A 281 -42.03 -2.09 15.13
N TYR A 282 -41.05 -1.44 15.74
CA TYR A 282 -40.37 -1.93 16.92
C TYR A 282 -40.59 -0.97 18.07
N LYS A 283 -40.90 -1.51 19.23
CA LYS A 283 -41.17 -0.72 20.42
C LYS A 283 -39.94 -0.77 21.31
N ILE A 284 -39.42 0.40 21.67
CA ILE A 284 -38.20 0.52 22.47
C ILE A 284 -38.59 0.79 23.91
N ASP A 285 -37.94 0.10 24.83
CA ASP A 285 -38.18 0.30 26.26
C ASP A 285 -36.87 0.73 26.89
N TRP A 286 -36.71 2.03 27.11
CA TRP A 286 -35.43 2.54 27.59
C TRP A 286 -35.16 2.07 29.02
N GLU A 287 -36.20 1.98 29.85
CA GLU A 287 -36.01 1.61 31.24
C GLU A 287 -35.53 0.17 31.36
N LYS A 288 -36.18 -0.76 30.66
CA LYS A 288 -35.78 -2.15 30.66
C LYS A 288 -34.56 -2.42 29.78
N GLU A 289 -34.22 -1.48 28.90
CA GLU A 289 -33.13 -1.65 27.94
C GLU A 289 -33.36 -2.89 27.08
N GLU A 290 -34.48 -2.89 26.37
CA GLU A 290 -34.79 -3.93 25.40
C GLU A 290 -35.88 -3.41 24.47
N MET A 291 -35.76 -3.73 23.18
CA MET A 291 -36.80 -3.40 22.21
C MET A 291 -37.26 -4.68 21.52
N THR A 292 -38.56 -4.79 21.31
CA THR A 292 -39.20 -6.02 20.85
C THR A 292 -39.80 -5.84 19.46
N ASN A 293 -40.09 -6.97 18.82
CA ASN A 293 -40.72 -6.99 17.50
C ASN A 293 -42.06 -6.27 17.51
N ALA B 1 -15.66 2.17 11.28
CA ALA B 1 -17.05 1.76 11.41
C ALA B 1 -17.64 2.24 12.73
N ASP B 2 -17.45 1.45 13.78
CA ASP B 2 -17.99 1.81 15.09
C ASP B 2 -17.30 3.03 15.68
N SER B 3 -15.99 3.18 15.42
CA SER B 3 -15.25 4.31 15.97
C SER B 3 -15.63 5.64 15.34
N ASP B 4 -16.29 5.62 14.18
CA ASP B 4 -16.68 6.86 13.52
C ASP B 4 -17.89 7.51 14.18
N ILE B 5 -18.63 6.77 15.00
CA ILE B 5 -19.82 7.31 15.64
C ILE B 5 -19.48 7.74 17.07
N ASN B 6 -18.18 7.93 17.32
CA ASN B 6 -17.62 8.34 18.61
C ASN B 6 -17.76 7.27 19.68
N ILE B 7 -18.21 6.08 19.33
CA ILE B 7 -18.27 4.97 20.26
C ILE B 7 -16.91 4.28 20.29
N LYS B 8 -16.48 3.88 21.48
CA LYS B 8 -15.22 3.17 21.61
C LYS B 8 -15.25 1.87 20.83
N THR B 9 -14.12 1.54 20.19
CA THR B 9 -14.04 0.32 19.39
C THR B 9 -14.31 -0.91 20.26
N GLY B 10 -15.14 -1.81 19.75
CA GLY B 10 -15.48 -3.03 20.45
C GLY B 10 -16.55 -2.89 21.51
N THR B 11 -17.13 -1.69 21.69
CA THR B 11 -18.15 -1.53 22.70
C THR B 11 -19.41 -2.33 22.35
N THR B 12 -19.84 -2.27 21.09
CA THR B 12 -21.09 -2.91 20.69
C THR B 12 -20.91 -4.36 20.25
N ASP B 13 -19.68 -4.87 20.23
CA ASP B 13 -19.45 -6.28 19.93
C ASP B 13 -19.90 -7.14 21.11
N ILE B 14 -20.02 -8.44 20.87
CA ILE B 14 -20.52 -9.37 21.89
C ILE B 14 -19.46 -10.42 22.20
N GLY B 15 -19.70 -11.20 23.25
CA GLY B 15 -18.78 -12.25 23.66
C GLY B 15 -17.83 -11.90 24.79
N SER B 16 -18.00 -10.76 25.44
CA SER B 16 -17.14 -10.40 26.55
C SER B 16 -17.50 -11.18 27.80
N ASN B 17 -16.49 -11.39 28.66
CA ASN B 17 -16.60 -12.09 29.93
C ASN B 17 -17.52 -13.30 29.89
N THR B 18 -17.44 -14.08 28.82
CA THR B 18 -18.26 -15.28 28.66
C THR B 18 -17.40 -16.42 28.11
N THR B 19 -17.91 -17.64 28.25
CA THR B 19 -17.19 -18.85 27.88
C THR B 19 -17.89 -19.50 26.69
N VAL B 20 -17.25 -19.42 25.52
CA VAL B 20 -17.71 -20.14 24.35
C VAL B 20 -17.22 -21.58 24.43
N LYS B 21 -18.08 -22.52 24.05
CA LYS B 21 -17.70 -23.93 23.98
C LYS B 21 -17.59 -24.31 22.51
N THR B 22 -16.37 -24.33 21.99
CA THR B 22 -16.13 -24.59 20.58
C THR B 22 -16.24 -26.09 20.34
N GLY B 23 -15.93 -26.51 19.12
CA GLY B 23 -16.05 -27.92 18.77
C GLY B 23 -15.57 -28.17 17.37
N ASP B 24 -15.79 -29.39 16.91
CA ASP B 24 -15.29 -29.80 15.60
C ASP B 24 -15.93 -31.12 15.22
N LEU B 25 -16.30 -31.26 13.94
CA LEU B 25 -16.95 -32.46 13.45
C LEU B 25 -16.52 -32.70 12.02
N VAL B 26 -15.77 -33.77 11.79
CA VAL B 26 -15.15 -34.05 10.50
C VAL B 26 -15.80 -35.28 9.89
N THR B 27 -16.13 -35.19 8.60
CA THR B 27 -16.72 -36.30 7.86
C THR B 27 -16.04 -36.35 6.50
N TYR B 28 -15.93 -37.55 5.94
CA TYR B 28 -15.43 -37.72 4.59
C TYR B 28 -16.39 -38.57 3.80
N ASP B 29 -16.78 -38.09 2.64
CA ASP B 29 -17.77 -38.75 1.78
C ASP B 29 -17.03 -39.34 0.59
N LYS B 30 -16.55 -40.58 0.74
CA LYS B 30 -15.66 -41.16 -0.26
C LYS B 30 -16.36 -41.39 -1.59
N GLU B 31 -17.69 -41.49 -1.60
CA GLU B 31 -18.40 -41.64 -2.86
C GLU B 31 -18.25 -40.41 -3.74
N ASN B 32 -18.42 -39.23 -3.16
CA ASN B 32 -18.32 -37.97 -3.90
C ASN B 32 -17.03 -37.21 -3.69
N GLY B 33 -16.17 -37.67 -2.77
CA GLY B 33 -14.93 -36.98 -2.52
C GLY B 33 -15.09 -35.59 -1.94
N MET B 34 -15.88 -35.46 -0.87
CA MET B 34 -16.13 -34.17 -0.22
C MET B 34 -15.70 -34.26 1.24
N HIS B 35 -14.47 -33.84 1.53
CA HIS B 35 -14.06 -33.66 2.92
C HIS B 35 -14.90 -32.57 3.57
N LYS B 36 -15.42 -32.86 4.75
CA LYS B 36 -16.44 -32.02 5.36
C LYS B 36 -16.09 -31.75 6.81
N LYS B 37 -16.32 -30.52 7.27
CA LYS B 37 -15.87 -30.09 8.58
C LYS B 37 -16.71 -28.92 9.06
N VAL B 38 -17.28 -29.03 10.26
CA VAL B 38 -18.33 -28.13 10.71
C VAL B 38 -17.99 -27.46 12.04
N PHE B 39 -16.78 -26.95 12.18
CA PHE B 39 -16.38 -26.17 13.36
C PHE B 39 -17.50 -25.24 13.81
N TYR B 40 -17.86 -25.32 15.09
CA TYR B 40 -18.98 -24.56 15.64
C TYR B 40 -18.52 -23.89 16.93
N SER B 41 -19.41 -23.07 17.51
CA SER B 41 -19.09 -22.34 18.72
C SER B 41 -20.33 -21.76 19.38
N PHE B 42 -20.54 -22.05 20.66
CA PHE B 42 -21.74 -21.65 21.37
C PHE B 42 -21.43 -20.45 22.26
N ILE B 43 -21.82 -19.27 21.80
CA ILE B 43 -21.52 -18.02 22.49
C ILE B 43 -22.75 -17.65 23.30
N ASP B 44 -22.62 -17.65 24.63
CA ASP B 44 -23.73 -17.36 25.53
C ASP B 44 -23.37 -16.13 26.36
N ASP B 45 -23.88 -14.97 25.96
CA ASP B 45 -23.76 -13.74 26.73
C ASP B 45 -25.01 -13.57 27.58
N LYS B 46 -24.84 -13.12 28.81
CA LYS B 46 -26.01 -12.79 29.61
C LYS B 46 -26.60 -11.45 29.20
N ASN B 47 -25.81 -10.60 28.55
CA ASN B 47 -26.33 -9.35 28.02
C ASN B 47 -27.15 -9.57 26.76
N HIS B 48 -26.67 -10.42 25.86
CA HIS B 48 -27.39 -10.68 24.61
C HIS B 48 -28.74 -11.31 24.90
N ASN B 49 -29.74 -10.96 24.11
CA ASN B 49 -31.09 -11.42 24.37
C ASN B 49 -31.40 -12.78 23.73
N LYS B 50 -30.47 -13.36 22.99
CA LYS B 50 -30.64 -14.68 22.39
C LYS B 50 -29.32 -15.43 22.44
N LYS B 51 -29.40 -16.75 22.46
CA LYS B 51 -28.19 -17.55 22.35
C LYS B 51 -27.63 -17.47 20.94
N LEU B 52 -26.36 -17.82 20.79
CA LEU B 52 -25.70 -17.76 19.51
C LEU B 52 -24.98 -19.07 19.23
N LEU B 53 -24.76 -19.33 17.94
CA LEU B 53 -24.01 -20.49 17.50
C LEU B 53 -23.48 -20.18 16.10
N VAL B 54 -22.17 -19.95 15.99
CA VAL B 54 -21.55 -19.69 14.70
C VAL B 54 -21.10 -21.02 14.10
N ILE B 55 -21.52 -21.30 12.88
CA ILE B 55 -21.20 -22.55 12.21
C ILE B 55 -20.21 -22.26 11.10
N ARG B 56 -18.98 -22.69 11.26
CA ARG B 56 -17.98 -22.60 10.20
C ARG B 56 -18.08 -23.83 9.32
N THR B 57 -18.25 -23.62 8.03
CA THR B 57 -18.52 -24.69 7.07
C THR B 57 -17.28 -25.05 6.25
N LYS B 58 -16.12 -25.14 6.90
CA LYS B 58 -14.88 -25.49 6.23
C LYS B 58 -14.96 -26.87 5.59
N GLY B 59 -13.93 -27.24 4.87
CA GLY B 59 -13.89 -28.55 4.28
C GLY B 59 -13.08 -28.51 2.99
N THR B 60 -13.53 -29.34 2.04
CA THR B 60 -12.94 -29.36 0.71
C THR B 60 -13.85 -30.17 -0.21
N ILE B 61 -14.12 -29.64 -1.39
CA ILE B 61 -14.88 -30.34 -2.42
C ILE B 61 -13.95 -30.62 -3.57
N ALA B 62 -13.63 -31.90 -3.80
CA ALA B 62 -12.61 -32.24 -4.77
C ALA B 62 -13.05 -31.86 -6.18
N GLY B 63 -12.08 -31.45 -7.00
CA GLY B 63 -12.41 -30.93 -8.32
C GLY B 63 -12.97 -31.97 -9.27
N GLN B 64 -12.36 -33.16 -9.31
CA GLN B 64 -12.78 -34.22 -10.21
C GLN B 64 -12.75 -33.76 -11.66
N TYR B 65 -11.54 -33.53 -12.16
CA TYR B 65 -11.28 -33.05 -13.52
C TYR B 65 -10.57 -34.17 -14.28
N ARG B 66 -11.32 -34.92 -15.09
CA ARG B 66 -10.74 -36.10 -15.73
C ARG B 66 -11.54 -36.41 -16.99
N VAL B 67 -10.90 -37.18 -17.88
CA VAL B 67 -11.52 -37.63 -19.13
C VAL B 67 -12.41 -38.83 -18.81
N TYR B 68 -13.72 -38.61 -18.81
CA TYR B 68 -14.62 -39.66 -18.34
C TYR B 68 -14.77 -40.79 -19.36
N SER B 69 -14.71 -40.47 -20.66
CA SER B 69 -14.85 -41.50 -21.67
C SER B 69 -14.15 -41.07 -22.94
N GLU B 70 -13.77 -42.05 -23.74
CA GLU B 70 -13.20 -41.83 -25.07
C GLU B 70 -13.81 -42.82 -26.05
N GLU B 71 -14.11 -42.35 -27.25
CA GLU B 71 -14.75 -43.15 -28.29
C GLU B 71 -13.89 -43.07 -29.55
N GLY B 72 -12.87 -43.92 -29.61
CA GLY B 72 -11.93 -43.88 -30.71
C GLY B 72 -10.90 -42.76 -30.58
N ALA B 73 -10.21 -42.51 -31.68
CA ALA B 73 -9.20 -41.47 -31.75
C ALA B 73 -9.71 -40.17 -32.34
N ASN B 74 -11.02 -40.06 -32.53
CA ASN B 74 -11.61 -38.84 -33.07
C ASN B 74 -12.71 -38.27 -32.19
N LYS B 75 -12.86 -38.77 -30.96
CA LYS B 75 -13.89 -38.26 -30.07
C LYS B 75 -13.50 -38.57 -28.63
N SER B 76 -13.74 -37.63 -27.74
CA SER B 76 -13.45 -37.81 -26.33
C SER B 76 -14.27 -36.82 -25.52
N GLY B 77 -14.30 -37.03 -24.20
CA GLY B 77 -15.08 -36.20 -23.33
C GLY B 77 -14.28 -35.79 -22.10
N LEU B 78 -14.83 -34.83 -21.38
CA LEU B 78 -14.17 -34.30 -20.19
C LEU B 78 -15.25 -33.81 -19.23
N ALA B 79 -15.13 -34.18 -17.96
CA ALA B 79 -16.05 -33.73 -16.94
C ALA B 79 -15.30 -32.82 -15.99
N TRP B 80 -15.72 -31.57 -15.89
CA TRP B 80 -15.01 -30.61 -15.07
C TRP B 80 -15.98 -29.88 -14.16
N PRO B 81 -15.52 -29.43 -12.99
CA PRO B 81 -16.45 -28.82 -12.03
C PRO B 81 -16.89 -27.43 -12.41
N SER B 82 -18.16 -27.29 -12.81
CA SER B 82 -18.68 -26.01 -13.24
C SER B 82 -18.94 -25.08 -12.06
N ALA B 83 -19.34 -25.64 -10.91
CA ALA B 83 -19.74 -24.82 -9.79
C ALA B 83 -19.76 -25.66 -8.52
N PHE B 84 -19.21 -25.12 -7.44
CA PHE B 84 -19.29 -25.71 -6.12
C PHE B 84 -20.31 -24.96 -5.29
N LYS B 85 -21.06 -25.68 -4.45
CA LYS B 85 -22.12 -25.08 -3.66
C LYS B 85 -22.03 -25.59 -2.23
N VAL B 86 -22.52 -24.77 -1.30
CA VAL B 86 -22.61 -25.11 0.11
C VAL B 86 -23.91 -24.52 0.64
N GLN B 87 -24.84 -25.37 1.04
CA GLN B 87 -26.13 -24.94 1.57
C GLN B 87 -26.24 -25.36 3.02
N LEU B 88 -26.98 -24.58 3.81
CA LEU B 88 -27.16 -24.86 5.23
C LEU B 88 -28.62 -24.65 5.58
N GLN B 89 -29.43 -25.68 5.36
CA GLN B 89 -30.87 -25.59 5.58
C GLN B 89 -31.22 -25.85 7.04
N LEU B 90 -32.42 -25.43 7.41
CA LEU B 90 -32.91 -25.55 8.76
C LEU B 90 -34.39 -25.87 8.64
N PRO B 91 -34.89 -26.91 9.31
CA PRO B 91 -36.29 -27.30 9.14
C PRO B 91 -37.22 -26.17 9.54
N ASP B 92 -38.27 -25.98 8.75
CA ASP B 92 -39.23 -24.92 9.03
C ASP B 92 -40.00 -25.16 10.32
N ASN B 93 -39.93 -26.38 10.85
CA ASN B 93 -40.56 -26.66 12.14
C ASN B 93 -39.85 -25.93 13.28
N GLU B 94 -38.53 -25.85 13.23
CA GLU B 94 -37.76 -25.30 14.34
C GLU B 94 -37.94 -23.79 14.44
N VAL B 95 -37.66 -23.26 15.63
CA VAL B 95 -37.82 -21.84 15.90
C VAL B 95 -36.50 -21.08 15.96
N ALA B 96 -35.37 -21.75 15.80
CA ALA B 96 -34.11 -21.05 15.63
C ALA B 96 -34.03 -20.44 14.25
N GLN B 97 -33.35 -19.29 14.16
CA GLN B 97 -33.28 -18.53 12.93
C GLN B 97 -31.84 -18.21 12.61
N ILE B 98 -31.51 -18.16 11.32
CA ILE B 98 -30.16 -17.73 10.97
C ILE B 98 -30.08 -16.23 11.16
N SER B 99 -29.04 -15.78 11.84
CA SER B 99 -28.91 -14.38 12.19
C SER B 99 -28.10 -13.61 11.16
N ASP B 100 -26.87 -14.03 10.89
CA ASP B 100 -26.01 -13.38 9.92
C ASP B 100 -25.30 -14.43 9.10
N TYR B 101 -24.35 -13.98 8.30
CA TYR B 101 -23.60 -14.83 7.38
C TYR B 101 -22.44 -14.03 6.82
N TYR B 102 -21.41 -14.75 6.38
CA TYR B 102 -20.23 -14.12 5.80
C TYR B 102 -19.52 -15.17 4.98
N PRO B 103 -19.05 -14.86 3.78
CA PRO B 103 -19.04 -13.58 3.06
C PRO B 103 -20.39 -13.20 2.47
N ARG B 104 -20.51 -11.98 1.96
CA ARG B 104 -21.73 -11.49 1.33
C ARG B 104 -21.41 -10.82 0.01
N ASN B 105 -22.45 -10.52 -0.75
CA ASN B 105 -22.27 -9.90 -2.05
C ASN B 105 -21.64 -8.52 -1.93
N SER B 106 -20.71 -8.22 -2.82
CA SER B 106 -19.99 -6.96 -2.83
C SER B 106 -20.18 -6.28 -4.17
N ILE B 107 -20.06 -4.95 -4.16
CA ILE B 107 -20.30 -4.14 -5.35
C ILE B 107 -19.02 -4.06 -6.17
N ASP B 108 -19.14 -4.29 -7.48
CA ASP B 108 -17.99 -4.26 -8.37
C ASP B 108 -17.52 -2.82 -8.58
N THR B 109 -16.47 -2.68 -9.38
CA THR B 109 -15.90 -1.38 -9.69
C THR B 109 -15.17 -1.49 -11.01
N LYS B 110 -15.05 -0.37 -11.71
CA LYS B 110 -14.32 -0.33 -12.96
C LYS B 110 -13.73 1.06 -13.13
N GLU B 111 -12.55 1.14 -13.73
CA GLU B 111 -11.90 2.41 -13.99
C GLU B 111 -12.20 2.86 -15.41
N TYR B 112 -12.59 4.12 -15.55
CA TYR B 112 -12.87 4.69 -16.86
C TYR B 112 -11.89 5.83 -17.12
N MET B 113 -11.23 5.79 -18.26
CA MET B 113 -10.22 6.78 -18.61
C MET B 113 -10.47 7.28 -20.02
N SER B 114 -10.40 8.59 -20.21
CA SER B 114 -10.72 9.21 -21.49
C SER B 114 -9.56 10.09 -21.93
N THR B 115 -9.40 10.23 -23.24
CA THR B 115 -8.28 10.94 -23.82
C THR B 115 -8.81 11.94 -24.84
N LEU B 116 -8.02 12.99 -25.10
CA LEU B 116 -8.33 13.96 -26.14
C LEU B 116 -7.00 14.57 -26.56
N THR B 117 -6.47 14.13 -27.70
CA THR B 117 -5.18 14.57 -28.20
C THR B 117 -5.34 15.16 -29.58
N TYR B 118 -4.84 16.38 -29.76
CA TYR B 118 -4.81 17.00 -31.09
C TYR B 118 -3.45 17.63 -31.32
N GLY B 119 -2.90 17.39 -32.51
CA GLY B 119 -1.58 17.85 -32.85
C GLY B 119 -1.55 18.50 -34.22
N PHE B 120 -0.36 18.96 -34.59
CA PHE B 120 -0.12 19.64 -35.86
C PHE B 120 1.15 19.11 -36.48
N ASN B 121 1.24 19.20 -37.81
CA ASN B 121 2.37 18.66 -38.54
C ASN B 121 2.96 19.72 -39.45
N GLY B 122 4.28 19.73 -39.57
CA GLY B 122 4.96 20.67 -40.43
C GLY B 122 5.55 20.00 -41.64
N ILE B 136 -0.75 22.39 -43.50
CA ILE B 136 -0.66 21.90 -42.14
C ILE B 136 -1.69 20.82 -41.89
N GLY B 137 -1.21 19.64 -41.49
CA GLY B 137 -2.09 18.51 -41.22
C GLY B 137 -2.54 18.40 -39.78
N ALA B 138 -3.39 19.32 -39.32
CA ALA B 138 -3.91 19.23 -37.96
C ALA B 138 -4.80 18.01 -37.82
N ASN B 139 -4.52 17.19 -36.82
CA ASN B 139 -5.32 16.01 -36.50
C ASN B 139 -5.95 16.14 -35.13
N VAL B 140 -6.94 15.29 -34.88
CA VAL B 140 -7.63 15.21 -33.58
C VAL B 140 -7.87 13.76 -33.26
N SER B 141 -7.61 13.36 -32.03
CA SER B 141 -7.77 11.98 -31.59
C SER B 141 -8.54 11.93 -30.28
N ILE B 142 -9.58 11.10 -30.24
CA ILE B 142 -10.44 10.94 -29.08
C ILE B 142 -10.56 9.45 -28.76
N GLY B 143 -10.31 9.08 -27.51
CA GLY B 143 -10.35 7.68 -27.14
C GLY B 143 -10.68 7.53 -25.69
N HIS B 144 -11.21 6.34 -25.33
CA HIS B 144 -11.53 6.03 -23.96
C HIS B 144 -11.25 4.56 -23.67
N THR B 145 -10.68 4.29 -22.50
CA THR B 145 -10.35 2.93 -22.07
C THR B 145 -11.04 2.62 -20.76
N LEU B 146 -11.27 1.34 -20.52
CA LEU B 146 -12.05 0.90 -19.37
C LEU B 146 -11.55 -0.46 -18.90
N LYS B 147 -11.14 -0.55 -17.63
CA LYS B 147 -10.47 -1.74 -17.12
C LYS B 147 -11.08 -2.18 -15.80
N TYR B 148 -10.95 -3.49 -15.54
CA TYR B 148 -11.56 -4.12 -14.37
C TYR B 148 -10.96 -5.52 -14.24
N VAL B 149 -11.00 -6.06 -13.02
CA VAL B 149 -10.40 -7.37 -12.76
C VAL B 149 -11.46 -8.45 -12.88
N GLN B 150 -11.02 -9.66 -13.24
CA GLN B 150 -11.93 -10.77 -13.53
C GLN B 150 -11.47 -12.03 -12.84
N PRO B 151 -12.02 -12.35 -11.68
CA PRO B 151 -11.65 -13.60 -11.00
C PRO B 151 -12.06 -14.81 -11.83
N ASP B 152 -11.27 -15.89 -11.71
CA ASP B 152 -11.60 -17.11 -12.42
C ASP B 152 -12.89 -17.74 -11.91
N PHE B 153 -13.07 -17.75 -10.60
CA PHE B 153 -14.28 -18.28 -9.96
C PHE B 153 -14.91 -17.20 -9.10
N LYS B 154 -16.24 -17.10 -9.13
CA LYS B 154 -16.98 -16.06 -8.41
C LYS B 154 -17.70 -16.66 -7.22
N THR B 155 -17.48 -16.10 -6.03
CA THR B 155 -18.15 -16.58 -4.83
C THR B 155 -19.40 -15.75 -4.60
N ILE B 156 -20.52 -16.25 -5.08
CA ILE B 156 -21.81 -15.58 -4.96
C ILE B 156 -22.53 -16.11 -3.73
N LEU B 157 -23.00 -15.21 -2.87
CA LEU B 157 -23.90 -15.58 -1.79
C LEU B 157 -25.30 -15.66 -2.37
N GLU B 158 -25.82 -16.87 -2.49
CA GLU B 158 -27.19 -17.04 -2.96
C GLU B 158 -28.13 -16.45 -1.92
N SER B 159 -29.25 -15.93 -2.39
CA SER B 159 -30.15 -15.15 -1.55
C SER B 159 -30.59 -15.98 -0.33
N PRO B 160 -30.35 -15.49 0.88
CA PRO B 160 -30.73 -16.25 2.08
C PRO B 160 -32.15 -15.95 2.51
N THR B 161 -32.65 -16.80 3.41
CA THR B 161 -33.96 -16.65 4.00
C THR B 161 -33.84 -16.88 5.49
N ASP B 162 -34.97 -17.03 6.17
CA ASP B 162 -34.95 -17.19 7.62
C ASP B 162 -34.38 -18.54 8.02
N LYS B 163 -34.65 -19.58 7.24
CA LYS B 163 -34.21 -20.93 7.56
C LYS B 163 -33.13 -21.46 6.64
N LYS B 164 -32.83 -20.79 5.54
CA LYS B 164 -31.90 -21.33 4.56
C LYS B 164 -30.92 -20.24 4.13
N VAL B 165 -29.64 -20.58 4.09
CA VAL B 165 -28.60 -19.72 3.54
C VAL B 165 -27.64 -20.60 2.78
N GLY B 166 -27.21 -20.13 1.60
CA GLY B 166 -26.30 -20.91 0.79
C GLY B 166 -25.39 -20.02 -0.03
N TRP B 167 -24.24 -20.57 -0.38
CA TRP B 167 -23.28 -19.93 -1.25
C TRP B 167 -23.06 -20.78 -2.48
N LYS B 168 -22.40 -20.21 -3.47
CA LYS B 168 -21.96 -20.99 -4.62
C LYS B 168 -20.75 -20.32 -5.22
N VAL B 169 -19.92 -21.11 -5.87
CA VAL B 169 -18.73 -20.62 -6.56
C VAL B 169 -18.80 -21.07 -8.01
N ILE B 170 -19.02 -20.12 -8.91
CA ILE B 170 -19.28 -20.43 -10.31
C ILE B 170 -18.04 -20.14 -11.13
N PHE B 171 -18.04 -20.60 -12.37
CA PHE B 171 -16.88 -20.50 -13.25
C PHE B 171 -17.04 -19.25 -14.12
N ASN B 172 -16.22 -18.25 -13.84
CA ASN B 172 -16.31 -17.00 -14.59
C ASN B 172 -15.74 -17.16 -16.00
N ASN B 173 -14.41 -17.31 -16.10
CA ASN B 173 -13.71 -17.56 -17.36
C ASN B 173 -12.24 -17.80 -17.04
N MET B 174 -11.50 -18.27 -18.04
CA MET B 174 -10.13 -18.69 -17.84
C MET B 174 -9.33 -18.48 -19.11
N VAL B 175 -8.04 -18.19 -18.95
CA VAL B 175 -7.14 -17.91 -20.06
C VAL B 175 -6.42 -19.21 -20.43
N ASN B 176 -6.55 -19.62 -21.68
CA ASN B 176 -6.07 -20.91 -22.16
C ASN B 176 -4.74 -20.70 -22.87
N GLN B 177 -3.65 -21.10 -22.22
CA GLN B 177 -2.30 -20.96 -22.76
C GLN B 177 -2.03 -19.53 -23.22
N ASN B 178 -2.19 -18.59 -22.29
CA ASN B 178 -1.90 -17.18 -22.50
C ASN B 178 -2.53 -16.69 -23.80
N TRP B 179 -3.78 -17.09 -24.02
CA TRP B 179 -4.45 -16.81 -25.28
C TRP B 179 -5.96 -16.85 -25.00
N GLY B 180 -6.55 -15.68 -24.84
CA GLY B 180 -7.99 -15.55 -24.81
C GLY B 180 -8.57 -15.94 -23.47
N PRO B 181 -9.40 -15.08 -22.90
CA PRO B 181 -10.27 -15.50 -21.81
C PRO B 181 -11.49 -16.23 -22.36
N TYR B 182 -11.61 -17.52 -22.06
CA TYR B 182 -12.72 -18.33 -22.56
C TYR B 182 -13.70 -18.66 -21.44
N ASP B 183 -14.97 -18.81 -21.81
CA ASP B 183 -16.03 -19.12 -20.86
C ASP B 183 -16.92 -20.20 -21.46
N ARG B 184 -17.92 -20.62 -20.68
CA ARG B 184 -18.77 -21.72 -21.12
C ARG B 184 -19.62 -21.35 -22.33
N ASP B 185 -19.81 -20.06 -22.58
CA ASP B 185 -20.67 -19.61 -23.66
C ASP B 185 -19.92 -19.22 -24.93
N SER B 186 -18.59 -19.17 -24.90
CA SER B 186 -17.84 -18.74 -26.07
C SER B 186 -18.03 -19.73 -27.22
N TRP B 187 -18.04 -19.21 -28.44
CA TRP B 187 -18.20 -20.05 -29.63
C TRP B 187 -17.43 -19.42 -30.78
N ASN B 188 -16.72 -20.27 -31.52
CA ASN B 188 -15.93 -19.86 -32.68
C ASN B 188 -16.36 -20.76 -33.83
N PRO B 189 -16.84 -20.20 -34.95
CA PRO B 189 -17.45 -21.05 -35.98
C PRO B 189 -16.56 -22.17 -36.49
N VAL B 190 -15.25 -21.96 -36.54
CA VAL B 190 -14.35 -23.00 -37.04
C VAL B 190 -14.03 -24.01 -35.95
N TYR B 191 -13.59 -23.53 -34.78
CA TYR B 191 -13.07 -24.40 -33.74
C TYR B 191 -14.06 -24.70 -32.62
N GLY B 192 -15.19 -24.01 -32.57
CA GLY B 192 -16.08 -24.29 -31.47
C GLY B 192 -15.54 -23.69 -30.18
N ASN B 193 -16.07 -24.19 -29.07
CA ASN B 193 -15.63 -23.71 -27.76
C ASN B 193 -14.27 -24.31 -27.43
N GLN B 194 -13.24 -23.46 -27.35
CA GLN B 194 -11.86 -23.89 -27.17
C GLN B 194 -11.41 -23.69 -25.74
N LEU B 195 -12.28 -24.04 -24.79
CA LEU B 195 -12.00 -23.77 -23.38
C LEU B 195 -10.80 -24.57 -22.88
N PHE B 196 -10.75 -25.87 -23.18
CA PHE B 196 -9.71 -26.78 -22.70
C PHE B 196 -9.07 -27.52 -23.86
N MET B 197 -8.93 -26.86 -25.00
CA MET B 197 -8.38 -27.48 -26.20
C MET B 197 -6.88 -27.21 -26.24
N LYS B 198 -6.08 -28.27 -26.08
CA LYS B 198 -4.64 -28.11 -26.03
C LYS B 198 -4.08 -27.59 -27.34
N THR B 199 -4.49 -28.18 -28.46
CA THR B 199 -3.98 -27.81 -29.77
C THR B 199 -5.12 -27.75 -30.77
N ARG B 200 -5.06 -26.76 -31.67
CA ARG B 200 -6.11 -26.59 -32.66
C ARG B 200 -5.95 -27.57 -33.82
N ASN B 201 -4.83 -27.50 -34.53
CA ASN B 201 -4.52 -28.45 -35.59
C ASN B 201 -3.60 -29.55 -35.07
N GLY B 202 -4.03 -30.17 -33.99
CA GLY B 202 -3.28 -31.26 -33.43
C GLY B 202 -3.48 -32.55 -34.19
N SER B 203 -2.54 -33.46 -34.03
CA SER B 203 -2.58 -34.76 -34.71
C SER B 203 -2.56 -35.91 -33.73
N MET B 204 -2.81 -35.67 -32.46
CA MET B 204 -2.75 -36.71 -31.44
C MET B 204 -4.13 -37.36 -31.28
N LYS B 205 -4.16 -38.38 -30.44
CA LYS B 205 -5.43 -38.98 -30.04
C LYS B 205 -6.29 -37.94 -29.35
N ALA B 206 -7.61 -38.05 -29.53
CA ALA B 206 -8.50 -37.07 -28.93
C ALA B 206 -8.41 -37.08 -27.41
N ALA B 207 -8.28 -38.26 -26.82
CA ALA B 207 -8.19 -38.37 -25.37
C ALA B 207 -6.96 -37.66 -24.81
N ASP B 208 -5.96 -37.40 -25.63
CA ASP B 208 -4.72 -36.77 -25.18
C ASP B 208 -4.57 -35.35 -25.73
N ASN B 209 -5.69 -34.72 -26.08
CA ASN B 209 -5.70 -33.35 -26.60
C ASN B 209 -6.48 -32.42 -25.69
N PHE B 210 -6.35 -32.59 -24.37
CA PHE B 210 -6.96 -31.70 -23.41
C PHE B 210 -5.89 -30.96 -22.63
N LEU B 211 -6.25 -29.78 -22.14
CA LEU B 211 -5.32 -28.96 -21.37
C LEU B 211 -4.86 -29.71 -20.13
N ASP B 212 -3.56 -29.65 -19.87
CA ASP B 212 -3.00 -30.32 -18.70
C ASP B 212 -3.58 -29.69 -17.44
N PRO B 213 -4.00 -30.52 -16.47
CA PRO B 213 -4.68 -29.95 -15.29
C PRO B 213 -3.84 -28.95 -14.52
N ASN B 214 -2.51 -29.07 -14.58
CA ASN B 214 -1.64 -28.08 -13.97
C ASN B 214 -1.76 -26.73 -14.68
N LYS B 215 -1.89 -26.75 -16.00
CA LYS B 215 -2.02 -25.50 -16.75
C LYS B 215 -3.33 -24.78 -16.43
N ALA B 216 -4.37 -25.53 -16.08
CA ALA B 216 -5.66 -24.94 -15.76
C ALA B 216 -5.60 -24.24 -14.40
N SER B 217 -6.76 -23.75 -13.96
CA SER B 217 -6.89 -23.23 -12.60
C SER B 217 -6.73 -24.36 -11.59
N SER B 218 -6.33 -24.00 -10.38
CA SER B 218 -6.16 -25.01 -9.34
C SER B 218 -7.50 -25.62 -8.92
N LEU B 219 -8.56 -24.80 -8.89
CA LEU B 219 -9.85 -25.28 -8.40
C LEU B 219 -10.45 -26.35 -9.29
N LEU B 220 -10.01 -26.42 -10.55
CA LEU B 220 -10.62 -27.37 -11.48
C LEU B 220 -10.30 -28.82 -11.09
N SER B 221 -9.05 -29.10 -10.79
CA SER B 221 -8.60 -30.47 -10.53
C SER B 221 -8.35 -30.77 -9.06
N SER B 222 -7.80 -29.82 -8.30
CA SER B 222 -7.43 -30.08 -6.91
C SER B 222 -8.50 -29.70 -5.91
N GLY B 223 -9.57 -29.05 -6.32
CA GLY B 223 -10.73 -28.87 -5.46
C GLY B 223 -10.78 -27.51 -4.81
N PHE B 224 -11.96 -27.22 -4.23
CA PHE B 224 -12.25 -25.94 -3.62
C PHE B 224 -12.60 -26.16 -2.15
N SER B 225 -11.92 -25.43 -1.27
CA SER B 225 -12.09 -25.59 0.17
C SER B 225 -12.85 -24.41 0.74
N PRO B 226 -14.10 -24.58 1.15
CA PRO B 226 -14.89 -23.43 1.62
C PRO B 226 -14.35 -22.83 2.90
N ASP B 227 -14.80 -21.60 3.17
CA ASP B 227 -14.64 -21.00 4.49
C ASP B 227 -15.80 -20.01 4.65
N PHE B 228 -16.88 -20.48 5.27
CA PHE B 228 -18.13 -19.74 5.35
C PHE B 228 -18.59 -19.75 6.81
N ALA B 229 -19.42 -18.78 7.18
CA ALA B 229 -19.91 -18.70 8.54
C ALA B 229 -21.38 -18.31 8.57
N THR B 230 -22.15 -18.95 9.45
CA THR B 230 -23.56 -18.62 9.68
C THR B 230 -23.82 -18.70 11.17
N VAL B 231 -24.15 -17.57 11.78
CA VAL B 231 -24.57 -17.54 13.17
C VAL B 231 -26.08 -17.72 13.21
N ILE B 232 -26.55 -18.67 14.02
CA ILE B 232 -27.97 -18.90 14.22
C ILE B 232 -28.30 -18.61 15.68
N THR B 233 -29.41 -17.92 15.91
CA THR B 233 -29.82 -17.53 17.25
C THR B 233 -31.10 -18.26 17.64
N MET B 234 -31.22 -18.60 18.92
CA MET B 234 -32.44 -19.21 19.42
C MET B 234 -32.97 -18.42 20.61
N ASP B 235 -34.28 -18.31 20.68
CA ASP B 235 -34.92 -17.67 21.82
C ASP B 235 -34.52 -18.37 23.11
N ARG B 236 -34.25 -17.58 24.14
CA ARG B 236 -33.70 -18.15 25.37
C ARG B 236 -34.75 -18.87 26.20
N LYS B 237 -36.03 -18.57 26.01
CA LYS B 237 -37.11 -19.21 26.73
C LYS B 237 -37.92 -20.16 25.85
N ALA B 238 -37.26 -20.79 24.89
CA ALA B 238 -37.95 -21.72 24.01
C ALA B 238 -38.44 -22.93 24.78
N SER B 239 -39.54 -23.52 24.30
CA SER B 239 -40.11 -24.69 24.95
C SER B 239 -39.14 -25.86 24.90
N LYS B 240 -38.56 -26.15 23.74
CA LYS B 240 -37.55 -27.17 23.60
C LYS B 240 -36.26 -26.55 23.08
N GLN B 241 -35.15 -26.82 23.78
CA GLN B 241 -33.85 -26.30 23.38
C GLN B 241 -33.10 -27.36 22.57
N GLN B 242 -33.64 -27.63 21.38
CA GLN B 242 -33.00 -28.60 20.50
C GLN B 242 -33.49 -28.47 19.07
N THR B 243 -32.56 -28.31 18.12
CA THR B 243 -32.90 -28.15 16.71
C THR B 243 -31.89 -28.92 15.88
N ASN B 244 -32.37 -29.66 14.89
CA ASN B 244 -31.47 -30.31 13.94
C ASN B 244 -31.23 -29.43 12.72
N ILE B 245 -30.07 -29.62 12.09
CA ILE B 245 -29.66 -28.85 10.93
C ILE B 245 -29.14 -29.79 9.85
N ASP B 246 -29.39 -29.43 8.59
CA ASP B 246 -28.84 -30.13 7.44
C ASP B 246 -27.89 -29.18 6.72
N VAL B 247 -26.69 -29.67 6.42
CA VAL B 247 -25.72 -28.94 5.62
C VAL B 247 -25.41 -29.78 4.38
N ILE B 248 -25.46 -29.16 3.21
CA ILE B 248 -25.34 -29.85 1.94
C ILE B 248 -24.17 -29.27 1.18
N TYR B 249 -23.25 -30.14 0.75
CA TYR B 249 -22.25 -29.78 -0.23
C TYR B 249 -22.67 -30.33 -1.58
N GLU B 250 -22.20 -29.72 -2.65
CA GLU B 250 -22.41 -30.29 -3.96
C GLU B 250 -21.52 -29.60 -4.97
N ARG B 251 -21.25 -30.30 -6.06
CA ARG B 251 -20.53 -29.77 -7.20
C ARG B 251 -21.29 -30.13 -8.47
N VAL B 252 -21.22 -29.25 -9.46
CA VAL B 252 -21.92 -29.41 -10.73
C VAL B 252 -20.88 -29.54 -11.81
N ARG B 253 -20.96 -30.61 -12.60
CA ARG B 253 -19.95 -30.92 -13.60
C ARG B 253 -20.53 -30.77 -14.99
N ASP B 254 -19.71 -30.25 -15.89
CA ASP B 254 -20.07 -30.02 -17.29
C ASP B 254 -19.34 -31.02 -18.16
N ASP B 255 -19.96 -31.41 -19.26
CA ASP B 255 -19.37 -32.35 -20.20
C ASP B 255 -18.75 -31.58 -21.36
N TYR B 256 -17.43 -31.65 -21.49
CA TYR B 256 -16.70 -30.96 -22.54
C TYR B 256 -16.24 -31.99 -23.56
N GLN B 257 -16.90 -32.01 -24.72
CA GLN B 257 -16.60 -32.96 -25.78
C GLN B 257 -15.79 -32.28 -26.88
N LEU B 258 -14.82 -32.99 -27.43
CA LEU B 258 -14.09 -32.47 -28.58
C LEU B 258 -13.83 -33.60 -29.56
N HIS B 259 -13.96 -33.29 -30.85
CA HIS B 259 -13.89 -34.28 -31.91
C HIS B 259 -13.21 -33.65 -33.13
N TRP B 260 -12.84 -34.50 -34.08
CA TRP B 260 -12.15 -34.06 -35.28
C TRP B 260 -13.13 -33.87 -36.43
N THR B 261 -13.01 -32.74 -37.11
CA THR B 261 -13.85 -32.42 -38.26
C THR B 261 -13.13 -32.66 -39.59
N SER B 262 -12.11 -33.52 -39.58
CA SER B 262 -11.23 -33.89 -40.70
C SER B 262 -10.25 -32.77 -41.05
N THR B 263 -10.35 -31.60 -40.44
CA THR B 263 -9.40 -30.52 -40.67
C THR B 263 -8.84 -29.93 -39.39
N ASN B 264 -9.65 -29.82 -38.34
CA ASN B 264 -9.22 -29.27 -37.07
C ASN B 264 -10.19 -29.73 -36.00
N TRP B 265 -9.74 -29.64 -34.74
CA TRP B 265 -10.58 -30.03 -33.63
C TRP B 265 -11.71 -29.04 -33.43
N LYS B 266 -12.87 -29.53 -33.03
CA LYS B 266 -13.98 -28.69 -32.62
C LYS B 266 -14.47 -29.15 -31.26
N GLY B 267 -14.64 -28.22 -30.35
CA GLY B 267 -15.02 -28.55 -28.99
C GLY B 267 -16.34 -27.91 -28.60
N THR B 268 -17.14 -28.68 -27.88
CA THR B 268 -18.45 -28.22 -27.42
C THR B 268 -18.59 -28.50 -25.95
N ASN B 269 -19.32 -27.62 -25.25
CA ASN B 269 -19.51 -27.71 -23.82
C ASN B 269 -21.01 -27.75 -23.51
N THR B 270 -21.42 -28.70 -22.68
CA THR B 270 -22.80 -28.85 -22.25
C THR B 270 -22.91 -28.55 -20.76
N LYS B 271 -23.81 -27.65 -20.41
CA LYS B 271 -23.85 -27.09 -19.06
C LYS B 271 -24.68 -27.95 -18.12
N ASP B 272 -24.17 -28.13 -16.91
CA ASP B 272 -24.86 -28.81 -15.82
C ASP B 272 -25.26 -30.24 -16.21
N LYS B 273 -24.25 -31.06 -16.45
CA LYS B 273 -24.52 -32.44 -16.85
C LYS B 273 -24.78 -33.33 -15.65
N TRP B 274 -23.89 -33.30 -14.66
CA TRP B 274 -24.02 -34.10 -13.45
C TRP B 274 -23.89 -33.22 -12.22
N THR B 275 -24.69 -33.51 -11.20
CA THR B 275 -24.59 -32.84 -9.90
C THR B 275 -24.69 -33.88 -8.81
N ASP B 276 -23.76 -33.86 -7.87
CA ASP B 276 -23.71 -34.83 -6.78
C ASP B 276 -23.73 -34.10 -5.45
N ARG B 277 -24.69 -34.45 -4.60
CA ARG B 277 -24.92 -33.76 -3.33
C ARG B 277 -24.52 -34.67 -2.18
N SER B 278 -23.84 -34.11 -1.20
CA SER B 278 -23.53 -34.79 0.05
C SER B 278 -24.24 -34.08 1.18
N SER B 279 -25.23 -34.74 1.77
CA SER B 279 -26.06 -34.14 2.81
C SER B 279 -25.80 -34.83 4.14
N GLU B 280 -25.66 -34.03 5.20
CA GLU B 280 -25.45 -34.53 6.54
C GLU B 280 -26.38 -33.77 7.48
N ARG B 281 -26.85 -34.45 8.52
CA ARG B 281 -27.77 -33.84 9.48
C ARG B 281 -27.14 -33.82 10.86
N TYR B 282 -27.13 -32.64 11.47
CA TYR B 282 -26.53 -32.42 12.77
C TYR B 282 -27.61 -31.99 13.75
N LYS B 283 -27.55 -32.57 14.95
CA LYS B 283 -28.53 -32.29 15.99
C LYS B 283 -27.88 -31.38 17.02
N ILE B 284 -28.49 -30.23 17.28
CA ILE B 284 -27.93 -29.22 18.17
C ILE B 284 -28.61 -29.34 19.52
N ASP B 285 -27.83 -29.24 20.59
CA ASP B 285 -28.35 -29.31 21.95
C ASP B 285 -27.97 -28.01 22.65
N TRP B 286 -28.91 -27.07 22.72
CA TRP B 286 -28.59 -25.76 23.27
C TRP B 286 -28.30 -25.85 24.75
N GLU B 287 -29.00 -26.73 25.47
CA GLU B 287 -28.82 -26.83 26.91
C GLU B 287 -27.44 -27.37 27.26
N LYS B 288 -27.03 -28.46 26.60
CA LYS B 288 -25.71 -29.04 26.81
C LYS B 288 -24.60 -28.28 26.11
N GLU B 289 -24.95 -27.41 25.15
CA GLU B 289 -23.97 -26.70 24.33
C GLU B 289 -23.05 -27.67 23.62
N GLU B 290 -23.64 -28.56 22.82
CA GLU B 290 -22.88 -29.45 21.95
C GLU B 290 -23.81 -29.97 20.87
N MET B 291 -23.30 -30.06 19.65
CA MET B 291 -24.04 -30.64 18.53
C MET B 291 -23.25 -31.80 17.96
N THR B 292 -23.95 -32.89 17.64
CA THR B 292 -23.33 -34.15 17.26
C THR B 292 -23.62 -34.50 15.82
N ASN B 293 -22.82 -35.42 15.27
CA ASN B 293 -23.01 -35.91 13.91
C ASN B 293 -24.39 -36.52 13.72
N ALA C 1 -13.25 -10.76 9.26
CA ALA C 1 -13.85 -12.08 9.28
C ALA C 1 -14.81 -12.24 10.45
N ASP C 2 -14.26 -12.60 11.62
CA ASP C 2 -15.09 -12.78 12.80
C ASP C 2 -15.66 -11.47 13.31
N SER C 3 -14.93 -10.37 13.17
CA SER C 3 -15.40 -9.08 13.65
C SER C 3 -16.56 -8.53 12.82
N ASP C 4 -16.77 -9.05 11.61
CA ASP C 4 -17.85 -8.57 10.76
C ASP C 4 -19.21 -9.09 11.20
N ILE C 5 -19.24 -10.14 12.02
CA ILE C 5 -20.50 -10.73 12.48
C ILE C 5 -20.83 -10.19 13.86
N ASN C 6 -20.22 -9.06 14.22
CA ASN C 6 -20.39 -8.38 15.50
C ASN C 6 -19.83 -9.17 16.68
N ILE C 7 -19.16 -10.28 16.42
CA ILE C 7 -18.50 -11.03 17.48
C ILE C 7 -17.13 -10.43 17.74
N LYS C 8 -16.75 -10.33 19.00
CA LYS C 8 -15.45 -9.79 19.36
C LYS C 8 -14.34 -10.63 18.74
N THR C 9 -13.28 -9.97 18.28
CA THR C 9 -12.17 -10.66 17.65
C THR C 9 -11.52 -11.64 18.63
N GLY C 10 -11.29 -12.86 18.15
CA GLY C 10 -10.68 -13.89 18.96
C GLY C 10 -11.61 -14.65 19.86
N THR C 11 -12.91 -14.34 19.84
CA THR C 11 -13.85 -15.04 20.72
C THR C 11 -13.97 -16.51 20.34
N THR C 12 -14.12 -16.80 19.06
CA THR C 12 -14.34 -18.17 18.60
C THR C 12 -13.05 -18.94 18.37
N ASP C 13 -11.89 -18.31 18.55
CA ASP C 13 -10.62 -19.03 18.46
C ASP C 13 -10.44 -19.93 19.68
N ILE C 14 -9.47 -20.84 19.58
CA ILE C 14 -9.23 -21.81 20.64
C ILE C 14 -7.82 -21.66 21.20
N GLY C 15 -7.53 -22.34 22.30
CA GLY C 15 -6.22 -22.30 22.93
C GLY C 15 -6.08 -21.35 24.09
N SER C 16 -7.16 -20.77 24.58
CA SER C 16 -7.08 -19.86 25.72
C SER C 16 -6.91 -20.64 27.02
N ASN C 17 -6.24 -20.00 27.99
CA ASN C 17 -5.99 -20.53 29.33
C ASN C 17 -5.64 -22.02 29.34
N THR C 18 -4.82 -22.46 28.39
CA THR C 18 -4.40 -23.84 28.31
C THR C 18 -2.91 -23.91 28.00
N THR C 19 -2.33 -25.08 28.22
CA THR C 19 -0.89 -25.29 28.08
C THR C 19 -0.63 -26.22 26.91
N VAL C 20 -0.09 -25.67 25.83
CA VAL C 20 0.36 -26.48 24.70
C VAL C 20 1.73 -27.05 25.03
N LYS C 21 1.95 -28.31 24.69
CA LYS C 21 3.26 -28.95 24.82
C LYS C 21 3.86 -29.10 23.44
N THR C 22 4.71 -28.15 23.06
CA THR C 22 5.28 -28.14 21.73
C THR C 22 6.44 -29.14 21.67
N GLY C 23 7.14 -29.18 20.55
CA GLY C 23 8.21 -30.13 20.38
C GLY C 23 8.94 -29.90 19.07
N ASP C 24 9.82 -30.84 18.74
CA ASP C 24 10.64 -30.71 17.55
C ASP C 24 11.30 -32.04 17.26
N LEU C 25 11.39 -32.39 15.98
CA LEU C 25 11.97 -33.67 15.57
C LEU C 25 12.67 -33.48 14.23
N VAL C 26 13.99 -33.60 14.22
CA VAL C 26 14.80 -33.29 13.04
C VAL C 26 15.43 -34.58 12.53
N THR C 27 15.36 -34.77 11.21
CA THR C 27 15.96 -35.92 10.55
C THR C 27 16.65 -35.44 9.29
N TYR C 28 17.72 -36.14 8.90
CA TYR C 28 18.39 -35.85 7.64
C TYR C 28 18.56 -37.15 6.87
N ASP C 29 18.15 -37.14 5.60
CA ASP C 29 18.16 -38.32 4.74
C ASP C 29 19.28 -38.14 3.72
N LYS C 30 20.48 -38.58 4.09
CA LYS C 30 21.65 -38.27 3.27
C LYS C 30 21.61 -38.94 1.91
N GLU C 31 20.85 -40.03 1.77
CA GLU C 31 20.74 -40.69 0.48
C GLU C 31 20.03 -39.79 -0.54
N ASN C 32 18.94 -39.15 -0.13
CA ASN C 32 18.16 -38.29 -1.01
C ASN C 32 18.36 -36.80 -0.75
N GLY C 33 19.10 -36.43 0.29
CA GLY C 33 19.32 -35.03 0.58
C GLY C 33 18.07 -34.26 0.96
N MET C 34 17.31 -34.77 1.92
CA MET C 34 16.07 -34.13 2.37
C MET C 34 16.14 -33.86 3.87
N HIS C 35 16.55 -32.65 4.25
CA HIS C 35 16.45 -32.23 5.64
C HIS C 35 14.98 -32.17 6.05
N LYS C 36 14.67 -32.77 7.19
CA LYS C 36 13.29 -33.01 7.58
C LYS C 36 13.07 -32.56 9.02
N LYS C 37 11.92 -31.95 9.27
CA LYS C 37 11.66 -31.34 10.58
C LYS C 37 10.16 -31.26 10.81
N VAL C 38 9.69 -31.79 11.93
CA VAL C 38 8.27 -32.04 12.15
C VAL C 38 7.75 -31.37 13.42
N PHE C 39 8.10 -30.10 13.63
CA PHE C 39 7.55 -29.31 14.73
C PHE C 39 6.07 -29.58 14.94
N TYR C 40 5.70 -29.91 16.18
CA TYR C 40 4.33 -30.26 16.53
C TYR C 40 3.89 -29.47 17.75
N SER C 41 2.63 -29.64 18.14
CA SER C 41 2.08 -28.92 19.29
C SER C 41 0.75 -29.52 19.73
N PHE C 42 0.64 -29.88 21.01
CA PHE C 42 -0.53 -30.57 21.53
C PHE C 42 -1.39 -29.57 22.30
N ILE C 43 -2.46 -29.09 21.65
CA ILE C 43 -3.34 -28.08 22.21
C ILE C 43 -4.52 -28.80 22.84
N ASP C 44 -4.67 -28.69 24.16
CA ASP C 44 -5.73 -29.35 24.88
C ASP C 44 -6.59 -28.30 25.59
N ASP C 45 -7.74 -27.97 24.99
CA ASP C 45 -8.72 -27.09 25.61
C ASP C 45 -9.76 -27.95 26.31
N LYS C 46 -10.20 -27.52 27.49
CA LYS C 46 -11.30 -28.23 28.13
C LYS C 46 -12.63 -27.86 27.50
N ASN C 47 -12.70 -26.71 26.83
CA ASN C 47 -13.92 -26.36 26.10
C ASN C 47 -14.05 -27.15 24.80
N HIS C 48 -12.96 -27.29 24.06
CA HIS C 48 -13.00 -28.02 22.79
C HIS C 48 -13.39 -29.47 23.03
N ASN C 49 -14.16 -30.03 22.10
CA ASN C 49 -14.67 -31.38 22.27
C ASN C 49 -13.72 -32.46 21.78
N LYS C 50 -12.58 -32.09 21.19
CA LYS C 50 -11.58 -33.05 20.75
C LYS C 50 -10.20 -32.49 21.02
N LYS C 51 -9.23 -33.37 21.22
CA LYS C 51 -7.86 -32.94 21.35
C LYS C 51 -7.34 -32.46 19.99
N LEU C 52 -6.25 -31.71 20.03
CA LEU C 52 -5.66 -31.18 18.81
C LEU C 52 -4.17 -31.46 18.77
N LEU C 53 -3.63 -31.46 17.55
CA LEU C 53 -2.19 -31.61 17.35
C LEU C 53 -1.88 -31.00 15.98
N VAL C 54 -1.24 -29.84 15.98
CA VAL C 54 -0.86 -29.18 14.74
C VAL C 54 0.55 -29.65 14.35
N ILE C 55 0.69 -30.16 13.14
CA ILE C 55 1.96 -30.71 12.67
C ILE C 55 2.52 -29.76 11.63
N ARG C 56 3.60 -29.06 11.97
CA ARG C 56 4.33 -28.24 11.03
C ARG C 56 5.34 -29.10 10.31
N THR C 57 5.29 -29.10 8.98
CA THR C 57 6.11 -29.98 8.15
C THR C 57 7.28 -29.24 7.52
N LYS C 58 7.97 -28.40 8.28
CA LYS C 58 9.13 -27.67 7.78
C LYS C 58 10.23 -28.63 7.32
N GLY C 59 11.27 -28.07 6.76
CA GLY C 59 12.38 -28.88 6.33
C GLY C 59 13.08 -28.25 5.14
N THR C 60 13.58 -29.10 4.25
CA THR C 60 14.17 -28.67 3.00
C THR C 60 14.37 -29.88 2.10
N ILE C 61 13.99 -29.75 0.84
CA ILE C 61 14.19 -30.78 -0.17
C ILE C 61 15.19 -30.23 -1.17
N ALA C 62 16.39 -30.80 -1.20
CA ALA C 62 17.46 -30.24 -2.01
C ALA C 62 17.12 -30.34 -3.50
N GLY C 63 17.53 -29.32 -4.25
CA GLY C 63 17.14 -29.25 -5.66
C GLY C 63 17.75 -30.35 -6.51
N GLN C 64 19.04 -30.60 -6.34
CA GLN C 64 19.76 -31.60 -7.13
C GLN C 64 19.67 -31.28 -8.63
N TYR C 65 20.32 -30.18 -9.01
CA TYR C 65 20.34 -29.69 -10.39
C TYR C 65 21.76 -29.85 -10.92
N ARG C 66 22.00 -30.89 -11.70
CA ARG C 66 23.35 -31.20 -12.13
C ARG C 66 23.31 -32.01 -13.41
N VAL C 67 24.42 -32.00 -14.14
CA VAL C 67 24.58 -32.76 -15.38
C VAL C 67 24.89 -34.21 -15.01
N TYR C 68 23.90 -35.10 -15.16
CA TYR C 68 24.08 -36.45 -14.66
C TYR C 68 25.01 -37.26 -15.55
N SER C 69 25.01 -37.02 -16.86
CA SER C 69 25.87 -37.78 -17.75
C SER C 69 26.18 -36.97 -19.00
N GLU C 70 27.30 -37.29 -19.62
CA GLU C 70 27.69 -36.71 -20.90
C GLU C 70 28.24 -37.80 -21.81
N GLU C 71 27.88 -37.73 -23.08
CA GLU C 71 28.27 -38.74 -24.07
C GLU C 71 28.96 -38.03 -25.23
N GLY C 72 30.25 -37.78 -25.08
CA GLY C 72 30.98 -37.03 -26.08
C GLY C 72 30.75 -35.53 -25.99
N ALA C 73 31.17 -34.83 -27.03
CA ALA C 73 31.04 -33.39 -27.12
C ALA C 73 29.81 -32.96 -27.93
N ASN C 74 28.94 -33.90 -28.27
CA ASN C 74 27.72 -33.58 -29.02
C ASN C 74 26.45 -34.06 -28.32
N LYS C 75 26.55 -34.51 -27.06
CA LYS C 75 25.38 -34.99 -26.35
C LYS C 75 25.65 -34.90 -24.85
N SER C 76 24.64 -34.47 -24.10
CA SER C 76 24.74 -34.36 -22.65
C SER C 76 23.35 -34.33 -22.06
N GLY C 77 23.28 -34.50 -20.74
CA GLY C 77 22.02 -34.56 -20.05
C GLY C 77 22.03 -33.69 -18.81
N LEU C 78 20.84 -33.46 -18.27
CA LEU C 78 20.67 -32.62 -17.09
C LEU C 78 19.44 -33.11 -16.34
N ALA C 79 19.58 -33.31 -15.04
CA ALA C 79 18.48 -33.75 -14.21
C ALA C 79 18.09 -32.62 -13.28
N TRP C 80 16.85 -32.16 -13.37
CA TRP C 80 16.43 -31.00 -12.59
C TRP C 80 15.12 -31.29 -11.88
N PRO C 81 14.87 -30.65 -10.75
CA PRO C 81 13.67 -30.97 -9.96
C PRO C 81 12.39 -30.44 -10.57
N SER C 82 11.56 -31.34 -11.10
CA SER C 82 10.33 -30.93 -11.75
C SER C 82 9.27 -30.55 -10.74
N ALA C 83 9.24 -31.22 -9.59
CA ALA C 83 8.16 -30.99 -8.63
C ALA C 83 8.57 -31.54 -7.27
N PHE C 84 8.33 -30.76 -6.22
CA PHE C 84 8.52 -31.18 -4.85
C PHE C 84 7.18 -31.53 -4.23
N LYS C 85 7.17 -32.55 -3.38
CA LYS C 85 5.93 -33.01 -2.76
C LYS C 85 6.14 -33.26 -1.28
N VAL C 86 5.05 -33.12 -0.52
CA VAL C 86 5.03 -33.40 0.91
C VAL C 86 3.67 -34.01 1.22
N GLN C 87 3.65 -35.27 1.62
CA GLN C 87 2.42 -35.98 1.96
C GLN C 87 2.44 -36.34 3.44
N LEU C 88 1.27 -36.41 4.04
CA LEU C 88 1.13 -36.73 5.46
C LEU C 88 0.00 -37.74 5.63
N GLN C 89 0.31 -39.02 5.44
CA GLN C 89 -0.70 -40.07 5.50
C GLN C 89 -0.96 -40.50 6.94
N LEU C 90 -2.09 -41.17 7.13
CA LEU C 90 -2.53 -41.64 8.42
C LEU C 90 -3.19 -42.98 8.19
N PRO C 91 -2.80 -44.03 8.93
CA PRO C 91 -3.36 -45.36 8.66
C PRO C 91 -4.87 -45.36 8.82
N ASP C 92 -5.55 -46.06 7.92
CA ASP C 92 -7.01 -46.12 7.96
C ASP C 92 -7.50 -46.88 9.18
N ASN C 93 -6.62 -47.61 9.87
CA ASN C 93 -7.00 -48.27 11.11
C ASN C 93 -7.29 -47.27 12.22
N GLU C 94 -6.51 -46.19 12.28
CA GLU C 94 -6.61 -45.24 13.40
C GLU C 94 -7.89 -44.43 13.29
N VAL C 95 -8.31 -43.88 14.43
CA VAL C 95 -9.56 -43.12 14.52
C VAL C 95 -9.33 -41.62 14.62
N ALA C 96 -8.08 -41.17 14.64
CA ALA C 96 -7.82 -39.76 14.53
C ALA C 96 -8.01 -39.30 13.09
N GLN C 97 -8.42 -38.06 12.92
CA GLN C 97 -8.75 -37.51 11.61
C GLN C 97 -8.02 -36.20 11.41
N ILE C 98 -7.64 -35.90 10.18
CA ILE C 98 -7.08 -34.59 9.90
C ILE C 98 -8.22 -33.58 9.91
N SER C 99 -8.03 -32.50 10.65
CA SER C 99 -9.08 -31.51 10.83
C SER C 99 -8.99 -30.40 9.78
N ASP C 100 -7.86 -29.72 9.71
CA ASP C 100 -7.67 -28.64 8.77
C ASP C 100 -6.28 -28.75 8.15
N TYR C 101 -5.90 -27.71 7.40
CA TYR C 101 -4.65 -27.68 6.67
C TYR C 101 -4.44 -26.28 6.15
N TYR C 102 -3.18 -25.92 5.92
CA TYR C 102 -2.84 -24.61 5.39
C TYR C 102 -1.45 -24.72 4.81
N PRO C 103 -1.19 -24.16 3.62
CA PRO C 103 -2.05 -23.35 2.74
C PRO C 103 -3.09 -24.15 1.98
N ARG C 104 -4.00 -23.45 1.31
CA ARG C 104 -5.06 -24.06 0.52
C ARG C 104 -5.14 -23.41 -0.84
N ASN C 105 -5.92 -24.01 -1.72
CA ASN C 105 -6.07 -23.49 -3.07
C ASN C 105 -6.76 -22.13 -3.07
N SER C 106 -6.25 -21.22 -3.90
CA SER C 106 -6.76 -19.87 -3.99
C SER C 106 -7.18 -19.58 -5.42
N ILE C 107 -8.12 -18.65 -5.57
CA ILE C 107 -8.70 -18.31 -6.86
C ILE C 107 -7.84 -17.27 -7.55
N ASP C 108 -7.53 -17.49 -8.82
CA ASP C 108 -6.68 -16.59 -9.58
C ASP C 108 -7.45 -15.31 -9.93
N THR C 109 -6.77 -14.41 -10.62
CA THR C 109 -7.35 -13.14 -11.03
C THR C 109 -6.58 -12.64 -12.24
N LYS C 110 -7.25 -11.81 -13.05
CA LYS C 110 -6.60 -11.22 -14.21
C LYS C 110 -7.28 -9.89 -14.49
N GLU C 111 -6.51 -8.92 -14.97
CA GLU C 111 -7.04 -7.62 -15.32
C GLU C 111 -7.34 -7.58 -16.82
N TYR C 112 -8.52 -7.09 -17.16
CA TYR C 112 -8.92 -6.94 -18.55
C TYR C 112 -9.11 -5.46 -18.84
N MET C 113 -8.48 -4.98 -19.90
CA MET C 113 -8.53 -3.57 -20.27
C MET C 113 -8.84 -3.44 -21.75
N SER C 114 -9.79 -2.59 -22.09
CA SER C 114 -10.23 -2.43 -23.47
C SER C 114 -10.12 -0.98 -23.89
N THR C 115 -9.91 -0.76 -25.18
CA THR C 115 -9.67 0.56 -25.73
C THR C 115 -10.60 0.77 -26.92
N LEU C 116 -10.87 2.05 -27.22
CA LEU C 116 -11.63 2.41 -28.40
C LEU C 116 -11.21 3.84 -28.77
N THR C 117 -10.36 3.96 -29.78
CA THR C 117 -9.79 5.24 -30.18
C THR C 117 -10.12 5.51 -31.64
N TYR C 118 -10.70 6.67 -31.91
CA TYR C 118 -10.93 7.10 -33.29
C TYR C 118 -10.51 8.54 -33.46
N GLY C 119 -9.80 8.82 -34.55
CA GLY C 119 -9.26 10.13 -34.81
C GLY C 119 -9.53 10.58 -36.23
N PHE C 120 -9.06 11.78 -36.53
CA PHE C 120 -9.24 12.40 -37.83
C PHE C 120 -7.93 13.05 -38.25
N ASN C 121 -7.74 13.20 -39.57
CA ASN C 121 -6.50 13.72 -40.12
C ASN C 121 -6.82 14.86 -41.08
N GLY C 122 -5.97 15.88 -41.06
CA GLY C 122 -6.14 17.00 -41.96
C GLY C 122 -5.06 17.04 -43.01
N ILE C 136 -10.49 13.67 -45.80
CA ILE C 136 -10.30 13.43 -44.38
C ILE C 136 -10.15 11.94 -44.10
N GLY C 137 -9.01 11.56 -43.52
CA GLY C 137 -8.75 10.16 -43.20
C GLY C 137 -9.19 9.75 -41.81
N ALA C 138 -10.49 9.67 -41.57
CA ALA C 138 -10.98 9.22 -40.28
C ALA C 138 -10.63 7.75 -40.07
N ASN C 139 -9.99 7.44 -38.95
CA ASN C 139 -9.63 6.08 -38.58
C ASN C 139 -10.36 5.67 -37.30
N VAL C 140 -10.35 4.37 -37.04
CA VAL C 140 -10.92 3.80 -35.82
C VAL C 140 -10.00 2.69 -35.34
N SER C 141 -9.73 2.65 -34.04
CA SER C 141 -8.86 1.64 -33.46
C SER C 141 -9.53 1.00 -32.25
N ILE C 142 -9.55 -0.32 -32.21
CA ILE C 142 -10.16 -1.09 -31.14
C ILE C 142 -9.16 -2.12 -30.66
N GLY C 143 -8.93 -2.18 -29.36
CA GLY C 143 -7.94 -3.09 -28.82
C GLY C 143 -8.26 -3.46 -27.40
N HIS C 144 -7.75 -4.61 -26.95
CA HIS C 144 -7.93 -5.06 -25.59
C HIS C 144 -6.69 -5.78 -25.10
N THR C 145 -6.33 -5.53 -23.84
CA THR C 145 -5.15 -6.13 -23.22
C THR C 145 -5.55 -6.87 -21.96
N LEU C 146 -4.74 -7.86 -21.58
CA LEU C 146 -5.08 -8.75 -20.47
C LEU C 146 -3.80 -9.17 -19.78
N LYS C 147 -3.70 -8.92 -18.47
CA LYS C 147 -2.46 -9.14 -17.73
C LYS C 147 -2.70 -9.90 -16.44
N TYR C 148 -1.69 -10.65 -16.02
CA TYR C 148 -1.76 -11.51 -14.86
C TYR C 148 -0.35 -11.95 -14.49
N VAL C 149 -0.16 -12.34 -13.23
CA VAL C 149 1.17 -12.70 -12.74
C VAL C 149 1.35 -14.21 -12.83
N GLN C 150 2.60 -14.64 -13.00
CA GLN C 150 2.93 -16.04 -13.25
C GLN C 150 4.09 -16.49 -12.36
N PRO C 151 3.81 -17.11 -11.22
CA PRO C 151 4.89 -17.60 -10.38
C PRO C 151 5.68 -18.69 -11.07
N ASP C 152 6.97 -18.77 -10.75
CA ASP C 152 7.81 -19.82 -11.33
C ASP C 152 7.38 -21.21 -10.88
N PHE C 153 7.06 -21.36 -9.60
CA PHE C 153 6.60 -22.62 -9.03
C PHE C 153 5.24 -22.41 -8.38
N LYS C 154 4.34 -23.38 -8.54
CA LYS C 154 2.98 -23.29 -8.04
C LYS C 154 2.79 -24.23 -6.85
N THR C 155 2.31 -23.69 -5.73
CA THR C 155 2.06 -24.50 -4.54
C THR C 155 0.61 -24.95 -4.56
N ILE C 156 0.38 -26.15 -5.09
CA ILE C 156 -0.95 -26.72 -5.20
C ILE C 156 -1.20 -27.62 -4.01
N LEU C 157 -2.32 -27.43 -3.33
CA LEU C 157 -2.77 -28.39 -2.32
C LEU C 157 -3.49 -29.52 -3.03
N GLU C 158 -2.87 -30.68 -3.07
CA GLU C 158 -3.51 -31.85 -3.62
C GLU C 158 -4.72 -32.19 -2.76
N SER C 159 -5.75 -32.74 -3.39
CA SER C 159 -7.04 -32.92 -2.74
C SER C 159 -6.89 -33.76 -1.47
N PRO C 160 -7.31 -33.26 -0.32
CA PRO C 160 -7.18 -34.01 0.93
C PRO C 160 -8.36 -34.94 1.15
N THR C 161 -8.19 -35.85 2.10
CA THR C 161 -9.22 -36.78 2.51
C THR C 161 -9.22 -36.84 4.03
N ASP C 162 -9.91 -37.83 4.59
CA ASP C 162 -10.01 -37.94 6.04
C ASP C 162 -8.69 -38.36 6.67
N LYS C 163 -7.94 -39.23 5.99
CA LYS C 163 -6.70 -39.75 6.52
C LYS C 163 -5.45 -39.25 5.80
N LYS C 164 -5.60 -38.59 4.66
CA LYS C 164 -4.44 -38.21 3.86
C LYS C 164 -4.59 -36.77 3.40
N VAL C 165 -3.52 -35.99 3.54
CA VAL C 165 -3.43 -34.65 2.98
C VAL C 165 -2.02 -34.46 2.46
N GLY C 166 -1.91 -33.82 1.29
CA GLY C 166 -0.60 -33.60 0.70
C GLY C 166 -0.57 -32.34 -0.11
N TRP C 167 0.63 -31.82 -0.29
CA TRP C 167 0.88 -30.66 -1.13
C TRP C 167 1.86 -31.03 -2.24
N LYS C 168 2.00 -30.15 -3.20
CA LYS C 168 3.04 -30.28 -4.21
C LYS C 168 3.37 -28.91 -4.75
N VAL C 169 4.60 -28.77 -5.23
CA VAL C 169 5.08 -27.53 -5.83
C VAL C 169 5.60 -27.87 -7.22
N ILE C 170 4.89 -27.43 -8.25
CA ILE C 170 5.17 -27.83 -9.62
C ILE C 170 5.87 -26.67 -10.35
N PHE C 171 6.41 -26.98 -11.51
CA PHE C 171 7.21 -26.02 -12.28
C PHE C 171 6.30 -25.35 -13.30
N ASN C 172 6.00 -24.07 -13.07
CA ASN C 172 5.14 -23.34 -13.99
C ASN C 172 5.86 -23.01 -15.29
N ASN C 173 6.82 -22.08 -15.24
CA ASN C 173 7.65 -21.69 -16.37
C ASN C 173 8.71 -20.73 -15.86
N MET C 174 9.71 -20.47 -16.70
CA MET C 174 10.85 -19.67 -16.30
C MET C 174 11.41 -18.92 -17.50
N VAL C 175 11.94 -17.74 -17.24
CA VAL C 175 12.46 -16.86 -18.28
C VAL C 175 13.95 -17.10 -18.42
N ASN C 176 14.38 -17.46 -19.61
CA ASN C 176 15.75 -17.89 -19.87
C ASN C 176 16.53 -16.73 -20.47
N GLN C 177 17.42 -16.15 -19.67
CA GLN C 177 18.25 -15.01 -20.08
C GLN C 177 17.39 -13.90 -20.68
N ASN C 178 16.41 -13.44 -19.90
CA ASN C 178 15.55 -12.33 -20.26
C ASN C 178 14.98 -12.51 -21.67
N TRP C 179 14.55 -13.74 -21.95
CA TRP C 179 14.13 -14.09 -23.31
C TRP C 179 13.18 -15.29 -23.18
N GLY C 180 11.88 -15.00 -23.25
CA GLY C 180 10.88 -16.05 -23.39
C GLY C 180 10.58 -16.71 -22.06
N PRO C 181 9.31 -16.82 -21.73
CA PRO C 181 8.91 -17.74 -20.66
C PRO C 181 8.78 -19.15 -21.21
N TYR C 182 9.65 -20.05 -20.80
CA TYR C 182 9.66 -21.42 -21.30
C TYR C 182 9.12 -22.39 -20.26
N ASP C 183 8.48 -23.45 -20.74
CA ASP C 183 7.90 -24.46 -19.87
C ASP C 183 8.30 -25.83 -20.39
N ARG C 184 7.87 -26.88 -19.68
CA ARG C 184 8.25 -28.23 -20.05
C ARG C 184 7.64 -28.65 -21.39
N ASP C 185 6.57 -27.99 -21.81
CA ASP C 185 5.86 -28.37 -23.02
C ASP C 185 6.24 -27.55 -24.24
N SER C 186 7.07 -26.51 -24.10
CA SER C 186 7.40 -25.67 -25.24
C SER C 186 8.18 -26.46 -26.28
N TRP C 187 7.96 -26.11 -27.55
CA TRP C 187 8.67 -26.76 -28.63
C TRP C 187 8.87 -25.76 -29.77
N ASN C 188 10.09 -25.75 -30.31
CA ASN C 188 10.46 -24.88 -31.42
C ASN C 188 11.06 -25.78 -32.48
N PRO C 189 10.53 -25.81 -33.71
CA PRO C 189 10.96 -26.82 -34.68
C PRO C 189 12.45 -26.84 -34.95
N VAL C 190 13.12 -25.70 -34.89
CA VAL C 190 14.55 -25.65 -35.16
C VAL C 190 15.35 -26.05 -33.94
N TYR C 191 15.09 -25.40 -32.81
CA TYR C 191 15.91 -25.56 -31.61
C TYR C 191 15.35 -26.52 -30.58
N GLY C 192 14.11 -26.97 -30.73
CA GLY C 192 13.57 -27.82 -29.69
C GLY C 192 13.24 -27.03 -28.45
N ASN C 193 13.05 -27.75 -27.35
CA ASN C 193 12.74 -27.10 -26.08
C ASN C 193 13.99 -26.45 -25.51
N GLN C 194 14.02 -25.13 -25.48
CA GLN C 194 15.21 -24.37 -25.10
C GLN C 194 15.13 -23.88 -23.65
N LEU C 195 14.66 -24.75 -22.76
CA LEU C 195 14.39 -24.35 -21.39
C LEU C 195 15.67 -23.94 -20.66
N PHE C 196 16.74 -24.73 -20.79
CA PHE C 196 18.00 -24.52 -20.08
C PHE C 196 19.17 -24.48 -21.05
N MET C 197 18.96 -23.93 -22.24
CA MET C 197 19.99 -23.91 -23.27
C MET C 197 20.71 -22.58 -23.19
N LYS C 198 21.99 -22.63 -22.83
CA LYS C 198 22.78 -21.41 -22.65
C LYS C 198 22.92 -20.64 -23.96
N THR C 199 23.30 -21.33 -25.04
CA THR C 199 23.55 -20.71 -26.33
C THR C 199 22.94 -21.55 -27.44
N ARG C 200 22.37 -20.88 -28.44
CA ARG C 200 21.74 -21.58 -29.55
C ARG C 200 22.79 -22.07 -30.55
N ASN C 201 23.54 -21.15 -31.15
CA ASN C 201 24.64 -21.51 -32.05
C ASN C 201 25.97 -21.50 -31.29
N GLY C 202 25.99 -22.24 -30.20
CA GLY C 202 27.21 -22.36 -29.43
C GLY C 202 28.19 -23.32 -30.07
N SER C 203 29.45 -23.17 -29.68
CA SER C 203 30.52 -24.02 -30.19
C SER C 203 31.27 -24.74 -29.07
N MET C 204 30.72 -24.77 -27.86
CA MET C 204 31.39 -25.38 -26.73
C MET C 204 31.01 -26.85 -26.62
N LYS C 205 31.62 -27.52 -25.66
CA LYS C 205 31.23 -28.88 -25.34
C LYS C 205 29.77 -28.90 -24.89
N ALA C 206 29.08 -29.99 -25.18
CA ALA C 206 27.67 -30.08 -24.82
C ALA C 206 27.48 -30.02 -23.31
N ALA C 207 28.37 -30.65 -22.56
CA ALA C 207 28.27 -30.64 -21.11
C ALA C 207 28.39 -29.25 -20.52
N ASP C 208 28.95 -28.28 -21.27
CA ASP C 208 29.16 -26.93 -20.77
C ASP C 208 28.27 -25.91 -21.46
N ASN C 209 27.15 -26.37 -22.02
CA ASN C 209 26.19 -25.50 -22.69
C ASN C 209 24.83 -25.50 -21.97
N PHE C 210 24.85 -25.56 -20.65
CA PHE C 210 23.63 -25.48 -19.87
C PHE C 210 23.61 -24.18 -19.06
N LEU C 211 22.40 -23.72 -18.76
CA LEU C 211 22.23 -22.48 -18.02
C LEU C 211 22.89 -22.59 -16.67
N ASP C 212 23.62 -21.54 -16.29
CA ASP C 212 24.29 -21.53 -15.00
C ASP C 212 23.26 -21.57 -13.88
N PRO C 213 23.45 -22.41 -12.86
CA PRO C 213 22.40 -22.58 -11.85
C PRO C 213 22.04 -21.29 -11.13
N ASN C 214 22.99 -20.35 -11.04
CA ASN C 214 22.68 -19.04 -10.46
C ASN C 214 21.70 -18.27 -11.34
N LYS C 215 21.83 -18.39 -12.66
CA LYS C 215 20.92 -17.70 -13.57
C LYS C 215 19.51 -18.24 -13.47
N ALA C 216 19.37 -19.53 -13.15
CA ALA C 216 18.05 -20.14 -13.02
C ALA C 216 17.35 -19.65 -11.75
N SER C 217 16.18 -20.22 -11.49
CA SER C 217 15.49 -20.00 -10.23
C SER C 217 16.29 -20.61 -9.09
N SER C 218 16.08 -20.08 -7.89
CA SER C 218 16.79 -20.62 -6.72
C SER C 218 16.32 -22.02 -6.38
N LEU C 219 15.02 -22.30 -6.55
CA LEU C 219 14.48 -23.59 -6.15
C LEU C 219 15.04 -24.73 -6.97
N LEU C 220 15.59 -24.44 -8.15
CA LEU C 220 16.08 -25.52 -9.00
C LEU C 220 17.31 -26.19 -8.41
N SER C 221 18.29 -25.43 -7.94
CA SER C 221 19.54 -25.98 -7.47
C SER C 221 19.70 -25.97 -5.96
N SER C 222 19.21 -24.95 -5.27
CA SER C 222 19.41 -24.83 -3.84
C SER C 222 18.29 -25.42 -2.99
N GLY C 223 17.18 -25.81 -3.60
CA GLY C 223 16.18 -26.60 -2.91
C GLY C 223 15.00 -25.76 -2.42
N PHE C 224 13.96 -26.48 -2.01
CA PHE C 224 12.69 -25.90 -1.59
C PHE C 224 12.42 -26.30 -0.15
N SER C 225 12.14 -25.31 0.70
CA SER C 225 11.92 -25.54 2.12
C SER C 225 10.44 -25.38 2.46
N PRO C 226 9.72 -26.47 2.76
CA PRO C 226 8.29 -26.37 2.99
C PRO C 226 7.94 -25.56 4.24
N ASP C 227 6.68 -25.13 4.29
CA ASP C 227 6.09 -24.64 5.54
C ASP C 227 4.59 -24.93 5.45
N PHE C 228 4.19 -26.06 6.00
CA PHE C 228 2.84 -26.58 5.86
C PHE C 228 2.32 -26.97 7.23
N ALA C 229 1.01 -26.97 7.41
CA ALA C 229 0.42 -27.30 8.70
C ALA C 229 -0.82 -28.17 8.53
N THR C 230 -0.96 -29.17 9.39
CA THR C 230 -2.14 -30.04 9.42
C THR C 230 -2.48 -30.30 10.87
N VAL C 231 -3.64 -29.83 11.31
CA VAL C 231 -4.14 -30.14 12.64
C VAL C 231 -4.96 -31.41 12.57
N ILE C 232 -4.65 -32.38 13.42
CA ILE C 232 -5.40 -33.63 13.50
C ILE C 232 -6.06 -33.69 14.88
N THR C 233 -7.33 -34.10 14.91
CA THR C 233 -8.11 -34.15 16.13
C THR C 233 -8.45 -35.59 16.46
N MET C 234 -8.46 -35.91 17.75
CA MET C 234 -8.81 -37.26 18.20
C MET C 234 -9.93 -37.18 19.23
N ASP C 235 -10.86 -38.13 19.14
CA ASP C 235 -11.93 -38.22 20.13
C ASP C 235 -11.34 -38.37 21.51
N ARG C 236 -11.94 -37.66 22.47
CA ARG C 236 -11.35 -37.60 23.80
C ARG C 236 -11.58 -38.87 24.61
N LYS C 237 -12.58 -39.68 24.25
CA LYS C 237 -12.89 -40.93 24.94
C LYS C 237 -12.51 -42.15 24.10
N ALA C 238 -11.47 -42.04 23.30
CA ALA C 238 -11.04 -43.16 22.48
C ALA C 238 -10.55 -44.32 23.35
N SER C 239 -10.72 -45.53 22.82
CA SER C 239 -10.27 -46.71 23.55
C SER C 239 -8.77 -46.70 23.75
N LYS C 240 -8.01 -46.43 22.70
CA LYS C 240 -6.56 -46.29 22.80
C LYS C 240 -6.16 -44.89 22.34
N GLN C 241 -5.37 -44.20 23.16
CA GLN C 241 -4.89 -42.87 22.83
C GLN C 241 -3.48 -42.97 22.25
N GLN C 242 -3.42 -43.55 21.05
CA GLN C 242 -2.14 -43.67 20.37
C GLN C 242 -2.31 -43.99 18.90
N THR C 243 -1.71 -43.18 18.03
CA THR C 243 -1.81 -43.34 16.59
C THR C 243 -0.46 -43.04 15.95
N ASN C 244 -0.03 -43.89 15.04
CA ASN C 244 1.17 -43.61 14.27
C ASN C 244 0.84 -42.85 13.00
N ILE C 245 1.81 -42.07 12.51
CA ILE C 245 1.66 -41.25 11.31
C ILE C 245 2.87 -41.43 10.42
N ASP C 246 2.64 -41.38 9.11
CA ASP C 246 3.69 -41.40 8.11
C ASP C 246 3.71 -40.06 7.39
N VAL C 247 4.89 -39.45 7.27
CA VAL C 247 5.08 -38.24 6.50
C VAL C 247 6.12 -38.54 5.42
N ILE C 248 5.80 -38.17 4.18
CA ILE C 248 6.59 -38.53 3.02
C ILE C 248 7.02 -37.25 2.31
N TYR C 249 8.32 -37.11 2.09
CA TYR C 249 8.84 -36.10 1.18
C TYR C 249 9.25 -36.78 -0.11
N GLU C 250 9.24 -36.02 -1.20
CA GLU C 250 9.75 -36.56 -2.46
C GLU C 250 9.94 -35.43 -3.46
N ARG C 251 10.83 -35.67 -4.41
CA ARG C 251 11.03 -34.77 -5.53
C ARG C 251 11.04 -35.58 -6.81
N VAL C 252 10.55 -34.97 -7.89
CA VAL C 252 10.46 -35.61 -9.19
C VAL C 252 11.40 -34.88 -10.14
N ARG C 253 12.29 -35.61 -10.78
CA ARG C 253 13.32 -35.00 -11.62
C ARG C 253 13.08 -35.35 -13.07
N ASP C 254 13.35 -34.38 -13.95
CA ASP C 254 13.18 -34.53 -15.39
C ASP C 254 14.54 -34.63 -16.06
N ASP C 255 14.60 -35.37 -17.16
CA ASP C 255 15.83 -35.52 -17.91
C ASP C 255 15.81 -34.55 -19.09
N TYR C 256 16.70 -33.57 -19.07
CA TYR C 256 16.79 -32.56 -20.12
C TYR C 256 18.04 -32.86 -20.95
N GLN C 257 17.83 -33.34 -22.17
CA GLN C 257 18.92 -33.70 -23.07
C GLN C 257 19.08 -32.63 -24.13
N LEU C 258 20.32 -32.32 -24.48
CA LEU C 258 20.59 -31.41 -25.57
C LEU C 258 21.76 -31.93 -26.39
N HIS C 259 21.64 -31.84 -27.71
CA HIS C 259 22.62 -32.42 -28.63
C HIS C 259 22.74 -31.52 -29.86
N TRP C 260 23.79 -31.77 -30.64
CA TRP C 260 24.08 -30.94 -31.82
C TRP C 260 23.50 -31.59 -33.07
N THR C 261 22.84 -30.78 -33.90
CA THR C 261 22.27 -31.24 -35.15
C THR C 261 23.12 -30.84 -36.36
N SER C 262 24.41 -30.58 -36.14
CA SER C 262 25.41 -30.15 -37.10
C SER C 262 25.24 -28.68 -37.49
N THR C 263 24.19 -28.01 -37.03
CA THR C 263 24.00 -26.58 -37.30
C THR C 263 23.70 -25.79 -36.05
N ASN C 264 22.93 -26.33 -35.12
CA ASN C 264 22.58 -25.66 -33.88
C ASN C 264 22.14 -26.69 -32.86
N TRP C 265 22.16 -26.30 -31.60
CA TRP C 265 21.75 -27.20 -30.53
C TRP C 265 20.25 -27.44 -30.57
N LYS C 266 19.85 -28.65 -30.23
CA LYS C 266 18.44 -28.98 -30.05
C LYS C 266 18.26 -29.66 -28.70
N GLY C 267 17.28 -29.20 -27.94
CA GLY C 267 17.07 -29.71 -26.59
C GLY C 267 15.70 -30.34 -26.44
N THR C 268 15.66 -31.45 -25.71
CA THR C 268 14.43 -32.18 -25.46
C THR C 268 14.31 -32.47 -23.97
N ASN C 269 13.08 -32.48 -23.48
CA ASN C 269 12.80 -32.68 -22.07
C ASN C 269 11.84 -33.86 -21.91
N THR C 270 12.18 -34.78 -21.01
CA THR C 270 11.35 -35.95 -20.72
C THR C 270 10.82 -35.83 -19.31
N LYS C 271 9.51 -35.97 -19.16
CA LYS C 271 8.84 -35.64 -17.91
C LYS C 271 8.81 -36.81 -16.95
N ASP C 272 9.08 -36.53 -15.68
CA ASP C 272 9.00 -37.50 -14.58
C ASP C 272 9.90 -38.70 -14.83
N LYS C 273 11.20 -38.44 -14.85
CA LYS C 273 12.15 -39.51 -15.12
C LYS C 273 12.49 -40.29 -13.85
N TRP C 274 12.85 -39.59 -12.78
CA TRP C 274 13.19 -40.21 -11.50
C TRP C 274 12.39 -39.56 -10.39
N THR C 275 11.95 -40.36 -9.42
CA THR C 275 11.28 -39.87 -8.23
C THR C 275 11.84 -40.60 -7.02
N ASP C 276 12.25 -39.84 -6.00
CA ASP C 276 12.83 -40.40 -4.79
C ASP C 276 12.05 -39.96 -3.58
N ARG C 277 11.58 -40.93 -2.79
CA ARG C 277 10.70 -40.67 -1.65
C ARG C 277 11.45 -40.91 -0.35
N SER C 278 11.27 -40.03 0.61
CA SER C 278 11.77 -40.20 1.96
C SER C 278 10.59 -40.30 2.90
N SER C 279 10.36 -41.47 3.46
CA SER C 279 9.23 -41.72 4.34
C SER C 279 9.72 -41.98 5.76
N GLU C 280 9.03 -41.37 6.72
CA GLU C 280 9.33 -41.55 8.14
C GLU C 280 8.03 -41.81 8.88
N ARG C 281 8.08 -42.63 9.92
CA ARG C 281 6.90 -42.97 10.69
C ARG C 281 7.05 -42.46 12.12
N TYR C 282 6.05 -41.72 12.57
CA TYR C 282 6.05 -41.11 13.90
C TYR C 282 4.90 -41.66 14.71
N LYS C 283 5.18 -41.99 15.96
CA LYS C 283 4.19 -42.55 16.86
C LYS C 283 3.74 -41.47 17.81
N ILE C 284 2.44 -41.24 17.87
CA ILE C 284 1.85 -40.16 18.67
C ILE C 284 1.29 -40.76 19.95
N ASP C 285 1.55 -40.10 21.07
CA ASP C 285 1.05 -40.55 22.37
C ASP C 285 0.20 -39.42 22.94
N TRP C 286 -1.12 -39.55 22.80
CA TRP C 286 -2.00 -38.48 23.22
C TRP C 286 -1.99 -38.29 24.73
N GLU C 287 -1.88 -39.40 25.48
CA GLU C 287 -1.92 -39.32 26.93
C GLU C 287 -0.69 -38.59 27.47
N LYS C 288 0.50 -38.97 27.01
CA LYS C 288 1.74 -38.33 27.43
C LYS C 288 1.96 -36.99 26.74
N GLU C 289 1.24 -36.71 25.66
CA GLU C 289 1.43 -35.51 24.86
C GLU C 289 2.87 -35.38 24.37
N GLU C 290 3.30 -36.39 23.63
CA GLU C 290 4.60 -36.37 22.98
C GLU C 290 4.60 -37.42 21.88
N MET C 291 5.21 -37.09 20.74
CA MET C 291 5.37 -38.03 19.65
C MET C 291 6.85 -38.16 19.30
N THR C 292 7.28 -39.38 19.03
CA THR C 292 8.69 -39.72 18.88
C THR C 292 9.01 -40.16 17.47
N ASN C 293 10.30 -40.11 17.13
CA ASN C 293 10.79 -40.56 15.83
C ASN C 293 10.41 -42.01 15.55
N ALA D 1 -1.58 -17.07 9.11
CA ALA D 1 -0.94 -18.38 9.23
C ALA D 1 -1.62 -19.22 10.30
N ASP D 2 -1.19 -19.03 11.55
CA ASP D 2 -1.77 -19.79 12.65
C ASP D 2 -3.21 -19.41 12.93
N SER D 3 -3.56 -18.13 12.73
CA SER D 3 -4.92 -17.69 13.01
C SER D 3 -5.93 -18.23 12.01
N ASP D 4 -5.47 -18.72 10.85
CA ASP D 4 -6.38 -19.25 9.84
C ASP D 4 -6.91 -20.63 10.20
N ILE D 5 -6.26 -21.32 11.14
CA ILE D 5 -6.68 -22.66 11.53
C ILE D 5 -7.53 -22.58 12.80
N ASN D 6 -8.06 -21.39 13.08
CA ASN D 6 -8.89 -21.08 14.24
C ASN D 6 -8.13 -21.16 15.55
N ILE D 7 -6.82 -21.32 15.50
CA ILE D 7 -6.01 -21.30 16.71
C ILE D 7 -5.65 -19.85 17.02
N LYS D 8 -5.69 -19.49 18.31
CA LYS D 8 -5.33 -18.14 18.73
C LYS D 8 -3.90 -17.83 18.34
N THR D 9 -3.66 -16.59 17.91
CA THR D 9 -2.34 -16.17 17.49
C THR D 9 -1.34 -16.30 18.64
N GLY D 10 -0.18 -16.89 18.35
CA GLY D 10 0.85 -17.08 19.34
C GLY D 10 0.68 -18.30 20.24
N THR D 11 -0.36 -19.10 20.03
CA THR D 11 -0.56 -20.26 20.88
C THR D 11 0.54 -21.30 20.68
N THR D 12 0.90 -21.57 19.43
CA THR D 12 1.88 -22.62 19.13
C THR D 12 3.32 -22.12 19.13
N ASP D 13 3.54 -20.82 19.35
CA ASP D 13 4.89 -20.30 19.47
C ASP D 13 5.50 -20.74 20.81
N ILE D 14 6.82 -20.57 20.94
CA ILE D 14 7.53 -21.00 22.13
C ILE D 14 8.20 -19.81 22.81
N GLY D 15 8.71 -20.03 24.01
CA GLY D 15 9.40 -18.99 24.77
C GLY D 15 8.58 -18.27 25.81
N SER D 16 7.38 -18.74 26.10
CA SER D 16 6.56 -18.10 27.13
C SER D 16 7.04 -18.45 28.52
N ASN D 17 6.81 -17.53 29.46
CA ASN D 17 7.16 -17.67 30.88
C ASN D 17 8.51 -18.35 31.11
N THR D 18 9.51 -18.00 30.31
CA THR D 18 10.85 -18.55 30.44
C THR D 18 11.88 -17.44 30.29
N THR D 19 13.11 -17.74 30.73
CA THR D 19 14.19 -16.76 30.77
C THR D 19 15.26 -17.15 29.75
N VAL D 20 15.36 -16.36 28.67
CA VAL D 20 16.44 -16.52 27.72
C VAL D 20 17.67 -15.81 28.24
N LYS D 21 18.82 -16.43 28.10
CA LYS D 21 20.11 -15.82 28.45
C LYS D 21 20.82 -15.45 27.15
N THR D 22 20.70 -14.20 26.75
CA THR D 22 21.27 -13.73 25.49
C THR D 22 22.77 -13.51 25.67
N GLY D 23 23.42 -13.02 24.63
CA GLY D 23 24.85 -12.81 24.69
C GLY D 23 25.34 -12.10 23.45
N ASP D 24 26.66 -12.01 23.34
CA ASP D 24 27.27 -11.29 22.22
C ASP D 24 28.75 -11.63 22.17
N LEU D 25 29.28 -11.79 20.97
CA LEU D 25 30.68 -12.16 20.78
C LEU D 25 31.18 -11.49 19.51
N VAL D 26 32.10 -10.53 19.65
CA VAL D 26 32.55 -9.71 18.54
C VAL D 26 34.01 -10.03 18.26
N THR D 27 34.34 -10.19 16.98
CA THR D 27 35.70 -10.47 16.54
C THR D 27 35.97 -9.63 15.30
N TYR D 28 37.22 -9.24 15.10
CA TYR D 28 37.63 -8.55 13.90
C TYR D 28 38.85 -9.23 13.31
N ASP D 29 38.78 -9.54 12.02
CA ASP D 29 39.83 -10.28 11.32
C ASP D 29 40.55 -9.30 10.40
N LYS D 30 41.58 -8.64 10.94
CA LYS D 30 42.21 -7.54 10.21
C LYS D 30 42.92 -8.00 8.95
N GLU D 31 43.30 -9.28 8.89
CA GLU D 31 43.93 -9.79 7.67
C GLU D 31 42.97 -9.77 6.48
N ASN D 32 41.73 -10.22 6.69
CA ASN D 32 40.73 -10.26 5.64
C ASN D 32 39.69 -9.17 5.72
N GLY D 33 39.68 -8.38 6.80
CA GLY D 33 38.70 -7.32 6.94
C GLY D 33 37.27 -7.80 7.09
N MET D 34 37.02 -8.71 8.03
CA MET D 34 35.69 -9.27 8.28
C MET D 34 35.29 -9.02 9.72
N HIS D 35 34.55 -7.94 9.97
CA HIS D 35 33.94 -7.76 11.27
C HIS D 35 32.93 -8.87 11.52
N LYS D 36 33.00 -9.49 12.69
CA LYS D 36 32.26 -10.71 12.97
C LYS D 36 31.56 -10.59 14.31
N LYS D 37 30.33 -11.08 14.38
CA LYS D 37 29.50 -10.88 15.57
C LYS D 37 28.44 -11.98 15.63
N VAL D 38 28.36 -12.68 16.76
CA VAL D 38 27.61 -13.93 16.86
C VAL D 38 26.56 -13.90 17.97
N PHE D 39 25.80 -12.82 18.06
CA PHE D 39 24.67 -12.73 19.00
C PHE D 39 23.91 -14.05 19.07
N TYR D 40 23.75 -14.56 20.29
CA TYR D 40 23.12 -15.86 20.53
C TYR D 40 22.04 -15.71 21.60
N SER D 41 21.34 -16.80 21.88
CA SER D 41 20.26 -16.78 22.86
C SER D 41 19.83 -18.19 23.24
N PHE D 42 19.81 -18.50 24.53
CA PHE D 42 19.50 -19.84 25.02
C PHE D 42 18.07 -19.87 25.55
N ILE D 43 17.15 -20.37 24.74
CA ILE D 43 15.73 -20.42 25.08
C ILE D 43 15.45 -21.80 25.68
N ASP D 44 15.04 -21.83 26.94
CA ASP D 44 14.76 -23.09 27.63
C ASP D 44 13.31 -23.08 28.10
N ASP D 45 12.44 -23.78 27.36
CA ASP D 45 11.05 -23.99 27.76
C ASP D 45 10.96 -25.34 28.46
N LYS D 46 10.17 -25.41 29.52
CA LYS D 46 9.90 -26.71 30.11
C LYS D 46 8.88 -27.49 29.29
N ASN D 47 8.07 -26.80 28.48
CA ASN D 47 7.15 -27.49 27.59
C ASN D 47 7.89 -28.09 26.38
N HIS D 48 8.80 -27.33 25.79
CA HIS D 48 9.54 -27.82 24.63
C HIS D 48 10.37 -29.04 25.01
N ASN D 49 10.47 -29.99 24.10
CA ASN D 49 11.15 -31.24 24.37
C ASN D 49 12.65 -31.18 24.14
N LYS D 50 13.18 -30.07 23.63
CA LYS D 50 14.60 -29.91 23.41
C LYS D 50 15.00 -28.49 23.76
N LYS D 51 16.25 -28.31 24.16
CA LYS D 51 16.78 -26.97 24.36
C LYS D 51 16.95 -26.27 23.02
N LEU D 52 17.04 -24.95 23.06
CA LEU D 52 17.18 -24.16 21.85
C LEU D 52 18.33 -23.17 21.99
N LEU D 53 18.87 -22.77 20.84
CA LEU D 53 19.92 -21.76 20.80
C LEU D 53 19.87 -21.12 19.42
N VAL D 54 19.40 -19.87 19.34
CA VAL D 54 19.34 -19.15 18.08
C VAL D 54 20.65 -18.37 17.91
N ILE D 55 21.32 -18.58 16.79
CA ILE D 55 22.60 -17.95 16.52
C ILE D 55 22.42 -16.90 15.44
N ARG D 56 22.48 -15.64 15.81
CA ARG D 56 22.47 -14.55 14.84
C ARG D 56 23.88 -14.33 14.34
N THR D 57 24.05 -14.35 13.03
CA THR D 57 25.37 -14.30 12.40
C THR D 57 25.66 -12.93 11.80
N LYS D 58 25.34 -11.87 12.53
CA LYS D 58 25.58 -10.50 12.07
C LYS D 58 27.07 -10.25 11.85
N GLY D 59 27.38 -9.09 11.33
CA GLY D 59 28.77 -8.74 11.13
C GLY D 59 28.90 -7.80 9.95
N THR D 60 30.01 -7.94 9.23
CA THR D 60 30.25 -7.20 8.00
C THR D 60 31.45 -7.81 7.29
N ILE D 61 31.31 -8.03 5.99
CA ILE D 61 32.39 -8.52 5.14
C ILE D 61 32.75 -7.40 4.18
N ALA D 62 33.93 -6.82 4.35
CA ALA D 62 34.28 -5.62 3.60
C ALA D 62 34.38 -5.92 2.11
N GLY D 63 34.00 -4.94 1.29
CA GLY D 63 33.92 -5.18 -0.14
C GLY D 63 35.26 -5.45 -0.79
N GLN D 64 36.27 -4.64 -0.47
CA GLN D 64 37.60 -4.75 -1.05
C GLN D 64 37.55 -4.64 -2.57
N TYR D 65 37.21 -3.44 -3.04
CA TYR D 65 37.07 -3.13 -4.46
C TYR D 65 38.15 -2.12 -4.82
N ARG D 66 39.24 -2.58 -5.43
CA ARG D 66 40.38 -1.72 -5.68
C ARG D 66 41.19 -2.26 -6.85
N VAL D 67 41.99 -1.39 -7.45
CA VAL D 67 42.88 -1.75 -8.55
C VAL D 67 44.12 -2.42 -7.97
N TYR D 68 44.19 -3.75 -8.11
CA TYR D 68 45.25 -4.48 -7.43
C TYR D 68 46.60 -4.29 -8.12
N SER D 69 46.61 -4.15 -9.44
CA SER D 69 47.87 -3.97 -10.14
C SER D 69 47.64 -3.22 -11.44
N GLU D 70 48.69 -2.55 -11.90
CA GLU D 70 48.70 -1.88 -13.19
C GLU D 70 50.02 -2.15 -13.89
N GLU D 71 49.95 -2.38 -15.20
CA GLU D 71 51.13 -2.71 -16.00
C GLU D 71 51.21 -1.73 -17.17
N GLY D 72 51.79 -0.57 -16.91
CA GLY D 72 51.85 0.47 -17.91
C GLY D 72 50.54 1.25 -18.02
N ALA D 73 50.44 2.01 -19.11
CA ALA D 73 49.28 2.83 -19.40
C ALA D 73 48.32 2.16 -20.36
N ASN D 74 48.52 0.88 -20.68
CA ASN D 74 47.65 0.15 -21.57
C ASN D 74 47.10 -1.13 -20.96
N LYS D 75 47.29 -1.35 -19.66
CA LYS D 75 46.81 -2.56 -19.02
C LYS D 75 46.66 -2.31 -17.52
N SER D 76 45.58 -2.82 -16.94
CA SER D 76 45.34 -2.69 -15.51
C SER D 76 44.34 -3.75 -15.09
N GLY D 77 44.22 -3.92 -13.77
CA GLY D 77 43.35 -4.93 -13.22
C GLY D 77 42.49 -4.37 -12.11
N LEU D 78 41.49 -5.14 -11.73
CA LEU D 78 40.55 -4.75 -10.68
C LEU D 78 40.06 -6.00 -9.99
N ALA D 79 40.07 -6.00 -8.66
CA ALA D 79 39.58 -7.13 -7.89
C ALA D 79 38.31 -6.69 -7.17
N TRP D 80 37.20 -7.36 -7.47
CA TRP D 80 35.93 -6.96 -6.90
C TRP D 80 35.22 -8.16 -6.28
N PRO D 81 34.41 -7.95 -5.25
CA PRO D 81 33.80 -9.09 -4.56
C PRO D 81 32.68 -9.74 -5.35
N SER D 82 32.94 -10.95 -5.86
CA SER D 82 31.95 -11.63 -6.68
C SER D 82 30.83 -12.22 -5.83
N ALA D 83 31.15 -12.66 -4.61
CA ALA D 83 30.15 -13.32 -3.78
C ALA D 83 30.62 -13.37 -2.34
N PHE D 84 29.73 -13.04 -1.42
CA PHE D 84 29.97 -13.17 0.02
C PHE D 84 29.27 -14.41 0.53
N LYS D 85 29.88 -15.10 1.49
CA LYS D 85 29.34 -16.34 2.00
C LYS D 85 29.41 -16.36 3.52
N VAL D 86 28.50 -17.11 4.13
CA VAL D 86 28.45 -17.30 5.57
C VAL D 86 28.03 -18.74 5.82
N GLN D 87 28.92 -19.53 6.41
CA GLN D 87 28.65 -20.94 6.69
C GLN D 87 28.67 -21.17 8.19
N LEU D 88 27.90 -22.14 8.65
CA LEU D 88 27.80 -22.45 10.08
C LEU D 88 27.84 -23.97 10.23
N GLN D 89 29.04 -24.53 10.28
CA GLN D 89 29.21 -25.98 10.36
C GLN D 89 29.15 -26.45 11.80
N LEU D 90 28.95 -27.76 11.95
CA LEU D 90 28.81 -28.39 13.25
C LEU D 90 29.48 -29.76 13.11
N PRO D 91 30.39 -30.12 14.01
CA PRO D 91 31.10 -31.40 13.87
C PRO D 91 30.13 -32.57 13.87
N ASP D 92 30.38 -33.53 12.98
CA ASP D 92 29.51 -34.69 12.89
C ASP D 92 29.57 -35.56 14.14
N ASN D 93 30.58 -35.35 14.99
CA ASN D 93 30.64 -36.07 16.25
C ASN D 93 29.52 -35.66 17.19
N GLU D 94 29.18 -34.37 17.21
CA GLU D 94 28.22 -33.86 18.18
C GLU D 94 26.81 -34.33 17.83
N VAL D 95 25.93 -34.31 18.85
CA VAL D 95 24.55 -34.76 18.70
C VAL D 95 23.55 -33.62 18.63
N ALA D 96 24.00 -32.37 18.72
CA ALA D 96 23.11 -31.26 18.46
C ALA D 96 22.85 -31.14 16.96
N GLN D 97 21.67 -30.65 16.62
CA GLN D 97 21.23 -30.57 15.23
C GLN D 97 20.71 -29.18 14.95
N ILE D 98 20.90 -28.70 13.73
CA ILE D 98 20.31 -27.42 13.36
C ILE D 98 18.84 -27.64 13.10
N SER D 99 18.00 -26.81 13.73
CA SER D 99 16.57 -27.00 13.67
C SER D 99 15.94 -26.22 12.52
N ASP D 100 16.17 -24.91 12.47
CA ASP D 100 15.62 -24.07 11.42
C ASP D 100 16.68 -23.09 10.96
N TYR D 101 16.26 -22.14 10.14
CA TYR D 101 17.13 -21.14 9.55
C TYR D 101 16.27 -20.09 8.86
N TYR D 102 16.82 -18.89 8.73
CA TYR D 102 16.11 -17.80 8.09
C TYR D 102 17.15 -16.78 7.66
N PRO D 103 17.07 -16.21 6.46
CA PRO D 103 16.05 -16.37 5.42
C PRO D 103 16.15 -17.67 4.64
N ARG D 104 15.16 -17.93 3.79
CA ARG D 104 15.12 -19.15 2.98
C ARG D 104 14.78 -18.79 1.54
N ASN D 105 14.92 -19.78 0.66
CA ASN D 105 14.63 -19.57 -0.75
C ASN D 105 13.17 -19.25 -0.97
N SER D 106 12.91 -18.29 -1.87
CA SER D 106 11.57 -17.82 -2.18
C SER D 106 11.32 -17.98 -3.67
N ILE D 107 10.03 -18.11 -4.01
CA ILE D 107 9.63 -18.35 -5.40
C ILE D 107 9.48 -17.01 -6.11
N ASP D 108 10.07 -16.90 -7.30
CA ASP D 108 10.02 -15.67 -8.07
C ASP D 108 8.63 -15.45 -8.65
N THR D 109 8.47 -14.35 -9.37
CA THR D 109 7.20 -14.01 -10.00
C THR D 109 7.49 -13.09 -11.17
N LYS D 110 6.59 -13.09 -12.15
CA LYS D 110 6.72 -12.22 -13.30
C LYS D 110 5.33 -11.90 -13.81
N GLU D 111 5.15 -10.69 -14.32
CA GLU D 111 3.89 -10.27 -14.90
C GLU D 111 3.91 -10.47 -16.40
N TYR D 112 2.86 -11.06 -16.93
CA TYR D 112 2.73 -11.29 -18.37
C TYR D 112 1.54 -10.51 -18.87
N MET D 113 1.73 -9.72 -19.91
CA MET D 113 0.69 -8.86 -20.45
C MET D 113 0.63 -9.03 -21.95
N SER D 114 -0.58 -9.20 -22.49
CA SER D 114 -0.78 -9.45 -23.91
C SER D 114 -1.72 -8.42 -24.49
N THR D 115 -1.55 -8.14 -25.78
CA THR D 115 -2.31 -7.11 -26.46
C THR D 115 -2.87 -7.68 -27.75
N LEU D 116 -3.96 -7.08 -28.24
CA LEU D 116 -4.54 -7.42 -29.52
C LEU D 116 -5.29 -6.19 -30.01
N THR D 117 -4.70 -5.45 -30.94
CA THR D 117 -5.26 -4.20 -31.44
C THR D 117 -5.42 -4.30 -32.94
N TYR D 118 -6.63 -4.02 -33.43
CA TYR D 118 -6.86 -3.93 -34.87
C TYR D 118 -7.69 -2.69 -35.17
N GLY D 119 -7.27 -1.96 -36.20
CA GLY D 119 -7.90 -0.70 -36.57
C GLY D 119 -8.17 -0.64 -38.06
N PHE D 120 -8.76 0.49 -38.46
CA PHE D 120 -9.12 0.74 -39.84
C PHE D 120 -8.73 2.17 -40.21
N ASN D 121 -8.49 2.40 -41.49
CA ASN D 121 -8.03 3.70 -41.97
C ASN D 121 -8.93 4.19 -43.10
N GLY D 122 -9.18 5.48 -43.11
CA GLY D 122 -9.99 6.07 -44.14
C GLY D 122 -9.17 6.91 -45.09
N ILE D 136 -9.59 0.61 -47.99
CA ILE D 136 -9.51 0.60 -46.54
C ILE D 136 -8.33 -0.23 -46.07
N GLY D 137 -7.42 0.41 -45.31
CA GLY D 137 -6.26 -0.28 -44.80
C GLY D 137 -6.42 -0.87 -43.42
N ALA D 138 -7.23 -1.92 -43.30
CA ALA D 138 -7.39 -2.59 -42.02
C ALA D 138 -6.09 -3.27 -41.60
N ASN D 139 -5.62 -2.97 -40.40
CA ASN D 139 -4.42 -3.57 -39.82
C ASN D 139 -4.76 -4.39 -38.59
N VAL D 140 -3.81 -5.22 -38.16
CA VAL D 140 -3.93 -6.02 -36.96
C VAL D 140 -2.58 -6.01 -36.25
N SER D 141 -2.60 -5.83 -34.93
CA SER D 141 -1.37 -5.79 -34.14
C SER D 141 -1.50 -6.71 -32.93
N ILE D 142 -0.51 -7.57 -32.74
CA ILE D 142 -0.49 -8.53 -31.64
C ILE D 142 0.85 -8.42 -30.93
N GLY D 143 0.82 -8.28 -29.62
CA GLY D 143 2.06 -8.10 -28.86
C GLY D 143 1.91 -8.60 -27.46
N HIS D 144 3.04 -8.91 -26.83
CA HIS D 144 3.05 -9.34 -25.44
C HIS D 144 4.30 -8.82 -24.74
N THR D 145 4.13 -8.38 -23.49
CA THR D 145 5.21 -7.85 -22.67
C THR D 145 5.33 -8.63 -21.38
N LEU D 146 6.52 -8.66 -20.80
CA LEU D 146 6.81 -9.48 -19.64
C LEU D 146 7.83 -8.77 -18.76
N LYS D 147 7.48 -8.53 -17.50
CA LYS D 147 8.30 -7.70 -16.62
C LYS D 147 8.52 -8.37 -15.27
N TYR D 148 9.64 -8.05 -14.66
CA TYR D 148 10.08 -8.67 -13.41
C TYR D 148 11.24 -7.85 -12.85
N VAL D 149 11.47 -7.96 -11.55
CA VAL D 149 12.49 -7.17 -10.88
C VAL D 149 13.78 -7.98 -10.78
N GLN D 150 14.91 -7.28 -10.75
CA GLN D 150 16.23 -7.90 -10.78
C GLN D 150 17.13 -7.29 -9.72
N PRO D 151 17.24 -7.92 -8.55
CA PRO D 151 18.15 -7.39 -7.52
C PRO D 151 19.59 -7.46 -8.00
N ASP D 152 20.41 -6.53 -7.51
CA ASP D 152 21.82 -6.52 -7.88
C ASP D 152 22.56 -7.72 -7.31
N PHE D 153 22.28 -8.08 -6.06
CA PHE D 153 22.87 -9.23 -5.39
C PHE D 153 21.75 -10.15 -4.92
N LYS D 154 21.95 -11.46 -5.08
CA LYS D 154 20.95 -12.46 -4.72
C LYS D 154 21.37 -13.20 -3.46
N THR D 155 20.48 -13.25 -2.47
CA THR D 155 20.76 -13.96 -1.22
C THR D 155 20.18 -15.37 -1.33
N ILE D 156 21.04 -16.31 -1.71
CA ILE D 156 20.64 -17.70 -1.89
C ILE D 156 20.97 -18.47 -0.62
N LEU D 157 20.00 -19.22 -0.10
CA LEU D 157 20.26 -20.16 0.98
C LEU D 157 20.79 -21.44 0.34
N GLU D 158 22.08 -21.70 0.51
CA GLU D 158 22.66 -22.94 0.04
C GLU D 158 22.03 -24.10 0.80
N SER D 159 21.90 -25.23 0.13
CA SER D 159 21.13 -26.36 0.66
C SER D 159 21.67 -26.78 2.02
N PRO D 160 20.84 -26.79 3.07
CA PRO D 160 21.30 -27.16 4.39
C PRO D 160 21.22 -28.67 4.63
N THR D 161 21.86 -29.10 5.70
CA THR D 161 21.85 -30.49 6.13
C THR D 161 21.65 -30.51 7.64
N ASP D 162 21.87 -31.68 8.24
CA ASP D 162 21.65 -31.83 9.67
C ASP D 162 22.70 -31.07 10.47
N LYS D 163 23.94 -31.03 9.97
CA LYS D 163 25.04 -30.40 10.69
C LYS D 163 25.56 -29.13 10.06
N LYS D 164 25.18 -28.82 8.83
CA LYS D 164 25.75 -27.68 8.11
C LYS D 164 24.64 -26.88 7.46
N VAL D 165 24.70 -25.56 7.62
CA VAL D 165 23.82 -24.64 6.91
C VAL D 165 24.63 -23.43 6.51
N GLY D 166 24.42 -22.96 5.29
CA GLY D 166 25.15 -21.80 4.80
C GLY D 166 24.33 -20.98 3.84
N TRP D 167 24.69 -19.71 3.73
CA TRP D 167 24.09 -18.79 2.77
C TRP D 167 25.18 -18.28 1.85
N LYS D 168 24.75 -17.60 0.78
CA LYS D 168 25.68 -16.90 -0.07
C LYS D 168 24.95 -15.76 -0.76
N VAL D 169 25.71 -14.73 -1.11
CA VAL D 169 25.17 -13.57 -1.81
C VAL D 169 25.98 -13.38 -3.08
N ILE D 170 25.35 -13.65 -4.23
CA ILE D 170 26.05 -13.66 -5.50
C ILE D 170 25.72 -12.39 -6.27
N PHE D 171 26.48 -12.14 -7.33
CA PHE D 171 26.37 -10.91 -8.11
C PHE D 171 25.46 -11.17 -9.29
N ASN D 172 24.26 -10.60 -9.26
CA ASN D 172 23.31 -10.80 -10.35
C ASN D 172 23.73 -10.03 -11.60
N ASN D 173 23.59 -8.70 -11.57
CA ASN D 173 24.00 -7.82 -12.65
C ASN D 173 23.85 -6.38 -12.17
N MET D 174 24.40 -5.45 -12.95
CA MET D 174 24.44 -4.06 -12.55
C MET D 174 24.42 -3.16 -13.77
N VAL D 175 23.80 -2.00 -13.61
CA VAL D 175 23.61 -1.04 -14.69
C VAL D 175 24.77 -0.04 -14.67
N ASN D 176 25.55 -0.03 -15.74
CA ASN D 176 26.77 0.77 -15.81
C ASN D 176 26.46 2.14 -16.42
N GLN D 177 26.48 3.17 -15.58
CA GLN D 177 26.22 4.54 -16.00
C GLN D 177 24.93 4.66 -16.80
N ASN D 178 23.84 4.22 -16.18
CA ASN D 178 22.51 4.30 -16.76
C ASN D 178 22.50 3.77 -18.19
N TRP D 179 23.21 2.65 -18.39
CA TRP D 179 23.40 2.12 -19.74
C TRP D 179 23.67 0.62 -19.59
N GLY D 180 22.64 -0.18 -19.84
CA GLY D 180 22.76 -1.61 -19.96
C GLY D 180 22.92 -2.29 -18.62
N PRO D 181 22.19 -3.38 -18.41
CA PRO D 181 22.49 -4.27 -17.29
C PRO D 181 23.56 -5.29 -17.66
N TYR D 182 24.75 -5.16 -17.09
CA TYR D 182 25.85 -6.07 -17.40
C TYR D 182 26.04 -7.09 -16.30
N ASP D 183 26.48 -8.28 -16.69
CA ASP D 183 26.75 -9.36 -15.76
C ASP D 183 28.13 -9.94 -16.07
N ARG D 184 28.53 -10.93 -15.28
CA ARG D 184 29.87 -11.49 -15.42
C ARG D 184 30.06 -12.21 -16.75
N ASP D 185 28.96 -12.65 -17.37
CA ASP D 185 29.02 -13.43 -18.59
C ASP D 185 28.83 -12.61 -19.86
N SER D 186 28.50 -11.33 -19.76
CA SER D 186 28.25 -10.54 -20.96
C SER D 186 29.51 -10.41 -21.80
N TRP D 187 29.34 -10.37 -23.11
CA TRP D 187 30.45 -10.23 -24.02
C TRP D 187 30.01 -9.46 -25.25
N ASN D 188 30.83 -8.51 -25.67
CA ASN D 188 30.57 -7.68 -26.84
C ASN D 188 31.82 -7.76 -27.70
N PRO D 189 31.71 -8.19 -28.96
CA PRO D 189 32.93 -8.50 -29.73
C PRO D 189 33.92 -7.36 -29.84
N VAL D 190 33.45 -6.11 -29.87
CA VAL D 190 34.36 -4.98 -30.01
C VAL D 190 34.97 -4.61 -28.66
N TYR D 191 34.13 -4.40 -27.66
CA TYR D 191 34.55 -3.84 -26.38
C TYR D 191 34.77 -4.88 -25.29
N GLY D 192 34.39 -6.13 -25.50
CA GLY D 192 34.56 -7.08 -24.42
C GLY D 192 33.54 -6.84 -23.32
N ASN D 193 33.81 -7.43 -22.16
CA ASN D 193 32.93 -7.26 -21.02
C ASN D 193 33.11 -5.87 -20.42
N GLN D 194 32.09 -5.03 -20.54
CA GLN D 194 32.18 -3.63 -20.14
C GLN D 194 31.50 -3.40 -18.79
N LEU D 195 31.71 -4.31 -17.85
CA LEU D 195 31.02 -4.26 -16.57
C LEU D 195 31.38 -3.02 -15.77
N PHE D 196 32.68 -2.70 -15.69
CA PHE D 196 33.20 -1.58 -14.91
C PHE D 196 34.05 -0.66 -15.76
N MET D 197 33.72 -0.51 -17.03
CA MET D 197 34.51 0.29 -17.95
C MET D 197 33.95 1.69 -17.98
N LYS D 198 34.73 2.65 -17.46
CA LYS D 198 34.25 4.03 -17.35
C LYS D 198 33.99 4.64 -18.72
N THR D 199 34.93 4.49 -19.64
CA THR D 199 34.81 5.08 -20.97
C THR D 199 35.25 4.08 -22.03
N ARG D 200 34.55 4.08 -23.16
CA ARG D 200 34.87 3.14 -24.24
C ARG D 200 36.05 3.63 -25.06
N ASN D 201 35.92 4.80 -25.68
CA ASN D 201 37.03 5.43 -26.41
C ASN D 201 37.72 6.45 -25.53
N GLY D 202 38.14 6.00 -24.35
CA GLY D 202 38.86 6.86 -23.45
C GLY D 202 40.31 7.01 -23.86
N SER D 203 40.93 8.08 -23.36
CA SER D 203 42.33 8.37 -23.64
C SER D 203 43.16 8.50 -22.38
N MET D 204 42.65 8.04 -21.24
CA MET D 204 43.35 8.16 -19.98
C MET D 204 44.21 6.93 -19.73
N LYS D 205 44.95 6.98 -18.64
CA LYS D 205 45.68 5.81 -18.19
C LYS D 205 44.71 4.68 -17.88
N ALA D 206 45.13 3.44 -18.12
CA ALA D 206 44.25 2.30 -17.89
C ALA D 206 43.83 2.21 -16.43
N ALA D 207 44.76 2.47 -15.51
CA ALA D 207 44.45 2.40 -14.09
C ALA D 207 43.38 3.39 -13.67
N ASP D 208 43.14 4.44 -14.45
CA ASP D 208 42.19 5.48 -14.11
C ASP D 208 40.96 5.44 -15.01
N ASN D 209 40.68 4.29 -15.62
CA ASN D 209 39.53 4.11 -16.49
C ASN D 209 38.57 3.05 -15.94
N PHE D 210 38.39 3.02 -14.62
CA PHE D 210 37.44 2.12 -13.99
C PHE D 210 36.30 2.92 -13.37
N LEU D 211 35.15 2.29 -13.27
CA LEU D 211 33.97 2.93 -12.70
C LEU D 211 34.25 3.37 -11.27
N ASP D 212 33.84 4.59 -10.95
CA ASP D 212 34.05 5.12 -9.61
C ASP D 212 33.26 4.29 -8.61
N PRO D 213 33.86 3.90 -7.47
CA PRO D 213 33.18 2.98 -6.56
C PRO D 213 31.86 3.53 -6.04
N ASN D 214 31.71 4.85 -5.97
CA ASN D 214 30.42 5.42 -5.61
C ASN D 214 29.36 5.16 -6.67
N LYS D 215 29.76 5.21 -7.95
CA LYS D 215 28.82 4.96 -9.03
C LYS D 215 28.34 3.51 -9.02
N ALA D 216 29.18 2.58 -8.56
CA ALA D 216 28.80 1.18 -8.48
C ALA D 216 27.79 0.95 -7.36
N SER D 217 27.45 -0.31 -7.14
CA SER D 217 26.66 -0.69 -5.99
C SER D 217 27.44 -0.45 -4.70
N SER D 218 26.71 -0.29 -3.60
CA SER D 218 27.36 -0.10 -2.32
C SER D 218 28.09 -1.35 -1.86
N LEU D 219 27.53 -2.53 -2.14
CA LEU D 219 28.11 -3.76 -1.63
C LEU D 219 29.47 -4.05 -2.24
N LEU D 220 29.77 -3.48 -3.40
CA LEU D 220 31.04 -3.77 -4.06
C LEU D 220 32.23 -3.24 -3.26
N SER D 221 32.14 -2.00 -2.80
CA SER D 221 33.26 -1.35 -2.14
C SER D 221 33.11 -1.24 -0.63
N SER D 222 31.91 -0.98 -0.13
CA SER D 222 31.71 -0.73 1.29
C SER D 222 31.34 -1.97 2.10
N GLY D 223 31.05 -3.09 1.45
CA GLY D 223 30.89 -4.35 2.14
C GLY D 223 29.44 -4.74 2.36
N PHE D 224 29.27 -6.00 2.76
CA PHE D 224 27.96 -6.60 2.96
C PHE D 224 27.85 -7.09 4.40
N SER D 225 26.78 -6.68 5.08
CA SER D 225 26.61 -6.99 6.49
C SER D 225 25.51 -8.03 6.67
N PRO D 226 25.84 -9.26 7.02
CA PRO D 226 24.83 -10.32 7.10
C PRO D 226 23.80 -10.08 8.18
N ASP D 227 22.68 -10.79 8.06
CA ASP D 227 21.74 -10.94 9.17
C ASP D 227 21.03 -12.28 8.96
N PHE D 228 21.54 -13.32 9.59
CA PHE D 228 21.09 -14.69 9.38
C PHE D 228 20.85 -15.32 10.74
N ALA D 229 19.99 -16.34 10.78
CA ALA D 229 19.66 -17.00 12.03
C ALA D 229 19.59 -18.51 11.84
N THR D 230 20.14 -19.26 12.80
CA THR D 230 20.06 -20.72 12.81
C THR D 230 19.81 -21.15 14.25
N VAL D 231 18.66 -21.74 14.50
CA VAL D 231 18.37 -22.33 15.80
C VAL D 231 18.84 -23.78 15.79
N ILE D 232 19.63 -24.15 16.80
CA ILE D 232 20.09 -25.52 16.96
C ILE D 232 19.51 -26.08 18.25
N THR D 233 19.02 -27.31 18.20
CA THR D 233 18.38 -27.96 19.33
C THR D 233 19.22 -29.13 19.82
N MET D 234 19.25 -29.33 21.13
CA MET D 234 19.98 -30.45 21.71
C MET D 234 19.06 -31.27 22.59
N ASP D 235 19.21 -32.59 22.53
CA ASP D 235 18.44 -33.47 23.38
C ASP D 235 18.69 -33.13 24.85
N ARG D 236 17.62 -33.13 25.64
CA ARG D 236 17.73 -32.64 27.00
C ARG D 236 18.41 -33.62 27.93
N LYS D 237 18.46 -34.91 27.57
CA LYS D 237 19.10 -35.94 28.37
C LYS D 237 20.40 -36.44 27.74
N ALA D 238 21.11 -35.56 27.04
CA ALA D 238 22.36 -35.94 26.42
C ALA D 238 23.41 -36.29 27.46
N SER D 239 24.32 -37.19 27.08
CA SER D 239 25.38 -37.60 28.00
C SER D 239 26.28 -36.43 28.36
N LYS D 240 26.73 -35.68 27.35
CA LYS D 240 27.52 -34.47 27.58
C LYS D 240 26.79 -33.27 26.99
N GLN D 241 26.61 -32.24 27.81
CA GLN D 241 25.95 -31.02 27.36
C GLN D 241 27.00 -29.99 26.95
N GLN D 242 27.68 -30.29 25.86
CA GLN D 242 28.69 -29.38 25.33
C GLN D 242 29.05 -29.69 23.89
N THR D 243 28.95 -28.70 23.02
CA THR D 243 29.24 -28.88 21.60
C THR D 243 29.96 -27.64 21.08
N ASN D 244 31.02 -27.84 20.31
CA ASN D 244 31.68 -26.72 19.65
C ASN D 244 31.11 -26.51 18.25
N ILE D 245 31.20 -25.27 17.76
CA ILE D 245 30.69 -24.87 16.47
C ILE D 245 31.75 -24.07 15.73
N ASP D 246 31.79 -24.23 14.41
CA ASP D 246 32.62 -23.43 13.52
C ASP D 246 31.71 -22.58 12.64
N VAL D 247 31.99 -21.28 12.58
CA VAL D 247 31.28 -20.37 11.68
C VAL D 247 32.32 -19.73 10.77
N ILE D 248 32.06 -19.74 9.46
CA ILE D 248 33.02 -19.34 8.45
C ILE D 248 32.42 -18.20 7.64
N TYR D 249 33.15 -17.11 7.53
CA TYR D 249 32.85 -16.06 6.57
C TYR D 249 33.82 -16.20 5.41
N GLU D 250 33.42 -15.71 4.24
CA GLU D 250 34.36 -15.64 3.13
C GLU D 250 33.79 -14.75 2.05
N ARG D 251 34.69 -14.19 1.24
CA ARG D 251 34.33 -13.44 0.04
C ARG D 251 35.15 -13.95 -1.12
N VAL D 252 34.56 -13.94 -2.30
CA VAL D 252 35.19 -14.44 -3.52
C VAL D 252 35.37 -13.26 -4.46
N ARG D 253 36.60 -13.05 -4.92
CA ARG D 253 36.93 -11.88 -5.72
C ARG D 253 37.27 -12.30 -7.14
N ASP D 254 36.86 -11.49 -8.10
CA ASP D 254 37.10 -11.71 -9.51
C ASP D 254 38.11 -10.71 -10.03
N ASP D 255 38.89 -11.13 -11.02
CA ASP D 255 39.89 -10.27 -11.62
C ASP D 255 39.33 -9.66 -12.90
N TYR D 256 39.14 -8.34 -12.91
CA TYR D 256 38.61 -7.63 -14.06
C TYR D 256 39.75 -6.86 -14.71
N GLN D 257 40.20 -7.35 -15.86
CA GLN D 257 41.31 -6.75 -16.60
C GLN D 257 40.76 -5.95 -17.77
N LEU D 258 41.35 -4.78 -18.02
CA LEU D 258 41.01 -4.01 -19.20
C LEU D 258 42.26 -3.43 -19.81
N HIS D 259 42.33 -3.45 -21.14
CA HIS D 259 43.52 -3.07 -21.88
C HIS D 259 43.12 -2.39 -23.18
N TRP D 260 44.08 -1.74 -23.82
CA TRP D 260 43.84 -1.00 -25.05
C TRP D 260 44.17 -1.84 -26.27
N THR D 261 43.26 -1.84 -27.24
CA THR D 261 43.46 -2.57 -28.49
C THR D 261 43.87 -1.65 -29.65
N SER D 262 44.45 -0.50 -29.33
CA SER D 262 44.90 0.56 -30.23
C SER D 262 43.74 1.36 -30.82
N THR D 263 42.50 0.98 -30.55
CA THR D 263 41.34 1.74 -31.02
C THR D 263 40.34 2.01 -29.91
N ASN D 264 40.13 1.06 -29.00
CA ASN D 264 39.19 1.21 -27.90
C ASN D 264 39.55 0.22 -26.81
N TRP D 265 39.03 0.48 -25.62
CA TRP D 265 39.30 -0.42 -24.49
C TRP D 265 38.56 -1.73 -24.66
N LYS D 266 39.18 -2.81 -24.22
CA LYS D 266 38.53 -4.10 -24.15
C LYS D 266 38.73 -4.68 -22.75
N GLY D 267 37.66 -5.13 -22.15
CA GLY D 267 37.71 -5.63 -20.78
C GLY D 267 37.26 -7.08 -20.69
N THR D 268 37.96 -7.83 -19.85
CA THR D 268 37.67 -9.25 -19.64
C THR D 268 37.60 -9.53 -18.14
N ASN D 269 36.75 -10.48 -17.79
CA ASN D 269 36.50 -10.82 -16.39
C ASN D 269 36.75 -12.30 -16.18
N THR D 270 37.53 -12.63 -15.14
CA THR D 270 37.86 -14.00 -14.79
C THR D 270 37.20 -14.35 -13.47
N LYS D 271 36.48 -15.47 -13.45
CA LYS D 271 35.60 -15.78 -12.33
C LYS D 271 36.33 -16.54 -11.22
N ASP D 272 36.07 -16.15 -9.98
CA ASP D 272 36.56 -16.82 -8.79
C ASP D 272 38.09 -16.88 -8.78
N LYS D 273 38.70 -15.70 -8.71
CA LYS D 273 40.16 -15.63 -8.74
C LYS D 273 40.75 -15.85 -7.35
N TRP D 274 40.26 -15.12 -6.34
CA TRP D 274 40.75 -15.25 -4.98
C TRP D 274 39.57 -15.45 -4.03
N THR D 275 39.75 -16.33 -3.05
CA THR D 275 38.76 -16.53 -1.99
C THR D 275 39.49 -16.58 -0.66
N ASP D 276 39.02 -15.79 0.31
CA ASP D 276 39.65 -15.71 1.62
C ASP D 276 38.62 -16.03 2.69
N ARG D 277 38.94 -17.02 3.53
CA ARG D 277 38.01 -17.54 4.53
C ARG D 277 38.48 -17.12 5.92
N SER D 278 37.54 -16.71 6.76
CA SER D 278 37.78 -16.43 8.16
C SER D 278 36.97 -17.41 8.99
N SER D 279 37.64 -18.33 9.66
CA SER D 279 36.98 -19.38 10.43
C SER D 279 37.24 -19.16 11.91
N GLU D 280 36.18 -19.32 12.72
CA GLU D 280 36.26 -19.18 14.16
C GLU D 280 35.50 -20.34 14.79
N ARG D 281 35.99 -20.80 15.94
CA ARG D 281 35.37 -21.93 16.63
C ARG D 281 34.85 -21.49 17.98
N TYR D 282 33.57 -21.75 18.24
CA TYR D 282 32.90 -21.36 19.46
C TYR D 282 32.46 -22.60 20.20
N LYS D 283 32.67 -22.59 21.51
CA LYS D 283 32.33 -23.72 22.36
C LYS D 283 31.07 -23.39 23.13
N ILE D 284 30.05 -24.24 23.01
CA ILE D 284 28.75 -24.03 23.62
C ILE D 284 28.69 -24.83 24.91
N ASP D 285 28.15 -24.23 25.95
CA ASP D 285 27.99 -24.91 27.24
C ASP D 285 26.51 -24.86 27.59
N TRP D 286 25.80 -25.95 27.31
CA TRP D 286 24.35 -25.95 27.50
C TRP D 286 23.98 -25.85 28.96
N GLU D 287 24.76 -26.47 29.84
CA GLU D 287 24.44 -26.45 31.27
C GLU D 287 24.57 -25.05 31.85
N LYS D 288 25.68 -24.37 31.54
CA LYS D 288 25.90 -23.01 32.01
C LYS D 288 25.14 -21.97 31.20
N GLU D 289 24.63 -22.35 30.03
CA GLU D 289 23.95 -21.42 29.12
C GLU D 289 24.85 -20.24 28.77
N GLU D 290 26.01 -20.55 28.20
CA GLU D 290 26.91 -19.54 27.68
C GLU D 290 27.89 -20.20 26.72
N MET D 291 28.20 -19.52 25.62
CA MET D 291 29.20 -19.99 24.67
C MET D 291 30.27 -18.94 24.50
N THR D 292 31.52 -19.37 24.45
CA THR D 292 32.68 -18.51 24.49
C THR D 292 33.46 -18.56 23.18
N ASN D 293 34.27 -17.53 22.96
CA ASN D 293 35.14 -17.43 21.79
C ASN D 293 36.05 -18.64 21.65
N ALA E 1 10.57 -12.06 10.92
CA ALA E 1 11.95 -12.39 11.30
C ALA E 1 11.99 -13.43 12.40
N ASP E 2 11.91 -12.98 13.65
CA ASP E 2 11.95 -13.91 14.77
C ASP E 2 10.71 -14.79 14.84
N SER E 3 9.56 -14.26 14.45
CA SER E 3 8.32 -15.03 14.52
C SER E 3 8.27 -16.16 13.50
N ASP E 4 9.11 -16.11 12.48
CA ASP E 4 9.11 -17.15 11.45
C ASP E 4 9.77 -18.44 11.92
N ILE E 5 10.55 -18.38 13.01
CA ILE E 5 11.26 -19.55 13.51
C ILE E 5 10.46 -20.15 14.66
N ASN E 6 9.17 -19.81 14.73
CA ASN E 6 8.23 -20.26 15.75
C ASN E 6 8.55 -19.72 17.14
N ILE E 7 9.51 -18.83 17.25
CA ILE E 7 9.81 -18.18 18.52
C ILE E 7 8.87 -16.99 18.69
N LYS E 8 8.37 -16.79 19.90
CA LYS E 8 7.49 -15.67 20.18
C LYS E 8 8.21 -14.36 19.90
N THR E 9 7.48 -13.39 19.35
CA THR E 9 8.06 -12.10 19.03
C THR E 9 8.60 -11.41 20.28
N GLY E 10 9.82 -10.88 20.19
CA GLY E 10 10.44 -10.21 21.31
C GLY E 10 11.11 -11.10 22.32
N THR E 11 11.11 -12.42 22.11
CA THR E 11 11.74 -13.32 23.08
C THR E 11 13.24 -13.10 23.12
N THR E 12 13.89 -12.99 21.96
CA THR E 12 15.34 -12.90 21.89
C THR E 12 15.86 -11.47 21.99
N ASP E 13 14.98 -10.48 22.05
CA ASP E 13 15.41 -9.10 22.27
C ASP E 13 15.91 -8.92 23.69
N ILE E 14 16.58 -7.79 23.93
CA ILE E 14 17.16 -7.50 25.24
C ILE E 14 16.56 -6.23 25.83
N GLY E 15 16.85 -5.97 27.10
CA GLY E 15 16.37 -4.79 27.77
C GLY E 15 15.13 -4.97 28.64
N SER E 16 14.70 -6.21 28.86
CA SER E 16 13.52 -6.44 29.70
C SER E 16 13.88 -6.28 31.17
N ASN E 17 12.88 -5.88 31.96
CA ASN E 17 12.97 -5.71 33.42
C ASN E 17 14.30 -5.09 33.87
N THR E 18 14.78 -4.08 33.14
CA THR E 18 16.02 -3.40 33.47
C THR E 18 15.84 -1.90 33.30
N THR E 19 16.77 -1.14 33.89
CA THR E 19 16.70 0.32 33.91
C THR E 19 17.84 0.89 33.07
N VAL E 20 17.49 1.46 31.92
CA VAL E 20 18.45 2.19 31.11
C VAL E 20 18.59 3.61 31.67
N LYS E 21 19.81 4.12 31.71
CA LYS E 21 20.08 5.49 32.12
C LYS E 21 20.45 6.28 30.87
N THR E 22 19.48 6.99 30.32
CA THR E 22 19.69 7.74 29.08
C THR E 22 20.44 9.03 29.38
N GLY E 23 20.62 9.86 28.36
CA GLY E 23 21.35 11.09 28.54
C GLY E 23 21.32 11.92 27.29
N ASP E 24 22.09 13.00 27.29
CA ASP E 24 22.09 13.93 26.17
C ASP E 24 23.26 14.87 26.31
N LEU E 25 23.93 15.18 25.20
CA LEU E 25 25.11 16.03 25.21
C LEU E 25 25.12 16.84 23.91
N VAL E 26 24.93 18.15 24.02
CA VAL E 26 24.78 19.02 22.87
C VAL E 26 25.98 19.94 22.78
N THR E 27 26.54 20.06 21.57
CA THR E 27 27.66 20.93 21.31
C THR E 27 27.40 21.68 20.02
N TYR E 28 27.93 22.89 19.91
CA TYR E 28 27.86 23.65 18.67
C TYR E 28 29.24 24.16 18.32
N ASP E 29 29.64 23.92 17.07
CA ASP E 29 30.98 24.27 16.58
C ASP E 29 30.82 25.45 15.62
N LYS E 30 30.85 26.66 16.18
CA LYS E 30 30.51 27.84 15.38
C LYS E 30 31.50 28.10 14.27
N GLU E 31 32.73 27.61 14.39
CA GLU E 31 33.70 27.78 13.32
C GLU E 31 33.27 27.04 12.06
N ASN E 32 32.80 25.80 12.19
CA ASN E 32 32.39 24.99 11.06
C ASN E 32 30.89 24.86 10.90
N GLY E 33 30.10 25.37 11.84
CA GLY E 33 28.67 25.27 11.73
C GLY E 33 28.12 23.86 11.82
N MET E 34 28.50 23.12 12.85
CA MET E 34 28.07 21.73 13.03
C MET E 34 27.40 21.57 14.39
N HIS E 35 26.08 21.68 14.42
CA HIS E 35 25.33 21.32 15.61
C HIS E 35 25.51 19.83 15.89
N LYS E 36 25.85 19.49 17.12
CA LYS E 36 26.27 18.15 17.46
C LYS E 36 25.53 17.67 18.70
N LYS E 37 25.13 16.40 18.71
CA LYS E 37 24.25 15.89 19.76
C LYS E 37 24.42 14.37 19.85
N VAL E 38 24.71 13.86 21.04
CA VAL E 38 25.19 12.50 21.21
C VAL E 38 24.33 11.71 22.20
N PHE E 39 23.01 11.80 22.08
CA PHE E 39 22.09 10.99 22.87
C PHE E 39 22.59 9.57 23.04
N TYR E 40 22.69 9.11 24.30
CA TYR E 40 23.24 7.81 24.62
C TYR E 40 22.28 7.07 25.55
N SER E 41 22.62 5.83 25.88
CA SER E 41 21.77 5.01 26.73
C SER E 41 22.51 3.79 27.24
N PHE E 42 22.54 3.58 28.55
CA PHE E 42 23.29 2.49 29.17
C PHE E 42 22.35 1.37 29.55
N ILE E 43 22.29 0.34 28.73
CA ILE E 43 21.38 -0.79 28.92
C ILE E 43 22.15 -1.88 29.64
N ASP E 44 21.73 -2.20 30.86
CA ASP E 44 22.39 -3.21 31.68
C ASP E 44 21.40 -4.33 31.99
N ASP E 45 21.50 -5.43 31.25
CA ASP E 45 20.73 -6.64 31.53
C ASP E 45 21.58 -7.58 32.37
N LYS E 46 20.97 -8.23 33.35
CA LYS E 46 21.69 -9.27 34.06
C LYS E 46 21.76 -10.55 33.25
N ASN E 47 20.85 -10.72 32.28
CA ASN E 47 20.93 -11.86 31.37
C ASN E 47 22.04 -11.69 30.35
N HIS E 48 22.16 -10.49 29.76
CA HIS E 48 23.18 -10.25 28.75
C HIS E 48 24.57 -10.42 29.36
N ASN E 49 25.50 -10.94 28.57
CA ASN E 49 26.83 -11.22 29.08
C ASN E 49 27.78 -10.02 29.00
N LYS E 50 27.35 -8.91 28.41
CA LYS E 50 28.16 -7.70 28.34
C LYS E 50 27.27 -6.49 28.54
N LYS E 51 27.85 -5.41 29.05
CA LYS E 51 27.12 -4.16 29.14
C LYS E 51 26.92 -3.57 27.74
N LEU E 52 25.95 -2.68 27.63
CA LEU E 52 25.62 -2.06 26.35
C LEU E 52 25.58 -0.55 26.50
N LEU E 53 25.79 0.12 25.37
CA LEU E 53 25.70 1.58 25.32
C LEU E 53 25.41 1.94 23.86
N VAL E 54 24.18 2.37 23.58
CA VAL E 54 23.82 2.79 22.23
C VAL E 54 24.08 4.28 22.11
N ILE E 55 24.83 4.68 21.09
CA ILE E 55 25.20 6.06 20.88
C ILE E 55 24.45 6.58 19.66
N ARG E 56 23.48 7.46 19.88
CA ARG E 56 22.78 8.12 18.79
C ARG E 56 23.56 9.37 18.41
N THR E 57 23.91 9.50 17.13
CA THR E 57 24.77 10.57 16.65
C THR E 57 23.99 11.64 15.91
N LYS E 58 22.85 12.06 16.45
CA LYS E 58 22.04 13.10 15.85
C LYS E 58 22.81 14.41 15.76
N GLY E 59 22.21 15.39 15.13
CA GLY E 59 22.85 16.69 15.02
C GLY E 59 22.41 17.39 13.75
N THR E 60 23.33 18.15 13.18
CA THR E 60 23.12 18.82 11.91
C THR E 60 24.46 19.35 11.41
N ILE E 61 24.74 19.12 10.14
CA ILE E 61 25.93 19.64 9.48
C ILE E 61 25.48 20.64 8.42
N ALA E 62 25.74 21.92 8.65
CA ALA E 62 25.19 22.94 7.78
C ALA E 62 25.77 22.83 6.38
N GLY E 63 24.92 23.12 5.39
CA GLY E 63 25.32 22.90 4.01
C GLY E 63 26.44 23.80 3.54
N GLN E 64 26.37 25.09 3.86
CA GLN E 64 27.37 26.08 3.43
C GLN E 64 27.47 26.12 1.90
N TYR E 65 26.40 26.60 1.27
CA TYR E 65 26.28 26.70 -0.19
C TYR E 65 26.26 28.18 -0.54
N ARG E 66 27.39 28.73 -0.97
CA ARG E 66 27.49 30.16 -1.20
C ARG E 66 28.59 30.43 -2.21
N VAL E 67 28.52 31.61 -2.84
CA VAL E 67 29.53 32.06 -3.79
C VAL E 67 30.73 32.59 -3.02
N TYR E 68 31.81 31.80 -2.98
CA TYR E 68 32.93 32.16 -2.10
C TYR E 68 33.73 33.33 -2.66
N SER E 69 33.84 33.43 -3.98
CA SER E 69 34.61 34.53 -4.56
C SER E 69 34.11 34.83 -5.96
N GLU E 70 34.34 36.07 -6.39
CA GLU E 70 34.05 36.50 -7.75
C GLU E 70 35.19 37.35 -8.27
N GLU E 71 35.55 37.14 -9.53
CA GLU E 71 36.68 37.83 -10.17
C GLU E 71 36.16 38.51 -11.43
N GLY E 72 35.59 39.71 -11.27
CA GLY E 72 35.00 40.41 -12.38
C GLY E 72 33.61 39.89 -12.72
N ALA E 73 33.15 40.30 -13.90
CA ALA E 73 31.84 39.91 -14.40
C ALA E 73 31.90 38.73 -15.37
N ASN E 74 33.06 38.09 -15.50
CA ASN E 74 33.21 36.94 -16.39
C ASN E 74 33.75 35.72 -15.67
N LYS E 75 33.82 35.74 -14.34
CA LYS E 75 34.35 34.59 -13.61
C LYS E 75 33.81 34.63 -12.19
N SER E 76 33.44 33.47 -11.66
CA SER E 76 32.94 33.37 -10.30
C SER E 76 33.08 31.93 -9.82
N GLY E 77 32.90 31.74 -8.53
CA GLY E 77 33.06 30.44 -7.93
C GLY E 77 31.91 30.11 -7.00
N LEU E 78 31.85 28.84 -6.61
CA LEU E 78 30.80 28.35 -5.74
C LEU E 78 31.35 27.18 -4.94
N ALA E 79 31.10 27.18 -3.65
CA ALA E 79 31.51 26.07 -2.79
C ALA E 79 30.26 25.38 -2.27
N TRP E 80 30.11 24.10 -2.59
CA TRP E 80 28.92 23.37 -2.22
C TRP E 80 29.29 22.06 -1.54
N PRO E 81 28.46 21.56 -0.64
CA PRO E 81 28.83 20.36 0.11
C PRO E 81 28.76 19.09 -0.71
N SER E 82 29.93 18.52 -1.03
CA SER E 82 29.96 17.32 -1.85
C SER E 82 29.56 16.09 -1.04
N ALA E 83 29.90 16.05 0.24
CA ALA E 83 29.64 14.86 1.03
C ALA E 83 29.75 15.19 2.51
N PHE E 84 28.78 14.71 3.29
CA PHE E 84 28.80 14.81 4.73
C PHE E 84 29.22 13.46 5.33
N LYS E 85 29.97 13.52 6.42
CA LYS E 85 30.50 12.31 7.03
C LYS E 85 30.31 12.35 8.54
N VAL E 86 30.22 11.18 9.15
CA VAL E 86 30.12 11.03 10.60
C VAL E 86 30.91 9.78 10.97
N GLN E 87 31.98 9.96 11.72
CA GLN E 87 32.83 8.85 12.16
C GLN E 87 32.77 8.74 13.67
N LEU E 88 32.96 7.53 14.19
CA LEU E 88 32.90 7.26 15.62
C LEU E 88 34.06 6.35 15.98
N GLN E 89 35.25 6.91 16.20
CA GLN E 89 36.43 6.13 16.48
C GLN E 89 36.52 5.77 17.96
N LEU E 90 37.35 4.77 18.25
CA LEU E 90 37.53 4.26 19.58
C LEU E 90 39.01 3.88 19.70
N PRO E 91 39.71 4.37 20.72
CA PRO E 91 41.15 4.10 20.81
C PRO E 91 41.45 2.62 20.86
N ASP E 92 42.48 2.20 20.13
CA ASP E 92 42.86 0.79 20.09
C ASP E 92 43.36 0.29 21.43
N ASN E 93 43.67 1.21 22.35
CA ASN E 93 44.07 0.80 23.70
C ASN E 93 42.90 0.20 24.46
N GLU E 94 41.70 0.73 24.28
CA GLU E 94 40.55 0.30 25.06
C GLU E 94 40.08 -1.09 24.65
N VAL E 95 39.35 -1.75 25.56
CA VAL E 95 38.87 -3.10 25.34
C VAL E 95 37.39 -3.16 25.02
N ALA E 96 36.71 -2.02 25.00
CA ALA E 96 35.33 -2.00 24.51
C ALA E 96 35.32 -2.12 22.99
N GLN E 97 34.27 -2.74 22.47
CA GLN E 97 34.16 -3.02 21.05
C GLN E 97 32.83 -2.51 20.54
N ILE E 98 32.80 -2.06 19.29
CA ILE E 98 31.52 -1.70 18.70
C ILE E 98 30.80 -2.99 18.32
N SER E 99 29.55 -3.09 18.74
CA SER E 99 28.80 -4.32 18.56
C SER E 99 28.00 -4.30 17.27
N ASP E 100 27.13 -3.31 17.08
CA ASP E 100 26.31 -3.21 15.89
C ASP E 100 26.27 -1.76 15.44
N TYR E 101 25.43 -1.50 14.45
CA TYR E 101 25.30 -0.19 13.83
C TYR E 101 24.08 -0.19 12.94
N TYR E 102 23.51 0.99 12.71
CA TYR E 102 22.35 1.13 11.86
C TYR E 102 22.29 2.59 11.43
N PRO E 103 22.00 2.88 10.17
CA PRO E 103 21.68 2.01 9.03
C PRO E 103 22.86 1.26 8.45
N ARG E 104 22.59 0.32 7.55
CA ARG E 104 23.63 -0.47 6.90
C ARG E 104 23.35 -0.50 5.39
N ASN E 105 24.33 -1.03 4.67
CA ASN E 105 24.22 -1.11 3.21
C ASN E 105 23.07 -2.02 2.80
N SER E 106 22.33 -1.59 1.79
CA SER E 106 21.18 -2.32 1.27
C SER E 106 21.39 -2.62 -0.21
N ILE E 107 20.75 -3.69 -0.67
CA ILE E 107 20.91 -4.15 -2.04
C ILE E 107 19.91 -3.44 -2.93
N ASP E 108 20.40 -2.91 -4.05
CA ASP E 108 19.55 -2.17 -4.98
C ASP E 108 18.62 -3.12 -5.73
N THR E 109 17.79 -2.54 -6.59
CA THR E 109 16.83 -3.31 -7.37
C THR E 109 16.49 -2.50 -8.61
N LYS E 110 16.09 -3.19 -9.67
CA LYS E 110 15.68 -2.53 -10.90
C LYS E 110 14.65 -3.41 -11.60
N GLU E 111 13.71 -2.77 -12.29
CA GLU E 111 12.69 -3.49 -13.03
C GLU E 111 13.10 -3.60 -14.48
N TYR E 112 12.96 -4.80 -15.04
CA TYR E 112 13.27 -5.05 -16.44
C TYR E 112 12.00 -5.48 -17.15
N MET E 113 11.68 -4.83 -18.25
CA MET E 113 10.46 -5.09 -18.99
C MET E 113 10.79 -5.24 -20.47
N SER E 114 10.28 -6.29 -21.10
CA SER E 114 10.58 -6.60 -22.48
C SER E 114 9.31 -6.68 -23.30
N THR E 115 9.41 -6.35 -24.58
CA THR E 115 8.26 -6.28 -25.47
C THR E 115 8.56 -7.09 -26.72
N LEU E 116 7.50 -7.54 -27.38
CA LEU E 116 7.60 -8.21 -28.68
C LEU E 116 6.27 -8.00 -29.38
N THR E 117 6.22 -7.07 -30.33
CA THR E 117 5.00 -6.72 -31.04
C THR E 117 5.21 -6.89 -32.52
N TYR E 118 4.32 -7.64 -33.17
CA TYR E 118 4.34 -7.76 -34.62
C TYR E 118 2.93 -7.62 -35.16
N GLY E 119 2.80 -6.82 -36.23
CA GLY E 119 1.53 -6.52 -36.82
C GLY E 119 1.54 -6.68 -38.33
N PHE E 120 0.38 -6.43 -38.92
CA PHE E 120 0.19 -6.54 -40.36
C PHE E 120 -0.60 -5.34 -40.85
N ASN E 121 -0.43 -5.01 -42.13
CA ASN E 121 -1.04 -3.83 -42.71
C ASN E 121 -1.79 -4.21 -43.98
N GLY E 122 -2.94 -3.57 -44.18
CA GLY E 122 -3.73 -3.82 -45.36
C GLY E 122 -3.75 -2.62 -46.28
N ILE E 136 1.31 -7.00 -48.42
CA ILE E 136 1.13 -6.93 -46.98
C ILE E 136 2.42 -6.53 -46.29
N GLY E 137 2.38 -5.44 -45.54
CA GLY E 137 3.55 -4.95 -44.82
C GLY E 137 3.67 -5.46 -43.41
N ALA E 138 3.97 -6.74 -43.25
CA ALA E 138 4.16 -7.30 -41.91
C ALA E 138 5.42 -6.72 -41.27
N ASN E 139 5.28 -6.17 -40.07
CA ASN E 139 6.39 -5.62 -39.31
C ASN E 139 6.59 -6.42 -38.02
N VAL E 140 7.75 -6.21 -37.40
CA VAL E 140 8.09 -6.82 -36.12
C VAL E 140 8.82 -5.78 -35.28
N SER E 141 8.45 -5.68 -34.00
CA SER E 141 9.05 -4.71 -33.10
C SER E 141 9.49 -5.39 -31.82
N ILE E 142 10.73 -5.16 -31.42
CA ILE E 142 11.31 -5.76 -30.22
C ILE E 142 11.94 -4.65 -29.39
N GLY E 143 11.60 -4.59 -28.11
CA GLY E 143 12.11 -3.53 -27.26
C GLY E 143 12.18 -3.96 -25.82
N HIS E 144 13.03 -3.29 -25.04
CA HIS E 144 13.15 -3.56 -23.62
C HIS E 144 13.41 -2.26 -22.87
N THR E 145 12.77 -2.11 -21.71
CA THR E 145 12.91 -0.94 -20.87
C THR E 145 13.37 -1.34 -19.48
N LEU E 146 14.01 -0.41 -18.78
CA LEU E 146 14.63 -0.71 -17.49
C LEU E 146 14.58 0.53 -16.61
N LYS E 147 13.99 0.40 -15.42
CA LYS E 147 13.73 1.56 -14.57
C LYS E 147 14.17 1.29 -13.15
N TYR E 148 14.54 2.38 -12.46
CA TYR E 148 15.10 2.31 -11.11
C TYR E 148 15.13 3.72 -10.55
N VAL E 149 15.11 3.83 -9.22
CA VAL E 149 15.04 5.13 -8.56
C VAL E 149 16.44 5.60 -8.21
N GLN E 150 16.62 6.92 -8.16
CA GLN E 150 17.93 7.54 -7.97
C GLN E 150 17.85 8.63 -6.90
N PRO E 151 18.21 8.32 -5.66
CA PRO E 151 18.22 9.35 -4.63
C PRO E 151 19.24 10.43 -4.95
N ASP E 152 18.96 11.66 -4.51
CA ASP E 152 19.90 12.75 -4.72
C ASP E 152 21.19 12.55 -3.93
N PHE E 153 21.08 12.12 -2.68
CA PHE E 153 22.21 11.82 -1.82
C PHE E 153 22.14 10.37 -1.36
N LYS E 154 23.28 9.70 -1.32
CA LYS E 154 23.35 8.29 -0.95
C LYS E 154 23.98 8.13 0.43
N THR E 155 23.31 7.42 1.33
CA THR E 155 23.83 7.18 2.68
C THR E 155 24.58 5.85 2.67
N ILE E 156 25.89 5.91 2.48
CA ILE E 156 26.73 4.74 2.46
C ILE E 156 27.30 4.50 3.85
N LEU E 157 27.17 3.28 4.35
CA LEU E 157 27.88 2.87 5.57
C LEU E 157 29.28 2.47 5.16
N GLU E 158 30.26 3.31 5.50
CA GLU E 158 31.64 2.97 5.24
C GLU E 158 32.01 1.75 6.07
N SER E 159 32.91 0.93 5.54
CA SER E 159 33.20 -0.36 6.12
C SER E 159 33.65 -0.21 7.58
N PRO E 160 32.96 -0.84 8.52
CA PRO E 160 33.33 -0.71 9.94
C PRO E 160 34.36 -1.76 10.33
N THR E 161 34.94 -1.55 11.51
CA THR E 161 35.91 -2.47 12.09
C THR E 161 35.56 -2.64 13.56
N ASP E 162 36.51 -3.21 14.32
CA ASP E 162 36.26 -3.47 15.74
C ASP E 162 36.21 -2.18 16.54
N LYS E 163 37.04 -1.20 16.18
CA LYS E 163 37.13 0.05 16.92
C LYS E 163 36.60 1.26 16.18
N LYS E 164 36.33 1.16 14.89
CA LYS E 164 35.93 2.32 14.10
C LYS E 164 34.72 1.97 13.25
N VAL E 165 33.73 2.86 13.25
CA VAL E 165 32.59 2.78 12.36
C VAL E 165 32.26 4.18 11.88
N GLY E 166 31.93 4.30 10.60
CA GLY E 166 31.60 5.60 10.04
C GLY E 166 30.60 5.48 8.92
N TRP E 167 29.88 6.57 8.69
CA TRP E 167 28.96 6.70 7.57
C TRP E 167 29.39 7.87 6.71
N LYS E 168 28.80 7.96 5.52
CA LYS E 168 28.98 9.14 4.69
C LYS E 168 27.74 9.29 3.81
N VAL E 169 27.49 10.53 3.40
CA VAL E 169 26.39 10.84 2.51
C VAL E 169 26.96 11.58 1.31
N ILE E 170 26.94 10.95 0.15
CA ILE E 170 27.59 11.47 -1.04
C ILE E 170 26.54 12.02 -2.00
N PHE E 171 27.00 12.76 -2.99
CA PHE E 171 26.12 13.46 -3.93
C PHE E 171 25.95 12.59 -5.17
N ASN E 172 24.75 12.01 -5.32
CA ASN E 172 24.50 11.16 -6.47
C ASN E 172 24.37 11.96 -7.75
N ASN E 173 23.27 12.69 -7.90
CA ASN E 173 23.03 13.57 -9.04
C ASN E 173 21.76 14.37 -8.77
N MET E 174 21.52 15.39 -9.58
CA MET E 174 20.42 16.31 -9.35
C MET E 174 19.92 16.87 -10.66
N VAL E 175 18.62 17.16 -10.72
CA VAL E 175 17.96 17.62 -11.93
C VAL E 175 17.93 19.14 -11.91
N ASN E 176 18.57 19.74 -12.91
CA ASN E 176 18.74 21.19 -12.98
C ASN E 176 17.59 21.81 -13.76
N GLN E 177 16.66 22.45 -13.05
CA GLN E 177 15.51 23.11 -13.66
C GLN E 177 14.75 22.17 -14.60
N ASN E 178 14.31 21.05 -14.06
CA ASN E 178 13.52 20.06 -14.79
C ASN E 178 14.18 19.72 -16.12
N TRP E 179 15.50 19.58 -16.09
CA TRP E 179 16.27 19.42 -17.33
C TRP E 179 17.57 18.70 -16.96
N GLY E 180 17.61 17.39 -17.22
CA GLY E 180 18.83 16.64 -17.14
C GLY E 180 19.17 16.29 -15.71
N PRO E 181 19.46 15.02 -15.46
CA PRO E 181 20.11 14.65 -14.21
C PRO E 181 21.63 14.82 -14.33
N TYR E 182 22.18 15.81 -13.65
CA TYR E 182 23.60 16.11 -13.74
C TYR E 182 24.34 15.62 -12.51
N ASP E 183 25.61 15.25 -12.70
CA ASP E 183 26.45 14.76 -11.62
C ASP E 183 27.80 15.45 -11.70
N ARG E 184 28.68 15.13 -10.76
CA ARG E 184 29.97 15.81 -10.68
C ARG E 184 30.84 15.50 -11.88
N ASP E 185 30.59 14.39 -12.57
CA ASP E 185 31.42 13.95 -13.67
C ASP E 185 30.89 14.33 -15.04
N SER E 186 29.69 14.91 -15.13
CA SER E 186 29.12 15.23 -16.44
C SER E 186 29.97 16.27 -17.16
N TRP E 187 30.03 16.15 -18.47
CA TRP E 187 30.78 17.09 -19.29
C TRP E 187 30.10 17.25 -20.63
N ASN E 188 29.98 18.49 -21.08
CA ASN E 188 29.37 18.84 -22.36
C ASN E 188 30.37 19.73 -23.08
N PRO E 189 30.82 19.37 -24.29
CA PRO E 189 31.94 20.10 -24.90
C PRO E 189 31.70 21.59 -25.05
N VAL E 190 30.45 22.01 -25.26
CA VAL E 190 30.17 23.43 -25.44
C VAL E 190 30.05 24.14 -24.10
N TYR E 191 29.20 23.61 -23.21
CA TYR E 191 28.85 24.29 -21.97
C TYR E 191 29.59 23.77 -20.75
N GLY E 192 30.34 22.68 -20.85
CA GLY E 192 30.99 22.19 -19.66
C GLY E 192 29.99 21.55 -18.71
N ASN E 193 30.41 21.40 -17.46
CA ASN E 193 29.54 20.82 -16.45
C ASN E 193 28.50 21.84 -16.01
N GLN E 194 27.23 21.60 -16.32
CA GLN E 194 26.17 22.56 -16.11
C GLN E 194 25.35 22.20 -14.87
N LEU E 195 26.03 21.77 -13.81
CA LEU E 195 25.36 21.27 -12.62
C LEU E 195 24.54 22.37 -11.94
N PHE E 196 25.10 23.56 -11.79
CA PHE E 196 24.47 24.66 -11.07
C PHE E 196 24.41 25.92 -11.93
N MET E 197 24.25 25.76 -13.23
CA MET E 197 24.28 26.89 -14.15
C MET E 197 22.84 27.34 -14.39
N LYS E 198 22.54 28.56 -13.96
CA LYS E 198 21.17 29.07 -14.07
C LYS E 198 20.75 29.24 -15.52
N THR E 199 21.60 29.87 -16.34
CA THR E 199 21.29 30.14 -17.73
C THR E 199 22.49 29.85 -18.60
N ARG E 200 22.25 29.30 -19.79
CA ARG E 200 23.33 28.97 -20.70
C ARG E 200 23.84 30.20 -21.44
N ASN E 201 22.96 30.85 -22.21
CA ASN E 201 23.30 32.10 -22.89
C ASN E 201 22.82 33.30 -22.07
N GLY E 202 23.24 33.34 -20.82
CA GLY E 202 22.90 34.44 -19.96
C GLY E 202 23.74 35.66 -20.24
N SER E 203 23.23 36.82 -19.82
CA SER E 203 23.92 38.08 -20.00
C SER E 203 24.14 38.80 -18.67
N MET E 204 23.97 38.12 -17.55
CA MET E 204 24.13 38.72 -16.24
C MET E 204 25.57 38.60 -15.76
N LYS E 205 25.82 39.19 -14.61
CA LYS E 205 27.10 39.02 -13.94
C LYS E 205 27.29 37.54 -13.61
N ALA E 206 28.54 37.09 -13.64
CA ALA E 206 28.82 35.68 -13.37
C ALA E 206 28.40 35.30 -11.95
N ALA E 207 28.64 36.18 -10.98
CA ALA E 207 28.28 35.90 -9.61
C ALA E 207 26.78 35.69 -9.43
N ASP E 208 25.95 36.18 -10.35
CA ASP E 208 24.50 36.07 -10.25
C ASP E 208 23.94 35.09 -11.27
N ASN E 209 24.75 34.15 -11.73
CA ASN E 209 24.34 33.13 -12.69
C ASN E 209 24.44 31.73 -12.11
N PHE E 210 24.13 31.57 -10.83
CA PHE E 210 24.10 30.27 -10.20
C PHE E 210 22.68 29.92 -9.80
N LEU E 211 22.40 28.62 -9.75
CA LEU E 211 21.08 28.14 -9.40
C LEU E 211 20.69 28.64 -8.01
N ASP E 212 19.45 29.11 -7.88
CA ASP E 212 18.98 29.59 -6.60
C ASP E 212 18.96 28.44 -5.60
N PRO E 213 19.46 28.65 -4.37
CA PRO E 213 19.58 27.53 -3.44
C PRO E 213 18.26 26.85 -3.12
N ASN E 214 17.15 27.57 -3.23
CA ASN E 214 15.83 26.95 -3.06
C ASN E 214 15.55 25.96 -4.18
N LYS E 215 15.96 26.29 -5.41
CA LYS E 215 15.73 25.40 -6.54
C LYS E 215 16.52 24.10 -6.40
N ALA E 216 17.67 24.15 -5.75
CA ALA E 216 18.50 22.98 -5.54
C ALA E 216 17.86 22.05 -4.52
N SER E 217 18.58 20.98 -4.18
CA SER E 217 18.19 20.12 -3.08
C SER E 217 18.30 20.87 -1.76
N SER E 218 17.53 20.42 -0.77
CA SER E 218 17.58 21.06 0.54
C SER E 218 18.92 20.84 1.23
N LEU E 219 19.52 19.67 1.05
CA LEU E 219 20.74 19.35 1.77
C LEU E 219 21.91 20.22 1.34
N LEU E 220 21.83 20.83 0.16
CA LEU E 220 22.96 21.63 -0.32
C LEU E 220 23.16 22.88 0.53
N SER E 221 22.09 23.60 0.82
CA SER E 221 22.20 24.87 1.52
C SER E 221 21.76 24.84 2.97
N SER E 222 20.74 24.07 3.31
CA SER E 222 20.18 24.08 4.66
C SER E 222 20.75 22.99 5.56
N GLY E 223 21.51 22.04 5.03
CA GLY E 223 22.28 21.13 5.85
C GLY E 223 21.63 19.76 5.97
N PHE E 224 22.43 18.83 6.49
CA PHE E 224 22.05 17.43 6.64
C PHE E 224 22.13 17.04 8.10
N SER E 225 21.06 16.46 8.62
CA SER E 225 20.97 16.11 10.03
C SER E 225 21.05 14.60 10.21
N PRO E 226 22.14 14.06 10.75
CA PRO E 226 22.29 12.61 10.86
C PRO E 226 21.27 11.99 11.79
N ASP E 227 21.11 10.67 11.63
CA ASP E 227 20.45 9.85 12.65
C ASP E 227 21.06 8.45 12.54
N PHE E 228 22.07 8.20 13.36
CA PHE E 228 22.87 6.99 13.28
C PHE E 228 22.98 6.39 14.67
N ALA E 229 23.24 5.09 14.74
CA ALA E 229 23.34 4.42 16.03
C ALA E 229 24.47 3.40 16.01
N THR E 230 25.23 3.35 17.11
CA THR E 230 26.29 2.36 17.31
C THR E 230 26.22 1.89 18.76
N VAL E 231 25.92 0.62 18.97
CA VAL E 231 25.98 0.03 20.30
C VAL E 231 27.38 -0.52 20.51
N ILE E 232 28.00 -0.15 21.62
CA ILE E 232 29.32 -0.65 22.00
C ILE E 232 29.17 -1.46 23.28
N THR E 233 29.81 -2.61 23.34
CA THR E 233 29.72 -3.51 24.47
C THR E 233 31.06 -3.59 25.18
N MET E 234 31.03 -3.70 26.50
CA MET E 234 32.24 -3.85 27.29
C MET E 234 32.14 -5.08 28.17
N ASP E 235 33.24 -5.80 28.28
CA ASP E 235 33.31 -6.96 29.16
C ASP E 235 32.96 -6.56 30.58
N ARG E 236 32.16 -7.39 31.24
CA ARG E 236 31.63 -7.01 32.55
C ARG E 236 32.66 -7.11 33.66
N LYS E 237 33.72 -7.90 33.47
CA LYS E 237 34.78 -8.06 34.46
C LYS E 237 36.07 -7.35 34.04
N ALA E 238 35.95 -6.25 33.30
CA ALA E 238 37.12 -5.53 32.86
C ALA E 238 37.88 -4.94 34.04
N SER E 239 39.20 -4.81 33.86
CA SER E 239 40.03 -4.27 34.93
C SER E 239 39.65 -2.82 35.23
N LYS E 240 39.52 -2.00 34.20
CA LYS E 240 39.05 -0.62 34.36
C LYS E 240 37.79 -0.42 33.56
N GLN E 241 36.75 0.11 34.21
CA GLN E 241 35.48 0.38 33.55
C GLN E 241 35.43 1.84 33.12
N GLN E 242 36.27 2.16 32.14
CA GLN E 242 36.30 3.52 31.62
C GLN E 242 37.00 3.59 30.27
N THR E 243 36.32 4.16 29.26
CA THR E 243 36.85 4.27 27.91
C THR E 243 36.44 5.61 27.34
N ASN E 244 37.39 6.31 26.71
CA ASN E 244 37.06 7.52 25.98
C ASN E 244 36.76 7.22 24.52
N ILE E 245 35.93 8.08 23.92
CA ILE E 245 35.50 7.93 22.53
C ILE E 245 35.63 9.28 21.82
N ASP E 246 36.01 9.23 20.54
CA ASP E 246 36.05 10.39 19.68
C ASP E 246 34.99 10.23 18.60
N VAL E 247 34.18 11.26 18.40
CA VAL E 247 33.21 11.29 17.31
C VAL E 247 33.53 12.49 16.43
N ILE E 248 33.60 12.25 15.13
CA ILE E 248 34.07 13.24 14.17
C ILE E 248 32.97 13.51 13.16
N TYR E 249 32.61 14.77 13.00
CA TYR E 249 31.79 15.19 11.89
C TYR E 249 32.68 15.86 10.85
N GLU E 250 32.25 15.84 9.59
CA GLU E 250 32.96 16.60 8.58
C GLU E 250 32.11 16.71 7.34
N ARG E 251 32.39 17.75 6.56
CA ARG E 251 31.77 17.94 5.26
C ARG E 251 32.87 18.26 4.25
N VAL E 252 32.66 17.82 3.02
CA VAL E 252 33.62 18.01 1.94
C VAL E 252 32.98 18.91 0.90
N ARG E 253 33.64 20.01 0.56
CA ARG E 253 33.09 21.00 -0.34
C ARG E 253 33.85 21.01 -1.65
N ASP E 254 33.11 21.21 -2.75
CA ASP E 254 33.67 21.25 -4.09
C ASP E 254 33.63 22.67 -4.62
N ASP E 255 34.59 23.01 -5.46
CA ASP E 255 34.66 24.33 -6.06
C ASP E 255 34.08 24.26 -7.46
N TYR E 256 32.94 24.94 -7.67
CA TYR E 256 32.26 24.95 -8.97
C TYR E 256 32.47 26.33 -9.59
N GLN E 257 33.32 26.41 -10.60
CA GLN E 257 33.65 27.65 -11.27
C GLN E 257 32.91 27.76 -12.59
N LEU E 258 32.42 28.95 -12.92
CA LEU E 258 31.80 29.17 -14.22
C LEU E 258 32.24 30.51 -14.76
N HIS E 259 32.54 30.56 -16.06
CA HIS E 259 33.11 31.73 -16.71
C HIS E 259 32.56 31.84 -18.12
N TRP E 260 32.76 33.01 -18.73
CA TRP E 260 32.24 33.30 -20.06
C TRP E 260 33.29 33.02 -21.12
N THR E 261 32.89 32.32 -22.18
CA THR E 261 33.77 32.01 -23.30
C THR E 261 33.52 32.91 -24.50
N SER E 262 32.94 34.09 -24.28
CA SER E 262 32.56 35.11 -25.26
C SER E 262 31.32 34.70 -26.06
N THR E 263 30.80 33.50 -25.88
CA THR E 263 29.57 33.08 -26.55
C THR E 263 28.55 32.48 -25.60
N ASN E 264 29.00 31.72 -24.60
CA ASN E 264 28.11 31.10 -23.63
C ASN E 264 28.92 30.74 -22.40
N TRP E 265 28.20 30.52 -21.30
CA TRP E 265 28.87 30.16 -20.06
C TRP E 265 29.43 28.74 -20.14
N LYS E 266 30.57 28.53 -19.50
CA LYS E 266 31.13 27.20 -19.34
C LYS E 266 31.48 27.00 -17.87
N GLY E 267 31.05 25.87 -17.32
CA GLY E 267 31.24 25.60 -15.91
C GLY E 267 32.04 24.33 -15.69
N THR E 268 32.91 24.37 -14.69
CA THR E 268 33.77 23.25 -14.34
C THR E 268 33.69 23.01 -12.85
N ASN E 269 33.85 21.76 -12.45
CA ASN E 269 33.75 21.34 -11.06
C ASN E 269 35.01 20.62 -10.64
N THR E 270 35.57 21.01 -9.50
CA THR E 270 36.78 20.41 -8.95
C THR E 270 36.43 19.68 -7.66
N LYS E 271 36.81 18.41 -7.56
CA LYS E 271 36.33 17.53 -6.51
C LYS E 271 37.20 17.62 -5.26
N ASP E 272 36.53 17.66 -4.10
CA ASP E 272 37.17 17.60 -2.79
C ASP E 272 38.18 18.74 -2.62
N LYS E 273 37.67 19.96 -2.63
CA LYS E 273 38.55 21.12 -2.52
C LYS E 273 38.86 21.43 -1.06
N TRP E 274 37.83 21.54 -0.21
CA TRP E 274 38.00 21.82 1.21
C TRP E 274 37.25 20.79 2.03
N THR E 275 37.85 20.38 3.14
CA THR E 275 37.21 19.48 4.10
C THR E 275 37.48 20.01 5.49
N ASP E 276 36.43 20.15 6.30
CA ASP E 276 36.53 20.68 7.65
C ASP E 276 35.96 19.67 8.64
N ARG E 277 36.76 19.27 9.61
CA ARG E 277 36.39 18.24 10.58
C ARG E 277 36.16 18.87 11.94
N SER E 278 35.13 18.42 12.62
CA SER E 278 34.86 18.79 14.01
C SER E 278 34.95 17.54 14.85
N SER E 279 35.97 17.46 15.70
CA SER E 279 36.22 16.30 16.54
C SER E 279 35.97 16.63 18.00
N GLU E 280 35.28 15.72 18.70
CA GLU E 280 35.01 15.86 20.11
C GLU E 280 35.31 14.54 20.79
N ARG E 281 35.81 14.61 22.03
CA ARG E 281 36.18 13.42 22.78
C ARG E 281 35.32 13.30 24.01
N TYR E 282 34.69 12.14 24.18
CA TYR E 282 33.78 11.86 25.28
C TYR E 282 34.34 10.75 26.12
N LYS E 283 34.25 10.90 27.43
CA LYS E 283 34.75 9.94 28.37
C LYS E 283 33.58 9.17 28.96
N ILE E 284 33.62 7.84 28.85
CA ILE E 284 32.53 6.97 29.28
C ILE E 284 32.89 6.38 30.63
N ASP E 285 31.93 6.38 31.54
CA ASP E 285 32.11 5.83 32.88
C ASP E 285 31.10 4.71 33.05
N TRP E 286 31.54 3.47 32.86
CA TRP E 286 30.60 2.35 32.89
C TRP E 286 30.04 2.13 34.28
N GLU E 287 30.86 2.36 35.31
CA GLU E 287 30.40 2.11 36.68
C GLU E 287 29.32 3.10 37.09
N LYS E 288 29.54 4.39 36.83
CA LYS E 288 28.56 5.42 37.14
C LYS E 288 27.42 5.48 36.13
N GLU E 289 27.59 4.84 34.97
CA GLU E 289 26.61 4.88 33.89
C GLU E 289 26.32 6.32 33.48
N GLU E 290 27.37 7.04 33.08
CA GLU E 290 27.24 8.38 32.54
C GLU E 290 28.52 8.71 31.76
N MET E 291 28.36 9.37 30.63
CA MET E 291 29.50 9.83 29.83
C MET E 291 29.40 11.33 29.65
N THR E 292 30.53 12.02 29.77
CA THR E 292 30.59 13.46 29.83
C THR E 292 31.31 14.04 28.62
N ASN E 293 31.10 15.34 28.40
CA ASN E 293 31.74 16.08 27.32
C ASN E 293 33.25 16.01 27.43
N ALA F 1 14.07 0.50 13.39
CA ALA F 1 15.11 1.35 13.93
C ALA F 1 15.77 0.71 15.14
N ASP F 2 15.16 0.94 16.31
CA ASP F 2 15.71 0.38 17.55
C ASP F 2 15.59 -1.13 17.60
N SER F 3 14.52 -1.69 17.02
CA SER F 3 14.32 -3.13 17.06
C SER F 3 15.31 -3.88 16.19
N ASP F 4 15.97 -3.20 15.25
CA ASP F 4 16.93 -3.86 14.36
C ASP F 4 18.25 -4.16 15.07
N ILE F 5 18.51 -3.53 16.21
CA ILE F 5 19.76 -3.73 16.93
C ILE F 5 19.54 -4.74 18.05
N ASN F 6 18.45 -5.50 17.95
CA ASN F 6 18.04 -6.52 18.92
C ASN F 6 17.61 -5.93 20.25
N ILE F 7 17.50 -4.60 20.35
CA ILE F 7 17.00 -3.96 21.55
C ILE F 7 15.47 -3.93 21.47
N LYS F 8 14.83 -4.20 22.61
CA LYS F 8 13.36 -4.16 22.65
C LYS F 8 12.86 -2.76 22.29
N THR F 9 11.76 -2.72 21.55
CA THR F 9 11.19 -1.45 21.12
C THR F 9 10.81 -0.60 22.32
N GLY F 10 11.18 0.68 22.30
CA GLY F 10 10.88 1.59 23.37
C GLY F 10 11.82 1.54 24.56
N THR F 11 12.85 0.70 24.53
CA THR F 11 13.78 0.61 25.64
C THR F 11 14.56 1.91 25.82
N THR F 12 15.07 2.47 24.74
CA THR F 12 15.92 3.65 24.79
C THR F 12 15.14 4.95 24.75
N ASP F 13 13.82 4.90 24.62
CA ASP F 13 13.00 6.10 24.69
C ASP F 13 12.93 6.61 26.13
N ILE F 14 12.45 7.83 26.28
CA ILE F 14 12.39 8.46 27.61
C ILE F 14 10.94 8.81 27.96
N GLY F 15 10.72 9.20 29.21
CA GLY F 15 9.40 9.57 29.68
C GLY F 15 8.63 8.50 30.42
N SER F 16 9.26 7.38 30.76
CA SER F 16 8.57 6.34 31.50
C SER F 16 8.44 6.71 32.97
N ASN F 17 7.37 6.19 33.60
CA ASN F 17 7.06 6.37 35.01
C ASN F 17 7.35 7.79 35.53
N THR F 18 7.01 8.80 34.73
CA THR F 18 7.21 10.19 35.10
C THR F 18 5.98 11.00 34.73
N THR F 19 5.88 12.19 35.30
CA THR F 19 4.71 13.07 35.16
C THR F 19 5.10 14.31 34.35
N VAL F 20 4.62 14.39 33.13
CA VAL F 20 4.78 15.59 32.32
C VAL F 20 3.71 16.59 32.72
N LYS F 21 4.09 17.86 32.83
CA LYS F 21 3.15 18.94 33.08
C LYS F 21 2.99 19.73 31.80
N THR F 22 1.95 19.44 31.04
CA THR F 22 1.72 20.08 29.75
C THR F 22 1.13 21.47 29.97
N GLY F 23 0.81 22.15 28.88
CA GLY F 23 0.28 23.49 28.98
C GLY F 23 -0.12 24.02 27.63
N ASP F 24 -0.49 25.29 27.61
CA ASP F 24 -1.00 25.88 26.38
C ASP F 24 -1.02 27.40 26.53
N LEU F 25 -0.67 28.10 25.46
CA LEU F 25 -0.59 29.56 25.48
C LEU F 25 -0.99 30.08 24.12
N VAL F 26 -2.12 30.76 24.03
CA VAL F 26 -2.70 31.19 22.77
C VAL F 26 -2.65 32.71 22.69
N THR F 27 -2.21 33.22 21.54
CA THR F 27 -2.14 34.65 21.29
C THR F 27 -2.67 34.92 19.89
N TYR F 28 -3.25 36.10 19.68
CA TYR F 28 -3.67 36.52 18.35
C TYR F 28 -3.12 37.91 18.09
N ASP F 29 -2.48 38.06 16.93
CA ASP F 29 -1.83 39.31 16.53
C ASP F 29 -2.67 39.95 15.43
N LYS F 30 -3.65 40.75 15.84
CA LYS F 30 -4.64 41.24 14.89
C LYS F 30 -4.04 42.18 13.86
N GLU F 31 -2.90 42.80 14.16
CA GLU F 31 -2.25 43.66 13.17
C GLU F 31 -1.77 42.86 11.97
N ASN F 32 -1.13 41.71 12.21
CA ASN F 32 -0.59 40.88 11.15
C ASN F 32 -1.42 39.64 10.85
N GLY F 33 -2.46 39.37 11.62
CA GLY F 33 -3.27 38.19 11.39
C GLY F 33 -2.54 36.88 11.60
N MET F 34 -1.91 36.71 12.75
CA MET F 34 -1.15 35.50 13.07
C MET F 34 -1.67 34.88 14.35
N HIS F 35 -2.58 33.91 14.23
CA HIS F 35 -2.95 33.10 15.38
C HIS F 35 -1.75 32.31 15.85
N LYS F 36 -1.48 32.36 17.14
CA LYS F 36 -0.24 31.84 17.70
C LYS F 36 -0.55 30.96 18.90
N LYS F 37 0.16 29.84 19.01
CA LYS F 37 -0.15 28.83 20.03
C LYS F 37 1.09 28.01 20.32
N VAL F 38 1.47 27.92 21.59
CA VAL F 38 2.79 27.41 21.98
C VAL F 38 2.69 26.24 22.97
N PHE F 39 1.81 25.28 22.69
CA PHE F 39 1.73 24.05 23.49
C PHE F 39 3.11 23.54 23.88
N TYR F 40 3.30 23.30 25.17
CA TYR F 40 4.58 22.90 25.73
C TYR F 40 4.40 21.69 26.62
N SER F 41 5.51 21.17 27.14
CA SER F 41 5.47 19.99 28.00
C SER F 41 6.78 19.77 28.72
N PHE F 42 6.74 19.66 30.06
CA PHE F 42 7.94 19.55 30.88
C PHE F 42 8.14 18.10 31.29
N ILE F 43 9.04 17.41 30.61
CA ILE F 43 9.30 15.99 30.84
C ILE F 43 10.50 15.89 31.76
N ASP F 44 10.29 15.35 32.96
CA ASP F 44 11.35 15.22 33.96
C ASP F 44 11.54 13.74 34.30
N ASP F 45 12.58 13.12 33.73
CA ASP F 45 12.98 11.77 34.08
C ASP F 45 14.08 11.83 35.13
N LYS F 46 14.03 10.93 36.10
CA LYS F 46 15.15 10.83 37.02
C LYS F 46 16.33 10.09 36.38
N ASN F 47 16.06 9.27 35.36
CA ASN F 47 17.15 8.62 34.63
C ASN F 47 17.87 9.60 33.70
N HIS F 48 17.12 10.41 32.97
CA HIS F 48 17.73 11.36 32.04
C HIS F 48 18.59 12.35 32.80
N ASN F 49 19.70 12.75 32.20
CA ASN F 49 20.66 13.60 32.87
C ASN F 49 20.36 15.09 32.73
N LYS F 50 19.32 15.47 31.97
CA LYS F 50 18.92 16.86 31.84
C LYS F 50 17.40 16.94 31.80
N LYS F 51 16.87 18.07 32.23
CA LYS F 51 15.44 18.30 32.08
C LYS F 51 15.10 18.51 30.60
N LEU F 52 13.83 18.34 30.28
CA LEU F 52 13.37 18.51 28.90
C LEU F 52 12.15 19.42 28.86
N LEU F 53 11.95 20.03 27.70
CA LEU F 53 10.79 20.88 27.46
C LEU F 53 10.56 20.89 25.94
N VAL F 54 9.51 20.21 25.49
CA VAL F 54 9.19 20.19 24.06
C VAL F 54 8.23 21.33 23.77
N ILE F 55 8.57 22.16 22.81
CA ILE F 55 7.76 23.33 22.47
C ILE F 55 7.10 23.08 21.12
N ARG F 56 5.79 22.86 21.12
CA ARG F 56 5.04 22.76 19.89
C ARG F 56 4.61 24.15 19.44
N THR F 57 4.94 24.51 18.21
CA THR F 57 4.72 25.85 17.70
C THR F 57 3.53 25.93 16.75
N LYS F 58 2.42 25.30 17.11
CA LYS F 58 1.21 25.34 16.31
C LYS F 58 0.71 26.78 16.13
N GLY F 59 -0.30 26.93 15.31
CA GLY F 59 -0.87 28.24 15.11
C GLY F 59 -1.46 28.35 13.72
N THR F 60 -1.37 29.56 13.16
CA THR F 60 -1.80 29.82 11.80
C THR F 60 -1.31 31.19 11.38
N ILE F 61 -0.72 31.28 10.19
CA ILE F 61 -0.28 32.52 9.60
C ILE F 61 -1.16 32.79 8.39
N ALA F 62 -2.01 33.82 8.47
CA ALA F 62 -2.98 34.03 7.42
C ALA F 62 -2.30 34.39 6.10
N GLY F 63 -2.87 33.91 5.01
CA GLY F 63 -2.23 34.07 3.71
C GLY F 63 -2.16 35.51 3.25
N GLN F 64 -3.26 36.26 3.39
CA GLN F 64 -3.35 37.66 2.95
C GLN F 64 -3.06 37.77 1.46
N TYR F 65 -3.99 37.24 0.66
CA TYR F 65 -3.91 37.23 -0.80
C TYR F 65 -5.00 38.15 -1.33
N ARG F 66 -4.62 39.38 -1.71
CA ARG F 66 -5.61 40.36 -2.11
C ARG F 66 -4.96 41.39 -3.02
N VAL F 67 -5.80 42.09 -3.78
CA VAL F 67 -5.34 43.15 -4.68
C VAL F 67 -5.13 44.42 -3.85
N TYR F 68 -3.86 44.77 -3.62
CA TYR F 68 -3.58 45.86 -2.69
C TYR F 68 -3.88 47.22 -3.29
N SER F 69 -3.68 47.38 -4.60
CA SER F 69 -3.93 48.67 -5.22
C SER F 69 -4.24 48.49 -6.69
N GLU F 70 -4.98 49.44 -7.25
CA GLU F 70 -5.28 49.49 -8.67
C GLU F 70 -5.12 50.91 -9.18
N GLU F 71 -4.55 51.04 -10.37
CA GLU F 71 -4.26 52.34 -10.97
C GLU F 71 -4.91 52.39 -12.35
N GLY F 72 -6.19 52.72 -12.39
CA GLY F 72 -6.93 52.70 -13.64
C GLY F 72 -7.34 51.30 -14.05
N ALA F 73 -7.77 51.20 -15.31
CA ALA F 73 -8.20 49.94 -15.89
C ALA F 73 -7.11 49.26 -16.70
N ASN F 74 -5.88 49.76 -16.62
CA ASN F 74 -4.75 49.16 -17.34
C ASN F 74 -3.60 48.80 -16.42
N LYS F 75 -3.78 48.86 -15.11
CA LYS F 75 -2.71 48.52 -14.19
C LYS F 75 -3.30 48.12 -12.85
N SER F 76 -2.73 47.09 -12.24
CA SER F 76 -3.18 46.63 -10.93
C SER F 76 -2.07 45.83 -10.28
N GLY F 77 -2.26 45.55 -8.99
CA GLY F 77 -1.26 44.85 -8.21
C GLY F 77 -1.88 43.76 -7.37
N LEU F 78 -1.02 42.91 -6.84
CA LEU F 78 -1.44 41.78 -6.02
C LEU F 78 -0.33 41.46 -5.04
N ALA F 79 -0.68 41.31 -3.77
CA ALA F 79 0.28 40.94 -2.75
C ALA F 79 -0.06 39.54 -2.26
N TRP F 80 0.87 38.61 -2.44
CA TRP F 80 0.62 37.23 -2.10
C TRP F 80 1.74 36.67 -1.24
N PRO F 81 1.46 35.70 -0.38
CA PRO F 81 2.48 35.22 0.56
C PRO F 81 3.55 34.37 -0.11
N SER F 82 4.76 34.91 -0.22
CA SER F 82 5.83 34.18 -0.88
C SER F 82 6.40 33.09 0.01
N ALA F 83 6.41 33.31 1.33
CA ALA F 83 7.04 32.35 2.23
C ALA F 83 6.61 32.63 3.66
N PHE F 84 6.27 31.57 4.38
CA PHE F 84 5.97 31.64 5.81
C PHE F 84 7.17 31.12 6.60
N LYS F 85 7.41 31.73 7.75
CA LYS F 85 8.57 31.38 8.57
C LYS F 85 8.17 31.26 10.03
N VAL F 86 8.91 30.44 10.76
CA VAL F 86 8.72 30.26 12.20
C VAL F 86 10.11 30.06 12.81
N GLN F 87 10.54 31.01 13.64
CA GLN F 87 11.84 30.94 14.29
C GLN F 87 11.64 30.86 15.79
N LEU F 88 12.59 30.24 16.48
CA LEU F 88 12.52 30.04 17.93
C LEU F 88 13.89 30.35 18.52
N GLN F 89 14.17 31.62 18.76
CA GLN F 89 15.46 32.05 19.27
C GLN F 89 15.55 31.90 20.77
N LEU F 90 16.78 31.88 21.27
CA LEU F 90 17.06 31.70 22.67
C LEU F 90 18.26 32.60 22.98
N PRO F 91 18.18 33.45 24.00
CA PRO F 91 19.27 34.40 24.25
C PRO F 91 20.58 33.67 24.52
N ASP F 92 21.67 34.22 23.96
CA ASP F 92 22.98 33.61 24.14
C ASP F 92 23.45 33.68 25.59
N ASN F 93 22.80 34.50 26.41
CA ASN F 93 23.13 34.55 27.83
C ASN F 93 22.74 33.26 28.54
N GLU F 94 21.59 32.67 28.17
CA GLU F 94 21.08 31.52 28.88
C GLU F 94 21.92 30.28 28.60
N VAL F 95 21.82 29.29 29.50
CA VAL F 95 22.57 28.06 29.40
C VAL F 95 21.74 26.88 28.95
N ALA F 96 20.44 27.08 28.73
CA ALA F 96 19.65 26.04 28.09
C ALA F 96 19.98 25.97 26.61
N GLN F 97 19.87 24.77 26.05
CA GLN F 97 20.24 24.52 24.67
C GLN F 97 19.11 23.78 23.98
N ILE F 98 18.94 24.04 22.68
CA ILE F 98 17.98 23.26 21.93
C ILE F 98 18.60 21.88 21.66
N SER F 99 17.84 20.84 21.94
CA SER F 99 18.32 19.48 21.84
C SER F 99 18.02 18.88 20.47
N ASP F 100 16.75 18.87 20.07
CA ASP F 100 16.34 18.31 18.80
C ASP F 100 15.29 19.20 18.16
N TYR F 101 14.70 18.71 17.07
CA TYR F 101 13.73 19.45 16.28
C TYR F 101 13.11 18.48 15.28
N TYR F 102 11.90 18.80 14.85
CA TYR F 102 11.20 17.99 13.87
C TYR F 102 10.13 18.86 13.24
N PRO F 103 9.93 18.82 11.92
CA PRO F 103 10.57 17.99 10.90
C PRO F 103 11.98 18.43 10.54
N ARG F 104 12.68 17.63 9.73
CA ARG F 104 14.03 17.92 9.30
C ARG F 104 14.14 17.69 7.80
N ASN F 105 15.27 18.12 7.25
CA ASN F 105 15.50 17.99 5.82
C ASN F 105 15.55 16.53 5.41
N SER F 106 14.92 16.22 4.27
CA SER F 106 14.84 14.87 3.75
C SER F 106 15.43 14.84 2.34
N ILE F 107 15.92 13.67 1.95
CA ILE F 107 16.59 13.50 0.67
C ILE F 107 15.56 13.19 -0.41
N ASP F 108 15.66 13.90 -1.53
CA ASP F 108 14.71 13.73 -2.63
C ASP F 108 14.96 12.41 -3.34
N THR F 109 14.15 12.14 -4.36
CA THR F 109 14.25 10.91 -5.14
C THR F 109 13.65 11.18 -6.50
N LYS F 110 14.09 10.41 -7.49
CA LYS F 110 13.54 10.52 -8.83
C LYS F 110 13.68 9.16 -9.52
N GLU F 111 12.71 8.83 -10.36
CA GLU F 111 12.75 7.59 -11.11
C GLU F 111 13.32 7.83 -12.50
N TYR F 112 14.24 6.98 -12.91
CA TYR F 112 14.85 7.05 -14.23
C TYR F 112 14.49 5.81 -15.01
N MET F 113 13.95 5.98 -16.21
CA MET F 113 13.51 4.88 -17.04
C MET F 113 14.07 5.04 -18.44
N SER F 114 14.63 3.97 -18.99
CA SER F 114 15.29 4.03 -20.29
C SER F 114 14.69 2.98 -21.21
N THR F 115 14.71 3.26 -22.50
CA THR F 115 14.09 2.41 -23.50
C THR F 115 15.09 2.14 -24.61
N LEU F 116 14.88 1.03 -25.32
CA LEU F 116 15.67 0.69 -26.50
C LEU F 116 14.81 -0.22 -27.36
N THR F 117 14.22 0.34 -28.41
CA THR F 117 13.29 -0.39 -29.27
C THR F 117 13.79 -0.33 -30.71
N TYR F 118 13.90 -1.50 -31.35
CA TYR F 118 14.24 -1.55 -32.77
C TYR F 118 13.33 -2.54 -33.46
N GLY F 119 12.82 -2.12 -34.62
CA GLY F 119 11.87 -2.92 -35.38
C GLY F 119 12.26 -3.03 -36.84
N PHE F 120 11.43 -3.77 -37.57
CA PHE F 120 11.64 -4.00 -38.99
C PHE F 120 10.31 -3.86 -39.71
N ASN F 121 10.37 -3.50 -40.99
CA ASN F 121 9.18 -3.23 -41.78
C ASN F 121 9.20 -4.05 -43.05
N GLY F 122 8.04 -4.53 -43.45
CA GLY F 122 7.92 -5.30 -44.67
C GLY F 122 7.21 -4.53 -45.76
N ILE F 136 14.00 -3.39 -46.78
CA ILE F 136 13.60 -3.48 -45.38
C ILE F 136 13.99 -2.24 -44.61
N GLY F 137 13.00 -1.58 -44.01
CA GLY F 137 13.26 -0.37 -43.24
C GLY F 137 13.50 -0.60 -41.76
N ALA F 138 14.64 -1.19 -41.42
CA ALA F 138 14.97 -1.38 -40.01
C ALA F 138 15.21 -0.04 -39.33
N ASN F 139 14.52 0.20 -38.23
CA ASN F 139 14.66 1.40 -37.43
C ASN F 139 15.19 1.05 -36.04
N VAL F 140 15.66 2.09 -35.33
CA VAL F 140 16.13 1.97 -33.95
C VAL F 140 15.66 3.19 -33.19
N SER F 141 15.15 2.99 -31.98
CA SER F 141 14.64 4.07 -31.15
C SER F 141 15.22 3.97 -29.75
N ILE F 142 15.77 5.08 -29.25
CA ILE F 142 16.37 5.15 -27.93
C ILE F 142 15.78 6.34 -27.20
N GLY F 143 15.29 6.11 -25.99
CA GLY F 143 14.67 7.19 -25.23
C GLY F 143 14.77 6.94 -23.75
N HIS F 144 14.71 8.02 -22.98
CA HIS F 144 14.76 7.92 -21.52
C HIS F 144 13.83 8.95 -20.90
N THR F 145 13.12 8.55 -19.85
CA THR F 145 12.18 9.41 -19.15
C THR F 145 12.55 9.50 -17.68
N LEU F 146 12.16 10.60 -17.05
CA LEU F 146 12.57 10.89 -15.68
C LEU F 146 11.45 11.63 -14.97
N LYS F 147 10.98 11.10 -13.84
CA LYS F 147 9.80 11.63 -13.17
C LYS F 147 10.04 11.80 -11.68
N TYR F 148 9.32 12.75 -11.09
CA TYR F 148 9.47 13.13 -9.70
C TYR F 148 8.30 14.03 -9.31
N VAL F 149 8.01 14.09 -8.02
CA VAL F 149 6.87 14.88 -7.54
C VAL F 149 7.36 16.26 -7.11
N GLN F 150 6.46 17.24 -7.21
CA GLN F 150 6.77 18.64 -6.95
C GLN F 150 5.73 19.28 -6.05
N PRO F 151 5.97 19.37 -4.75
CA PRO F 151 5.01 20.02 -3.86
C PRO F 151 4.88 21.50 -4.20
N ASP F 152 3.70 22.06 -3.94
CA ASP F 152 3.48 23.48 -4.19
C ASP F 152 4.32 24.34 -3.25
N PHE F 153 4.38 23.97 -1.98
CA PHE F 153 5.18 24.68 -0.98
C PHE F 153 6.16 23.71 -0.34
N LYS F 154 7.39 24.16 -0.11
CA LYS F 154 8.45 23.33 0.45
C LYS F 154 8.74 23.72 1.88
N THR F 155 8.71 22.74 2.79
CA THR F 155 9.00 22.99 4.20
C THR F 155 10.48 22.71 4.46
N ILE F 156 11.28 23.76 4.40
CA ILE F 156 12.72 23.66 4.60
C ILE F 156 13.03 23.97 6.05
N LEU F 157 13.80 23.10 6.70
CA LEU F 157 14.34 23.40 8.02
C LEU F 157 15.60 24.23 7.81
N GLU F 158 15.53 25.51 8.15
CA GLU F 158 16.70 26.36 8.07
C GLU F 158 17.73 25.87 9.09
N SER F 159 19.00 26.04 8.76
CA SER F 159 20.08 25.45 9.53
C SER F 159 20.01 25.88 10.99
N PRO F 160 19.92 24.95 11.94
CA PRO F 160 19.84 25.31 13.35
C PRO F 160 21.22 25.48 13.96
N THR F 161 21.22 26.07 15.16
CA THR F 161 22.43 26.26 15.95
C THR F 161 22.11 25.88 17.38
N ASP F 162 22.99 26.24 18.31
CA ASP F 162 22.80 25.87 19.71
C ASP F 162 21.64 26.66 20.33
N LYS F 163 21.47 27.91 19.94
CA LYS F 163 20.45 28.77 20.53
C LYS F 163 19.30 29.11 19.60
N LYS F 164 19.41 28.82 18.30
CA LYS F 164 18.40 29.25 17.35
C LYS F 164 18.05 28.09 16.42
N VAL F 165 16.76 27.89 16.21
CA VAL F 165 16.27 26.94 15.22
C VAL F 165 15.06 27.57 14.53
N GLY F 166 14.98 27.40 13.22
CA GLY F 166 13.87 27.97 12.48
C GLY F 166 13.52 27.12 11.29
N TRP F 167 12.27 27.26 10.85
CA TRP F 167 11.77 26.62 9.64
C TRP F 167 11.29 27.69 8.68
N LYS F 168 11.02 27.28 7.45
CA LYS F 168 10.38 28.16 6.49
C LYS F 168 9.66 27.31 5.46
N VAL F 169 8.61 27.89 4.89
CA VAL F 169 7.83 27.24 3.84
C VAL F 169 7.81 28.17 2.64
N ILE F 170 8.48 27.76 1.57
CA ILE F 170 8.68 28.62 0.41
C ILE F 170 7.77 28.16 -0.72
N PHE F 171 7.66 28.98 -1.75
CA PHE F 171 6.73 28.75 -2.85
C PHE F 171 7.48 28.06 -3.98
N ASN F 172 7.20 26.78 -4.19
CA ASN F 172 7.88 26.03 -5.23
C ASN F 172 7.41 26.44 -6.62
N ASN F 173 6.18 26.06 -6.97
CA ASN F 173 5.55 26.43 -8.24
C ASN F 173 4.10 25.95 -8.19
N MET F 174 3.30 26.45 -9.14
CA MET F 174 1.87 26.19 -9.11
C MET F 174 1.34 26.14 -10.54
N VAL F 175 0.34 25.30 -10.75
CA VAL F 175 -0.24 25.08 -12.06
C VAL F 175 -1.45 26.00 -12.21
N ASN F 176 -1.42 26.83 -13.25
CA ASN F 176 -2.40 27.89 -13.44
C ASN F 176 -3.44 27.43 -14.46
N GLN F 177 -4.65 27.14 -13.98
CA GLN F 177 -5.75 26.67 -14.82
C GLN F 177 -5.31 25.51 -15.72
N ASN F 178 -4.81 24.45 -15.07
CA ASN F 178 -4.41 23.22 -15.75
C ASN F 178 -3.52 23.54 -16.96
N TRP F 179 -2.60 24.46 -16.77
CA TRP F 179 -1.79 24.94 -17.88
C TRP F 179 -0.46 25.44 -17.29
N GLY F 180 0.56 24.60 -17.34
CA GLY F 180 1.90 25.00 -17.03
C GLY F 180 2.14 25.10 -15.55
N PRO F 181 3.25 24.55 -15.09
CA PRO F 181 3.72 24.84 -13.74
C PRO F 181 4.57 26.11 -13.73
N TYR F 182 4.04 27.17 -13.12
CA TYR F 182 4.71 28.46 -13.10
C TYR F 182 5.35 28.71 -11.75
N ASP F 183 6.45 29.47 -11.76
CA ASP F 183 7.17 29.83 -10.55
C ASP F 183 7.49 31.32 -10.61
N ARG F 184 8.11 31.82 -9.53
CA ARG F 184 8.39 33.24 -9.43
C ARG F 184 9.38 33.71 -10.48
N ASP F 185 10.17 32.80 -11.03
CA ASP F 185 11.23 33.16 -11.97
C ASP F 185 10.83 32.99 -13.43
N SER F 186 9.67 32.41 -13.72
CA SER F 186 9.29 32.16 -15.10
C SER F 186 9.11 33.47 -15.86
N TRP F 187 9.47 33.46 -17.13
CA TRP F 187 9.34 34.65 -17.97
C TRP F 187 9.02 34.21 -19.39
N ASN F 188 8.06 34.91 -20.00
CA ASN F 188 7.64 34.66 -21.37
C ASN F 188 7.69 36.00 -22.09
N PRO F 189 8.45 36.13 -23.19
CA PRO F 189 8.70 37.46 -23.75
C PRO F 189 7.43 38.22 -24.12
N VAL F 190 6.37 37.52 -24.51
CA VAL F 190 5.15 38.20 -24.91
C VAL F 190 4.31 38.56 -23.68
N TYR F 191 4.03 37.58 -22.82
CA TYR F 191 3.09 37.73 -21.72
C TYR F 191 3.74 37.99 -20.37
N GLY F 192 5.06 37.87 -20.26
CA GLY F 192 5.64 38.06 -18.95
C GLY F 192 5.33 36.89 -18.04
N ASN F 193 5.53 37.10 -16.75
CA ASN F 193 5.27 36.05 -15.77
C ASN F 193 3.77 35.90 -15.56
N GLN F 194 3.21 34.77 -15.99
CA GLN F 194 1.77 34.56 -16.01
C GLN F 194 1.32 33.68 -14.85
N LEU F 195 1.90 33.92 -13.67
CA LEU F 195 1.67 33.07 -12.53
C LEU F 195 0.21 33.12 -12.05
N PHE F 196 -0.37 34.32 -11.96
CA PHE F 196 -1.72 34.54 -11.46
C PHE F 196 -2.56 35.30 -12.48
N MET F 197 -2.31 35.09 -13.77
CA MET F 197 -2.99 35.82 -14.83
C MET F 197 -4.17 35.01 -15.29
N LYS F 198 -5.38 35.52 -15.03
CA LYS F 198 -6.60 34.78 -15.34
C LYS F 198 -6.76 34.57 -16.84
N THR F 199 -6.59 35.63 -17.62
CA THR F 199 -6.79 35.57 -19.06
C THR F 199 -5.67 36.34 -19.77
N ARG F 200 -5.22 35.79 -20.90
CA ARG F 200 -4.13 36.44 -21.64
C ARG F 200 -4.65 37.60 -22.48
N ASN F 201 -5.55 37.33 -23.42
CA ASN F 201 -6.19 38.38 -24.21
C ASN F 201 -7.53 38.77 -23.60
N GLY F 202 -7.49 39.09 -22.32
CA GLY F 202 -8.69 39.52 -21.65
C GLY F 202 -9.05 40.95 -21.97
N SER F 203 -10.32 41.28 -21.75
CA SER F 203 -10.82 42.64 -22.01
C SER F 203 -11.44 43.27 -20.78
N MET F 204 -11.21 42.70 -19.60
CA MET F 204 -11.79 43.21 -18.37
C MET F 204 -10.89 44.25 -17.73
N LYS F 205 -11.38 44.83 -16.65
CA LYS F 205 -10.55 45.71 -15.84
C LYS F 205 -9.36 44.93 -15.29
N ALA F 206 -8.23 45.61 -15.14
CA ALA F 206 -7.03 44.94 -14.66
C ALA F 206 -7.23 44.37 -13.26
N ALA F 207 -7.92 45.11 -12.40
CA ALA F 207 -8.16 44.66 -11.03
C ALA F 207 -8.97 43.38 -10.98
N ASP F 208 -9.69 43.03 -12.05
CA ASP F 208 -10.54 41.85 -12.07
C ASP F 208 -10.00 40.78 -13.02
N ASN F 209 -8.70 40.81 -13.30
CA ASN F 209 -8.04 39.84 -14.15
C ASN F 209 -7.00 39.03 -13.39
N PHE F 210 -7.29 38.68 -12.14
CA PHE F 210 -6.40 37.84 -11.35
C PHE F 210 -7.08 36.51 -11.07
N LEU F 211 -6.27 35.49 -10.86
CA LEU F 211 -6.77 34.16 -10.58
C LEU F 211 -7.63 34.17 -9.33
N ASP F 212 -8.78 33.50 -9.39
CA ASP F 212 -9.66 33.42 -8.24
C ASP F 212 -8.94 32.67 -7.11
N PRO F 213 -8.99 33.18 -5.87
CA PRO F 213 -8.20 32.54 -4.81
C PRO F 213 -8.58 31.10 -4.56
N ASN F 214 -9.81 30.70 -4.87
CA ASN F 214 -10.18 29.30 -4.77
C ASN F 214 -9.43 28.45 -5.80
N LYS F 215 -9.21 28.99 -7.00
CA LYS F 215 -8.47 28.27 -8.02
C LYS F 215 -7.01 28.07 -7.61
N ALA F 216 -6.46 29.00 -6.85
CA ALA F 216 -5.08 28.90 -6.40
C ALA F 216 -4.92 27.80 -5.34
N SER F 217 -3.71 27.66 -4.82
CA SER F 217 -3.47 26.80 -3.68
C SER F 217 -4.17 27.37 -2.44
N SER F 218 -4.47 26.50 -1.49
CA SER F 218 -5.14 26.93 -0.28
C SER F 218 -4.23 27.83 0.57
N LEU F 219 -2.93 27.53 0.59
CA LEU F 219 -2.03 28.26 1.48
C LEU F 219 -1.90 29.72 1.08
N LEU F 220 -2.24 30.08 -0.16
CA LEU F 220 -2.06 31.45 -0.61
C LEU F 220 -3.01 32.40 0.09
N SER F 221 -4.30 32.05 0.16
CA SER F 221 -5.31 32.94 0.70
C SER F 221 -5.80 32.57 2.09
N SER F 222 -5.90 31.28 2.41
CA SER F 222 -6.46 30.85 3.68
C SER F 222 -5.42 30.60 4.76
N GLY F 223 -4.14 30.63 4.44
CA GLY F 223 -3.10 30.63 5.45
C GLY F 223 -2.48 29.26 5.67
N PHE F 224 -1.36 29.29 6.41
CA PHE F 224 -0.55 28.11 6.68
C PHE F 224 -0.46 27.89 8.18
N SER F 225 -0.79 26.70 8.63
CA SER F 225 -0.84 26.38 10.05
C SER F 225 0.35 25.50 10.43
N PRO F 226 1.33 26.01 11.15
CA PRO F 226 2.53 25.22 11.44
C PRO F 226 2.25 24.03 12.33
N ASP F 227 3.20 23.09 12.32
CA ASP F 227 3.26 22.05 13.35
C ASP F 227 4.72 21.64 13.48
N PHE F 228 5.41 22.25 14.44
CA PHE F 228 6.86 22.12 14.59
C PHE F 228 7.15 21.81 16.06
N ALA F 229 8.28 21.18 16.31
CA ALA F 229 8.65 20.82 17.67
C ALA F 229 10.14 21.05 17.91
N THR F 230 10.48 21.59 19.07
CA THR F 230 11.87 21.78 19.49
C THR F 230 11.94 21.43 20.98
N VAL F 231 12.68 20.40 21.32
CA VAL F 231 12.96 20.07 22.71
C VAL F 231 14.21 20.80 23.13
N ILE F 232 14.14 21.53 24.24
CA ILE F 232 15.29 22.22 24.81
C ILE F 232 15.59 21.57 26.16
N THR F 233 16.87 21.34 26.43
CA THR F 233 17.32 20.69 27.65
C THR F 233 18.10 21.68 28.51
N MET F 234 17.94 21.57 29.82
CA MET F 234 18.70 22.42 30.74
C MET F 234 19.43 21.55 31.75
N ASP F 235 20.66 21.96 32.07
CA ASP F 235 21.44 21.28 33.09
C ASP F 235 20.67 21.27 34.41
N ARG F 236 20.70 20.13 35.09
CA ARG F 236 19.87 19.96 36.28
C ARG F 236 20.41 20.70 37.49
N LYS F 237 21.71 21.03 37.49
CA LYS F 237 22.33 21.75 38.61
C LYS F 237 22.68 23.20 38.23
N ALA F 238 21.89 23.80 37.34
CA ALA F 238 22.15 25.17 36.94
C ALA F 238 21.97 26.13 38.11
N SER F 239 22.72 27.23 38.08
CA SER F 239 22.64 28.22 39.15
C SER F 239 21.25 28.83 39.22
N LYS F 240 20.70 29.25 38.08
CA LYS F 240 19.34 29.76 38.02
C LYS F 240 18.53 28.89 37.07
N GLN F 241 17.38 28.42 37.55
CA GLN F 241 16.48 27.61 36.74
C GLN F 241 15.40 28.49 36.12
N GLN F 242 15.84 29.33 35.20
CA GLN F 242 14.91 30.22 34.51
C GLN F 242 15.52 30.81 33.25
N THR F 243 14.84 30.64 32.11
CA THR F 243 15.31 31.15 30.83
C THR F 243 14.12 31.69 30.05
N ASN F 244 14.28 32.85 29.44
CA ASN F 244 13.25 33.36 28.54
C ASN F 244 13.54 32.95 27.10
N ILE F 245 12.47 32.86 26.30
CA ILE F 245 12.54 32.44 24.90
C ILE F 245 11.73 33.41 24.06
N ASP F 246 12.21 33.65 22.83
CA ASP F 246 11.49 34.43 21.83
C ASP F 246 11.12 33.51 20.68
N VAL F 247 9.86 33.53 20.28
CA VAL F 247 9.38 32.81 19.11
C VAL F 247 8.80 33.82 18.13
N ILE F 248 9.21 33.73 16.87
CA ILE F 248 8.89 34.72 15.86
C ILE F 248 8.17 34.03 14.71
N TYR F 249 7.00 34.53 14.35
CA TYR F 249 6.36 34.17 13.11
C TYR F 249 6.58 35.29 12.11
N GLU F 250 6.51 34.96 10.82
CA GLU F 250 6.53 36.01 9.81
C GLU F 250 6.11 35.43 8.48
N ARG F 251 5.63 36.31 7.60
CA ARG F 251 5.32 35.96 6.23
C ARG F 251 5.94 37.01 5.32
N VAL F 252 6.35 36.57 4.13
CA VAL F 252 6.98 37.44 3.14
C VAL F 252 6.07 37.51 1.94
N ARG F 253 5.72 38.73 1.53
CA ARG F 253 4.74 38.92 0.48
C ARG F 253 5.41 39.51 -0.75
N ASP F 254 4.99 39.06 -1.92
CA ASP F 254 5.52 39.48 -3.20
C ASP F 254 4.50 40.36 -3.90
N ASP F 255 4.98 41.31 -4.69
CA ASP F 255 4.12 42.22 -5.43
C ASP F 255 4.00 41.72 -6.86
N TYR F 256 2.80 41.30 -7.26
CA TYR F 256 2.55 40.81 -8.61
C TYR F 256 1.75 41.86 -9.37
N GLN F 257 2.41 42.54 -10.30
CA GLN F 257 1.80 43.60 -11.09
C GLN F 257 1.45 43.07 -12.47
N LEU F 258 0.31 43.49 -13.00
CA LEU F 258 -0.04 43.14 -14.36
C LEU F 258 -0.70 44.34 -15.04
N HIS F 259 -0.34 44.58 -16.29
CA HIS F 259 -0.77 45.76 -17.02
C HIS F 259 -0.97 45.39 -18.49
N TRP F 260 -1.63 46.29 -19.22
CA TRP F 260 -1.97 46.07 -20.62
C TRP F 260 -0.92 46.71 -21.53
N THR F 261 -0.46 45.93 -22.52
CA THR F 261 0.51 46.41 -23.50
C THR F 261 -0.15 46.79 -24.83
N SER F 262 -1.45 47.09 -24.81
CA SER F 262 -2.31 47.44 -25.94
C SER F 262 -2.65 46.23 -26.81
N THR F 263 -2.09 45.07 -26.53
CA THR F 263 -2.43 43.85 -27.28
C THR F 263 -2.75 42.68 -26.37
N ASN F 264 -2.05 42.54 -25.24
CA ASN F 264 -2.28 41.46 -24.30
C ASN F 264 -1.71 41.87 -22.95
N TRP F 265 -2.15 41.18 -21.91
CA TRP F 265 -1.66 41.47 -20.56
C TRP F 265 -0.22 41.01 -20.42
N LYS F 266 0.55 41.76 -19.63
CA LYS F 266 1.89 41.35 -19.25
C LYS F 266 2.01 41.46 -17.74
N GLY F 267 2.52 40.41 -17.11
CA GLY F 267 2.61 40.36 -15.67
C GLY F 267 4.03 40.21 -15.19
N THR F 268 4.36 40.91 -14.12
CA THR F 268 5.70 40.89 -13.54
C THR F 268 5.59 40.68 -12.05
N ASN F 269 6.57 39.98 -11.49
CA ASN F 269 6.59 39.62 -10.08
C ASN F 269 7.88 40.13 -9.45
N THR F 270 7.75 40.82 -8.31
CA THR F 270 8.88 41.37 -7.59
C THR F 270 9.02 40.65 -6.26
N LYS F 271 10.21 40.14 -5.97
CA LYS F 271 10.41 39.21 -4.88
C LYS F 271 10.70 39.92 -3.56
N ASP F 272 10.06 39.43 -2.49
CA ASP F 272 10.28 39.88 -1.13
C ASP F 272 10.03 41.38 -0.99
N LYS F 273 8.77 41.76 -1.21
CA LYS F 273 8.42 43.17 -1.15
C LYS F 273 8.13 43.62 0.29
N TRP F 274 7.28 42.89 1.00
CA TRP F 274 6.94 43.20 2.39
C TRP F 274 7.13 41.97 3.26
N THR F 275 7.63 42.18 4.47
CA THR F 275 7.75 41.12 5.46
C THR F 275 7.29 41.67 6.80
N ASP F 276 6.40 40.93 7.48
CA ASP F 276 5.85 41.35 8.76
C ASP F 276 6.11 40.27 9.80
N ARG F 277 6.76 40.66 10.90
CA ARG F 277 7.18 39.74 11.94
C ARG F 277 6.34 39.95 13.19
N SER F 278 5.92 38.84 13.80
CA SER F 278 5.23 38.86 15.08
C SER F 278 6.12 38.14 16.08
N SER F 279 6.66 38.88 17.05
CA SER F 279 7.57 38.34 18.04
C SER F 279 6.92 38.35 19.41
N GLU F 280 7.10 37.25 20.13
CA GLU F 280 6.58 37.11 21.49
C GLU F 280 7.67 36.51 22.36
N ARG F 281 7.71 36.92 23.62
CA ARG F 281 8.72 36.45 24.55
C ARG F 281 8.06 35.70 25.69
N TYR F 282 8.54 34.49 25.93
CA TYR F 282 7.98 33.60 26.94
C TYR F 282 9.04 33.32 27.99
N LYS F 283 8.64 33.35 29.24
CA LYS F 283 9.54 33.14 30.36
C LYS F 283 9.31 31.75 30.92
N ILE F 284 10.36 30.94 30.98
CA ILE F 284 10.27 29.55 31.40
C ILE F 284 10.73 29.45 32.84
N ASP F 285 10.00 28.69 33.64
CA ASP F 285 10.35 28.48 35.04
C ASP F 285 10.54 26.98 35.25
N TRP F 286 11.80 26.55 35.24
CA TRP F 286 12.08 25.12 35.32
C TRP F 286 11.67 24.54 36.67
N GLU F 287 11.84 25.31 37.74
CA GLU F 287 11.52 24.81 39.08
C GLU F 287 10.02 24.59 39.23
N LYS F 288 9.21 25.58 38.85
CA LYS F 288 7.76 25.47 38.93
C LYS F 288 7.17 24.63 37.80
N GLU F 289 7.94 24.38 36.75
CA GLU F 289 7.46 23.66 35.57
C GLU F 289 6.24 24.35 34.97
N GLU F 290 6.42 25.61 34.59
CA GLU F 290 5.41 26.38 33.88
C GLU F 290 6.08 27.56 33.21
N MET F 291 5.65 27.88 31.99
CA MET F 291 6.13 29.04 31.27
C MET F 291 4.95 29.92 30.89
N THR F 292 5.11 31.22 31.03
CA THR F 292 4.03 32.19 30.92
C THR F 292 4.23 33.11 29.72
N ASN F 293 3.15 33.76 29.32
CA ASN F 293 3.18 34.73 28.23
C ASN F 293 4.16 35.86 28.51
N ALA G 1 6.27 11.16 14.59
CA ALA G 1 6.17 12.52 15.13
C ALA G 1 6.87 12.62 16.47
N ASP G 2 6.12 12.30 17.54
CA ASP G 2 6.69 12.39 18.88
C ASP G 2 7.77 11.33 19.11
N SER G 3 7.62 10.15 18.51
CA SER G 3 8.60 9.08 18.71
C SER G 3 9.94 9.39 18.04
N ASP G 4 9.98 10.32 17.10
CA ASP G 4 11.22 10.65 16.42
C ASP G 4 12.17 11.48 17.28
N ILE G 5 11.65 12.08 18.35
CA ILE G 5 12.47 12.92 19.21
C ILE G 5 12.91 12.12 20.42
N ASN G 6 12.84 10.79 20.31
CA ASN G 6 13.21 9.83 21.35
C ASN G 6 12.28 9.86 22.55
N ILE G 7 11.19 10.61 22.47
CA ILE G 7 10.18 10.62 23.52
C ILE G 7 9.23 9.47 23.28
N LYS G 8 8.84 8.79 24.36
CA LYS G 8 7.89 7.67 24.23
C LYS G 8 6.58 8.17 23.66
N THR G 9 5.97 7.34 22.81
CA THR G 9 4.71 7.71 22.17
C THR G 9 3.63 7.93 23.22
N GLY G 10 2.90 9.03 23.07
CA GLY G 10 1.83 9.37 23.99
C GLY G 10 2.26 10.08 25.25
N THR G 11 3.56 10.34 25.42
CA THR G 11 4.02 11.00 26.64
C THR G 11 3.48 12.42 26.73
N THR G 12 3.55 13.18 25.64
CA THR G 12 3.18 14.58 25.65
C THR G 12 1.69 14.82 25.37
N ASP G 13 0.93 13.76 25.11
CA ASP G 13 -0.51 13.90 24.94
C ASP G 13 -1.17 14.16 26.29
N ILE G 14 -2.44 14.57 26.25
CA ILE G 14 -3.17 14.91 27.46
C ILE G 14 -4.39 14.02 27.63
N GLY G 15 -5.03 14.10 28.79
CA GLY G 15 -6.22 13.31 29.06
C GLY G 15 -6.00 12.05 29.86
N SER G 16 -4.81 11.82 30.40
CA SER G 16 -4.56 10.61 31.19
C SER G 16 -5.17 10.75 32.58
N ASN G 17 -5.53 9.60 33.15
CA ASN G 17 -6.09 9.48 34.50
C ASN G 17 -7.08 10.59 34.85
N THR G 18 -7.95 10.96 33.90
CA THR G 18 -8.94 12.00 34.11
C THR G 18 -10.27 11.56 33.51
N THR G 19 -11.34 12.25 33.92
CA THR G 19 -12.71 11.90 33.54
C THR G 19 -13.27 13.01 32.65
N VAL G 20 -13.44 12.70 31.37
CA VAL G 20 -14.13 13.60 30.45
C VAL G 20 -15.63 13.42 30.61
N LYS G 21 -16.37 14.52 30.60
CA LYS G 21 -17.82 14.50 30.63
C LYS G 21 -18.34 14.87 29.24
N THR G 22 -18.64 13.85 28.44
CA THR G 22 -19.06 14.06 27.06
C THR G 22 -20.53 14.48 27.04
N GLY G 23 -21.08 14.62 25.83
CA GLY G 23 -22.45 15.07 25.72
C GLY G 23 -22.89 15.06 24.27
N ASP G 24 -24.06 15.63 24.04
CA ASP G 24 -24.64 15.62 22.71
C ASP G 24 -25.82 16.59 22.67
N LEU G 25 -25.97 17.31 21.56
CA LEU G 25 -27.03 18.29 21.41
C LEU G 25 -27.46 18.32 19.95
N VAL G 26 -28.68 17.85 19.67
CA VAL G 26 -29.17 17.68 18.31
C VAL G 26 -30.26 18.70 18.05
N THR G 27 -30.19 19.36 16.91
CA THR G 27 -31.18 20.34 16.49
C THR G 27 -31.48 20.12 15.02
N TYR G 28 -32.72 20.40 14.62
CA TYR G 28 -33.09 20.34 13.21
C TYR G 28 -33.78 21.63 12.83
N ASP G 29 -33.32 22.24 11.74
CA ASP G 29 -33.82 23.52 11.26
C ASP G 29 -34.63 23.27 10.00
N LYS G 30 -35.94 23.02 10.19
CA LYS G 30 -36.77 22.57 9.07
C LYS G 30 -36.92 23.64 8.00
N GLU G 31 -36.73 24.92 8.34
CA GLU G 31 -36.83 25.98 7.35
C GLU G 31 -35.73 25.86 6.30
N ASN G 32 -34.49 25.61 6.73
CA ASN G 32 -33.36 25.49 5.82
C ASN G 32 -32.89 24.06 5.61
N GLY G 33 -33.43 23.10 6.34
CA GLY G 33 -33.02 21.72 6.17
C GLY G 33 -31.60 21.44 6.59
N MET G 34 -31.23 21.81 7.80
CA MET G 34 -29.87 21.62 8.33
C MET G 34 -29.93 20.84 9.62
N HIS G 35 -29.77 19.52 9.53
CA HIS G 35 -29.59 18.71 10.73
C HIS G 35 -28.30 19.12 11.43
N LYS G 36 -28.39 19.36 12.73
CA LYS G 36 -27.30 19.98 13.47
C LYS G 36 -27.01 19.17 14.73
N LYS G 37 -25.72 19.04 15.06
CA LYS G 37 -25.31 18.14 16.15
C LYS G 37 -23.96 18.59 16.67
N VAL G 38 -23.86 18.80 17.97
CA VAL G 38 -22.72 19.49 18.57
C VAL G 38 -22.05 18.67 19.68
N PHE G 39 -21.80 17.39 19.42
CA PHE G 39 -21.04 16.55 20.35
C PHE G 39 -19.86 17.30 20.95
N TYR G 40 -19.78 17.31 22.28
CA TYR G 40 -18.76 18.06 23.00
C TYR G 40 -18.10 17.14 24.03
N SER G 41 -17.09 17.67 24.72
CA SER G 41 -16.35 16.87 25.70
C SER G 41 -15.50 17.76 26.58
N PHE G 42 -15.64 17.64 27.90
CA PHE G 42 -14.95 18.50 28.85
C PHE G 42 -13.78 17.74 29.47
N ILE G 43 -12.58 17.99 28.96
CA ILE G 43 -11.38 17.30 29.41
C ILE G 43 -10.71 18.17 30.47
N ASP G 44 -10.60 17.66 31.68
CA ASP G 44 -9.99 18.40 32.80
C ASP G 44 -8.82 17.60 33.33
N ASP G 45 -7.60 17.98 32.95
CA ASP G 45 -6.38 17.42 33.50
C ASP G 45 -5.89 18.33 34.62
N LYS G 46 -5.41 17.73 35.71
CA LYS G 46 -4.80 18.55 36.74
C LYS G 46 -3.40 18.99 36.34
N ASN G 47 -2.77 18.29 35.40
CA ASN G 47 -1.48 18.72 34.88
C ASN G 47 -1.62 19.90 33.92
N HIS G 48 -2.61 19.84 33.03
CA HIS G 48 -2.81 20.91 32.06
C HIS G 48 -3.14 22.21 32.78
N ASN G 49 -2.64 23.32 32.23
CA ASN G 49 -2.79 24.61 32.89
C ASN G 49 -4.10 25.30 32.54
N LYS G 50 -4.90 24.75 31.63
CA LYS G 50 -6.19 25.32 31.28
C LYS G 50 -7.19 24.19 31.08
N LYS G 51 -8.46 24.49 31.30
CA LYS G 51 -9.50 23.53 30.98
C LYS G 51 -9.64 23.41 29.47
N LEU G 52 -10.25 22.32 29.02
CA LEU G 52 -10.44 22.06 27.61
C LEU G 52 -11.88 21.72 27.32
N LEU G 53 -12.26 21.93 26.07
CA LEU G 53 -13.60 21.56 25.59
C LEU G 53 -13.49 21.39 24.08
N VAL G 54 -13.57 20.14 23.62
CA VAL G 54 -13.53 19.86 22.19
C VAL G 54 -14.95 19.84 21.66
N ILE G 55 -15.22 20.61 20.61
CA ILE G 55 -16.56 20.74 20.06
C ILE G 55 -16.56 20.06 18.69
N ARG G 56 -17.24 18.92 18.58
CA ARG G 56 -17.44 18.27 17.30
C ARG G 56 -18.69 18.85 16.65
N THR G 57 -18.53 19.34 15.42
CA THR G 57 -19.60 20.05 14.72
C THR G 57 -20.26 19.19 13.66
N LYS G 58 -20.55 17.93 13.98
CA LYS G 58 -21.20 17.03 13.05
C LYS G 58 -22.58 17.55 12.65
N GLY G 59 -23.21 16.86 11.74
CA GLY G 59 -24.54 17.25 11.32
C GLY G 59 -24.78 16.85 9.88
N THR G 60 -25.54 17.67 9.17
CA THR G 60 -25.80 17.50 7.75
C THR G 60 -26.46 18.76 7.21
N ILE G 61 -25.96 19.23 6.08
CA ILE G 61 -26.53 20.39 5.38
C ILE G 61 -27.10 19.89 4.07
N ALA G 62 -28.41 19.88 3.94
CA ALA G 62 -29.03 19.26 2.77
C ALA G 62 -28.68 20.01 1.50
N GLY G 63 -28.52 19.27 0.40
CA GLY G 63 -28.04 19.87 -0.83
C GLY G 63 -29.01 20.86 -1.45
N GLN G 64 -30.30 20.50 -1.50
CA GLN G 64 -31.34 21.34 -2.11
C GLN G 64 -31.00 21.63 -3.58
N TYR G 65 -31.02 20.57 -4.39
CA TYR G 65 -30.71 20.63 -5.81
C TYR G 65 -32.00 20.36 -6.56
N ARG G 66 -32.65 21.42 -7.06
CA ARG G 66 -33.95 21.28 -7.69
C ARG G 66 -34.18 22.44 -8.64
N VAL G 67 -35.11 22.23 -9.57
CA VAL G 67 -35.49 23.25 -10.55
C VAL G 67 -36.46 24.22 -9.88
N TYR G 68 -35.97 25.42 -9.55
CA TYR G 68 -36.77 26.32 -8.73
C TYR G 68 -37.91 26.95 -9.53
N SER G 69 -37.68 27.23 -10.82
CA SER G 69 -38.73 27.86 -11.62
C SER G 69 -38.54 27.49 -13.08
N GLU G 70 -39.65 27.54 -13.82
CA GLU G 70 -39.63 27.33 -15.25
C GLU G 70 -40.55 28.34 -15.92
N GLU G 71 -40.11 28.89 -17.06
CA GLU G 71 -40.84 29.92 -17.79
C GLU G 71 -41.04 29.44 -19.22
N GLY G 72 -42.09 28.65 -19.44
CA GLY G 72 -42.34 28.08 -20.74
C GLY G 72 -41.46 26.87 -21.02
N ALA G 73 -41.44 26.49 -22.29
CA ALA G 73 -40.66 25.35 -22.75
C ALA G 73 -39.32 25.76 -23.35
N ASN G 74 -38.93 27.03 -23.21
CA ASN G 74 -37.66 27.52 -23.72
C ASN G 74 -36.81 28.18 -22.65
N LYS G 75 -37.18 28.08 -21.37
CA LYS G 75 -36.41 28.70 -20.32
C LYS G 75 -36.70 27.99 -19.01
N SER G 76 -35.66 27.80 -18.19
CA SER G 76 -35.81 27.17 -16.89
C SER G 76 -34.61 27.52 -16.04
N GLY G 77 -34.71 27.23 -14.74
CA GLY G 77 -33.66 27.55 -13.81
C GLY G 77 -33.36 26.37 -12.90
N LEU G 78 -32.24 26.48 -12.20
CA LEU G 78 -31.80 25.43 -11.30
C LEU G 78 -31.00 26.06 -10.17
N ALA G 79 -31.31 25.69 -8.93
CA ALA G 79 -30.59 26.19 -7.78
C ALA G 79 -29.81 25.03 -7.17
N TRP G 80 -28.49 25.15 -7.13
CA TRP G 80 -27.65 24.08 -6.64
C TRP G 80 -26.67 24.61 -5.61
N PRO G 81 -26.25 23.77 -4.66
CA PRO G 81 -25.40 24.26 -3.58
C PRO G 81 -23.97 24.54 -4.01
N SER G 82 -23.61 25.83 -4.07
CA SER G 82 -22.28 26.20 -4.52
C SER G 82 -21.24 25.94 -3.45
N ALA G 83 -21.60 26.08 -2.18
CA ALA G 83 -20.62 25.95 -1.10
C ALA G 83 -21.34 25.79 0.23
N PHE G 84 -20.85 24.86 1.03
CA PHE G 84 -21.32 24.66 2.39
C PHE G 84 -20.33 25.27 3.37
N LYS G 85 -20.83 25.88 4.45
CA LYS G 85 -19.98 26.54 5.42
C LYS G 85 -20.40 26.16 6.83
N VAL G 86 -19.44 26.22 7.75
CA VAL G 86 -19.67 25.94 9.16
C VAL G 86 -18.75 26.89 9.94
N GLN G 87 -19.33 27.83 10.67
CA GLN G 87 -18.58 28.79 11.46
C GLN G 87 -18.87 28.58 12.93
N LEU G 88 -17.90 28.90 13.78
CA LEU G 88 -18.03 28.71 15.23
C LEU G 88 -17.50 29.97 15.92
N GLN G 89 -18.35 30.98 16.04
CA GLN G 89 -17.94 32.25 16.61
C GLN G 89 -18.02 32.23 18.14
N LEU G 90 -17.32 33.18 18.74
CA LEU G 90 -17.22 33.29 20.19
C LEU G 90 -17.20 34.79 20.50
N PRO G 91 -18.06 35.26 21.39
CA PRO G 91 -18.14 36.70 21.65
C PRO G 91 -16.81 37.24 22.12
N ASP G 92 -16.45 38.43 21.62
CA ASP G 92 -15.19 39.06 22.00
C ASP G 92 -15.17 39.45 23.46
N ASN G 93 -16.34 39.48 24.12
CA ASN G 93 -16.38 39.77 25.54
C ASN G 93 -15.77 38.65 26.36
N GLU G 94 -15.98 37.39 25.95
CA GLU G 94 -15.54 36.25 26.74
C GLU G 94 -14.03 36.10 26.70
N VAL G 95 -13.49 35.41 27.70
CA VAL G 95 -12.05 35.22 27.85
C VAL G 95 -11.61 33.82 27.46
N ALA G 96 -12.52 32.94 27.07
CA ALA G 96 -12.11 31.67 26.50
C ALA G 96 -11.61 31.88 25.08
N GLN G 97 -10.63 31.07 24.68
CA GLN G 97 -10.00 31.20 23.39
C GLN G 97 -10.03 29.86 22.68
N ILE G 98 -10.15 29.89 21.35
CA ILE G 98 -10.05 28.65 20.60
C ILE G 98 -8.58 28.24 20.57
N SER G 99 -8.33 26.98 20.89
CA SER G 99 -6.97 26.49 21.01
C SER G 99 -6.47 25.88 19.70
N ASP G 100 -7.18 24.88 19.19
CA ASP G 100 -6.78 24.22 17.95
C ASP G 100 -8.03 23.97 17.11
N TYR G 101 -7.84 23.22 16.03
CA TYR G 101 -8.88 22.94 15.06
C TYR G 101 -8.38 21.85 14.13
N TYR G 102 -9.34 21.12 13.54
CA TYR G 102 -9.00 20.06 12.60
C TYR G 102 -10.24 19.80 11.77
N PRO G 103 -10.13 19.62 10.46
CA PRO G 103 -8.93 19.58 9.60
C PRO G 103 -8.32 20.93 9.33
N ARG G 104 -7.14 20.96 8.71
CA ARG G 104 -6.43 22.18 8.39
C ARG G 104 -5.95 22.13 6.95
N ASN G 105 -5.45 23.27 6.48
CA ASN G 105 -4.97 23.36 5.11
C ASN G 105 -3.76 22.48 4.89
N SER G 106 -3.73 21.81 3.74
CA SER G 106 -2.66 20.90 3.37
C SER G 106 -2.05 21.35 2.05
N ILE G 107 -0.78 21.00 1.86
CA ILE G 107 -0.03 21.42 0.68
C ILE G 107 -0.26 20.43 -0.45
N ASP G 108 -0.57 20.94 -1.64
CA ASP G 108 -0.86 20.09 -2.78
C ASP G 108 0.42 19.45 -3.30
N THR G 109 0.28 18.66 -4.36
CA THR G 109 1.41 17.96 -4.96
C THR G 109 1.05 17.65 -6.41
N LYS G 110 2.07 17.52 -7.24
CA LYS G 110 1.87 17.15 -8.64
C LYS G 110 3.10 16.41 -9.12
N GLU G 111 2.90 15.44 -10.00
CA GLU G 111 3.99 14.68 -10.58
C GLU G 111 4.39 15.29 -11.92
N TYR G 112 5.69 15.43 -12.14
CA TYR G 112 6.21 15.96 -13.38
C TYR G 112 7.06 14.88 -14.04
N MET G 113 6.80 14.61 -15.31
CA MET G 113 7.49 13.55 -16.04
C MET G 113 7.95 14.09 -17.38
N SER G 114 9.21 13.85 -17.72
CA SER G 114 9.80 14.38 -18.94
C SER G 114 10.35 13.25 -19.79
N THR G 115 10.37 13.46 -21.09
CA THR G 115 10.79 12.44 -22.04
C THR G 115 11.80 13.04 -23.00
N LEU G 116 12.62 12.18 -23.59
CA LEU G 116 13.57 12.57 -24.62
C LEU G 116 13.86 11.32 -25.45
N THR G 117 13.23 11.22 -26.61
CA THR G 117 13.33 10.05 -27.48
C THR G 117 13.85 10.48 -28.84
N TYR G 118 14.92 9.84 -29.31
CA TYR G 118 15.40 10.07 -30.66
C TYR G 118 15.70 8.72 -31.32
N GLY G 119 15.26 8.59 -32.57
CA GLY G 119 15.40 7.36 -33.31
C GLY G 119 15.95 7.59 -34.71
N PHE G 120 16.10 6.49 -35.42
CA PHE G 120 16.64 6.51 -36.78
C PHE G 120 15.81 5.58 -37.64
N ASN G 121 15.78 5.84 -38.95
CA ASN G 121 14.96 5.09 -39.88
C ASN G 121 15.81 4.59 -41.04
N GLY G 122 15.51 3.39 -41.49
CA GLY G 122 16.21 2.81 -42.62
C GLY G 122 15.34 2.72 -43.84
N ILE G 136 18.91 8.71 -44.30
CA ILE G 136 18.52 8.34 -42.95
C ILE G 136 17.70 9.44 -42.31
N GLY G 137 16.47 9.11 -41.91
CA GLY G 137 15.58 10.07 -41.27
C GLY G 137 15.67 10.10 -39.75
N ALA G 138 16.78 10.59 -39.22
CA ALA G 138 16.91 10.72 -37.77
C ALA G 138 15.93 11.76 -37.24
N ASN G 139 15.13 11.37 -36.25
CA ASN G 139 14.18 12.26 -35.59
C ASN G 139 14.55 12.45 -34.13
N VAL G 140 13.94 13.46 -33.52
CA VAL G 140 14.09 13.74 -32.10
C VAL G 140 12.74 14.15 -31.53
N SER G 141 12.40 13.62 -30.37
CA SER G 141 11.11 13.90 -29.73
C SER G 141 11.33 14.28 -28.27
N ILE G 142 10.73 15.40 -27.87
CA ILE G 142 10.84 15.91 -26.51
C ILE G 142 9.45 16.21 -26.00
N GLY G 143 9.12 15.71 -24.81
CA GLY G 143 7.78 15.91 -24.27
C GLY G 143 7.81 15.86 -22.76
N HIS G 144 6.81 16.48 -22.14
CA HIS G 144 6.67 16.47 -20.69
C HIS G 144 5.21 16.40 -20.30
N THR G 145 4.90 15.58 -19.29
CA THR G 145 3.54 15.40 -18.81
C THR G 145 3.47 15.74 -17.33
N LEU G 146 2.28 16.14 -16.87
CA LEU G 146 2.10 16.63 -15.52
C LEU G 146 0.71 16.26 -15.03
N LYS G 147 0.64 15.55 -13.90
CA LYS G 147 -0.62 14.98 -13.44
C LYS G 147 -0.85 15.27 -11.96
N TYR G 148 -2.13 15.32 -11.59
CA TYR G 148 -2.54 15.68 -10.24
C TYR G 148 -4.02 15.35 -10.10
N VAL G 149 -4.46 15.15 -8.85
CA VAL G 149 -5.84 14.76 -8.58
C VAL G 149 -6.68 15.99 -8.29
N GLN G 150 -7.97 15.91 -8.59
CA GLN G 150 -8.88 17.05 -8.48
C GLN G 150 -10.17 16.65 -7.79
N PRO G 151 -10.29 16.89 -6.49
CA PRO G 151 -11.54 16.57 -5.80
C PRO G 151 -12.68 17.42 -6.31
N ASP G 152 -13.89 16.87 -6.26
CA ASP G 152 -15.07 17.62 -6.71
C ASP G 152 -15.35 18.81 -5.79
N PHE G 153 -15.23 18.62 -4.48
CA PHE G 153 -15.43 19.67 -3.49
C PHE G 153 -14.17 19.81 -2.63
N LYS G 154 -13.79 21.04 -2.34
CA LYS G 154 -12.57 21.34 -1.58
C LYS G 154 -12.94 21.79 -0.17
N THR G 155 -12.34 21.16 0.83
CA THR G 155 -12.58 21.52 2.23
C THR G 155 -11.49 22.49 2.67
N ILE G 156 -11.77 23.79 2.55
CA ILE G 156 -10.83 24.83 2.91
C ILE G 156 -11.11 25.28 4.34
N LEU G 157 -10.07 25.32 5.17
CA LEU G 157 -10.18 25.95 6.49
C LEU G 157 -10.00 27.44 6.30
N GLU G 158 -11.07 28.19 6.47
CA GLU G 158 -10.98 29.64 6.41
C GLU G 158 -10.12 30.12 7.57
N SER G 159 -9.40 31.21 7.36
CA SER G 159 -8.39 31.66 8.30
C SER G 159 -9.01 31.89 9.68
N PRO G 160 -8.52 31.21 10.72
CA PRO G 160 -9.09 31.38 12.05
C PRO G 160 -8.45 32.54 12.80
N THR G 161 -9.09 32.91 13.90
CA THR G 161 -8.61 33.97 14.78
C THR G 161 -8.73 33.48 16.21
N ASP G 162 -8.64 34.40 17.17
CA ASP G 162 -8.71 34.02 18.57
C ASP G 162 -10.13 33.62 18.97
N LYS G 163 -11.13 34.27 18.39
CA LYS G 163 -12.52 34.04 18.77
C LYS G 163 -13.36 33.39 17.68
N LYS G 164 -12.87 33.30 16.46
CA LYS G 164 -13.68 32.79 15.36
C LYS G 164 -12.88 31.79 14.55
N VAL G 165 -13.49 30.65 14.24
CA VAL G 165 -12.92 29.67 13.33
C VAL G 165 -14.03 29.13 12.46
N GLY G 166 -13.74 28.94 11.18
CA GLY G 166 -14.73 28.42 10.26
C GLY G 166 -14.09 27.63 9.15
N TRP G 167 -14.89 26.74 8.56
CA TRP G 167 -14.51 25.97 7.39
C TRP G 167 -15.48 26.28 6.27
N LYS G 168 -15.12 25.85 5.06
CA LYS G 168 -16.05 25.92 3.95
C LYS G 168 -15.71 24.81 2.97
N VAL G 169 -16.71 24.37 2.23
CA VAL G 169 -16.55 23.35 1.20
C VAL G 169 -17.05 23.93 -0.11
N ILE G 170 -16.14 24.20 -1.03
CA ILE G 170 -16.46 24.89 -2.26
C ILE G 170 -16.51 23.89 -3.41
N PHE G 171 -17.04 24.33 -4.55
CA PHE G 171 -17.26 23.46 -5.69
C PHE G 171 -16.08 23.59 -6.65
N ASN G 172 -15.25 22.56 -6.73
CA ASN G 172 -14.10 22.60 -7.61
C ASN G 172 -14.50 22.49 -9.08
N ASN G 173 -14.92 21.30 -9.50
CA ASN G 173 -15.40 21.04 -10.86
C ASN G 173 -15.93 19.61 -10.90
N MET G 174 -16.63 19.30 -11.99
CA MET G 174 -17.33 18.03 -12.10
C MET G 174 -17.38 17.59 -13.56
N VAL G 175 -17.38 16.28 -13.76
CA VAL G 175 -17.34 15.69 -15.09
C VAL G 175 -18.78 15.36 -15.51
N ASN G 176 -19.22 15.98 -16.61
CA ASN G 176 -20.61 15.89 -17.05
C ASN G 176 -20.75 14.76 -18.05
N GLN G 177 -21.37 13.66 -17.61
CA GLN G 177 -21.60 12.49 -18.45
C GLN G 177 -20.32 12.01 -19.12
N ASN G 178 -19.32 11.71 -18.29
CA ASN G 178 -18.03 11.22 -18.76
C ASN G 178 -17.49 12.11 -19.86
N TRP G 179 -17.67 13.42 -19.70
CA TRP G 179 -17.32 14.34 -20.78
C TRP G 179 -17.00 15.71 -20.20
N GLY G 180 -15.71 16.02 -20.14
CA GLY G 180 -15.23 17.32 -19.74
C GLY G 180 -15.35 17.57 -18.26
N PRO G 181 -14.30 18.13 -17.65
CA PRO G 181 -14.41 18.65 -16.29
C PRO G 181 -14.87 20.10 -16.25
N TYR G 182 -16.18 20.32 -16.32
CA TYR G 182 -16.72 21.67 -16.29
C TYR G 182 -16.71 22.25 -14.89
N ASP G 183 -16.61 23.57 -14.80
CA ASP G 183 -16.61 24.29 -13.54
C ASP G 183 -17.48 25.53 -13.68
N ARG G 184 -17.59 26.30 -12.60
CA ARG G 184 -18.50 27.44 -12.58
C ARG G 184 -18.10 28.52 -13.57
N ASP G 185 -16.82 28.60 -13.92
CA ASP G 185 -16.32 29.66 -14.79
C ASP G 185 -16.21 29.27 -16.25
N SER G 186 -16.49 28.01 -16.59
CA SER G 186 -16.33 27.57 -17.98
C SER G 186 -17.29 28.32 -18.88
N TRP G 187 -16.84 28.56 -20.12
CA TRP G 187 -17.68 29.22 -21.11
C TRP G 187 -17.33 28.69 -22.49
N ASN G 188 -18.36 28.39 -23.27
CA ASN G 188 -18.21 27.90 -24.63
C ASN G 188 -19.09 28.79 -25.50
N PRO G 189 -18.53 29.46 -26.52
CA PRO G 189 -19.32 30.48 -27.22
C PRO G 189 -20.62 29.99 -27.80
N VAL G 190 -20.70 28.73 -28.22
CA VAL G 190 -21.93 28.22 -28.81
C VAL G 190 -22.92 27.80 -27.72
N TYR G 191 -22.47 26.95 -26.79
CA TYR G 191 -23.35 26.33 -25.82
C TYR G 191 -23.35 27.00 -24.45
N GLY G 192 -22.45 27.93 -24.19
CA GLY G 192 -22.45 28.50 -22.86
C GLY G 192 -21.89 27.52 -21.85
N ASN G 193 -22.17 27.79 -20.59
CA ASN G 193 -21.70 26.92 -19.51
C ASN G 193 -22.54 25.65 -19.47
N GLN G 194 -21.94 24.52 -19.79
CA GLN G 194 -22.66 23.25 -19.93
C GLN G 194 -22.49 22.38 -18.69
N LEU G 195 -22.53 23.01 -17.51
CA LEU G 195 -22.22 22.31 -16.27
C LEU G 195 -23.23 21.21 -15.98
N PHE G 196 -24.52 21.51 -16.12
CA PHE G 196 -25.61 20.59 -15.80
C PHE G 196 -26.55 20.42 -16.98
N MET G 197 -26.02 20.44 -18.19
CA MET G 197 -26.84 20.37 -19.39
C MET G 197 -26.89 18.93 -19.86
N LYS G 198 -28.08 18.34 -19.81
CA LYS G 198 -28.24 16.93 -20.15
C LYS G 198 -27.94 16.68 -21.62
N THR G 199 -28.49 17.51 -22.51
CA THR G 199 -28.32 17.33 -23.95
C THR G 199 -28.07 18.68 -24.60
N ARG G 200 -27.19 18.69 -25.61
CA ARG G 200 -26.86 19.93 -26.30
C ARG G 200 -27.94 20.28 -27.33
N ASN G 201 -28.15 19.41 -28.31
CA ASN G 201 -29.22 19.59 -29.30
C ASN G 201 -30.45 18.79 -28.90
N GLY G 202 -30.89 19.02 -27.67
CA GLY G 202 -32.08 18.36 -27.19
C GLY G 202 -33.35 19.00 -27.73
N SER G 203 -34.44 18.24 -27.67
CA SER G 203 -35.73 18.70 -28.15
C SER G 203 -36.80 18.63 -27.07
N MET G 204 -36.42 18.45 -25.81
CA MET G 204 -37.37 18.31 -24.73
C MET G 204 -37.69 19.68 -24.13
N LYS G 205 -38.62 19.67 -23.18
CA LYS G 205 -38.90 20.86 -22.40
C LYS G 205 -37.65 21.28 -21.65
N ALA G 206 -37.48 22.59 -21.46
CA ALA G 206 -36.29 23.09 -20.79
C ALA G 206 -36.20 22.56 -19.35
N ALA G 207 -37.33 22.51 -18.66
CA ALA G 207 -37.35 22.02 -17.29
C ALA G 207 -36.89 20.58 -17.17
N ASP G 208 -36.91 19.82 -18.26
CA ASP G 208 -36.54 18.41 -18.23
C ASP G 208 -35.23 18.16 -18.98
N ASN G 209 -34.40 19.19 -19.10
CA ASN G 209 -33.10 19.09 -19.75
C ASN G 209 -31.96 19.39 -18.80
N PHE G 210 -32.08 18.97 -17.54
CA PHE G 210 -31.02 19.12 -16.57
C PHE G 210 -30.48 17.74 -16.18
N LEU G 211 -29.22 17.73 -15.77
CA LEU G 211 -28.57 16.48 -15.39
C LEU G 211 -29.32 15.83 -14.23
N ASP G 212 -29.53 14.52 -14.34
CA ASP G 212 -30.21 13.79 -13.29
C ASP G 212 -29.40 13.86 -12.00
N PRO G 213 -30.02 14.13 -10.85
CA PRO G 213 -29.25 14.33 -9.63
C PRO G 213 -28.39 13.15 -9.24
N ASN G 214 -28.79 11.94 -9.63
CA ASN G 214 -27.96 10.76 -9.39
C ASN G 214 -26.68 10.81 -10.21
N LYS G 215 -26.77 11.30 -11.45
CA LYS G 215 -25.59 11.40 -12.30
C LYS G 215 -24.59 12.40 -11.74
N ALA G 216 -25.06 13.42 -11.05
CA ALA G 216 -24.19 14.43 -10.46
C ALA G 216 -23.42 13.85 -9.26
N SER G 217 -22.68 14.71 -8.59
CA SER G 217 -22.07 14.34 -7.32
C SER G 217 -23.15 14.13 -6.26
N SER G 218 -22.81 13.33 -5.25
CA SER G 218 -23.75 13.08 -4.17
C SER G 218 -23.99 14.34 -3.35
N LEU G 219 -22.95 15.14 -3.15
CA LEU G 219 -23.08 16.32 -2.27
C LEU G 219 -24.04 17.34 -2.84
N LEU G 220 -24.31 17.30 -4.15
CA LEU G 220 -25.16 18.32 -4.75
C LEU G 220 -26.60 18.19 -4.29
N SER G 221 -27.14 16.98 -4.29
CA SER G 221 -28.55 16.76 -3.99
C SER G 221 -28.81 16.18 -2.62
N SER G 222 -27.96 15.27 -2.13
CA SER G 222 -28.22 14.59 -0.88
C SER G 222 -27.55 15.23 0.33
N GLY G 223 -26.70 16.22 0.14
CA GLY G 223 -26.19 17.03 1.23
C GLY G 223 -24.81 16.62 1.70
N PHE G 224 -24.22 17.49 2.53
CA PHE G 224 -22.86 17.34 3.02
C PHE G 224 -22.88 17.31 4.54
N SER G 225 -22.25 16.30 5.12
CA SER G 225 -22.25 16.11 6.56
C SER G 225 -20.90 16.45 7.17
N PRO G 226 -20.78 17.54 7.91
CA PRO G 226 -19.47 17.96 8.42
C PRO G 226 -18.90 16.98 9.43
N ASP G 227 -17.59 17.09 9.64
CA ASP G 227 -16.94 16.47 10.80
C ASP G 227 -15.73 17.34 11.13
N PHE G 228 -15.91 18.27 12.06
CA PHE G 228 -14.93 19.30 12.37
C PHE G 228 -14.75 19.35 13.88
N ALA G 229 -13.59 19.82 14.32
CA ALA G 229 -13.30 19.89 15.75
C ALA G 229 -12.59 21.18 16.10
N THR G 230 -12.98 21.78 17.22
CA THR G 230 -12.32 22.98 17.74
C THR G 230 -12.25 22.83 19.26
N VAL G 231 -11.05 22.70 19.79
CA VAL G 231 -10.86 22.71 21.23
C VAL G 231 -10.70 24.14 21.70
N ILE G 232 -11.49 24.54 22.69
CA ILE G 232 -11.40 25.87 23.28
C ILE G 232 -10.95 25.71 24.73
N THR G 233 -10.02 26.55 25.15
CA THR G 233 -9.44 26.49 26.49
C THR G 233 -9.85 27.71 27.29
N MET G 234 -10.07 27.52 28.58
CA MET G 234 -10.38 28.65 29.46
C MET G 234 -9.41 28.65 30.64
N ASP G 235 -9.00 29.86 31.04
CA ASP G 235 -8.17 30.03 32.21
C ASP G 235 -8.86 29.43 33.43
N ARG G 236 -8.07 28.73 34.25
CA ARG G 236 -8.66 27.97 35.35
C ARG G 236 -9.09 28.86 36.51
N LYS G 237 -8.52 30.06 36.63
CA LYS G 237 -8.86 31.00 37.69
C LYS G 237 -9.68 32.18 37.18
N ALA G 238 -10.51 31.95 36.16
CA ALA G 238 -11.33 33.02 35.61
C ALA G 238 -12.35 33.51 36.64
N SER G 239 -12.70 34.79 36.53
CA SER G 239 -13.67 35.37 37.44
C SER G 239 -15.03 34.69 37.30
N LYS G 240 -15.51 34.54 36.07
CA LYS G 240 -16.74 33.82 35.81
C LYS G 240 -16.45 32.63 34.90
N GLN G 241 -16.90 31.46 35.30
CA GLN G 241 -16.70 30.24 34.52
C GLN G 241 -17.94 29.96 33.68
N GLN G 242 -18.17 30.83 32.71
CA GLN G 242 -19.31 30.66 31.83
C GLN G 242 -19.19 31.51 30.57
N THR G 243 -19.30 30.88 29.41
CA THR G 243 -19.19 31.56 28.12
C THR G 243 -20.22 30.99 27.16
N ASN G 244 -20.92 31.85 26.43
CA ASN G 244 -21.80 31.38 25.38
C ASN G 244 -21.08 31.34 24.04
N ILE G 245 -21.55 30.45 23.16
CA ILE G 245 -20.96 30.24 21.84
C ILE G 245 -22.06 30.24 20.79
N ASP G 246 -21.75 30.78 19.61
CA ASP G 246 -22.61 30.72 18.44
C ASP G 246 -21.97 29.85 17.40
N VAL G 247 -22.72 28.90 16.85
CA VAL G 247 -22.28 28.08 15.74
C VAL G 247 -23.25 28.29 14.58
N ILE G 248 -22.70 28.54 13.40
CA ILE G 248 -23.48 28.92 12.23
C ILE G 248 -23.23 27.92 11.12
N TYR G 249 -24.29 27.34 10.60
CA TYR G 249 -24.22 26.60 9.35
C TYR G 249 -24.78 27.48 8.24
N GLU G 250 -24.36 27.20 7.01
CA GLU G 250 -24.97 27.88 5.87
C GLU G 250 -24.56 27.20 4.59
N ARG G 251 -25.39 27.38 3.57
CA ARG G 251 -25.10 26.92 2.23
C ARG G 251 -25.38 28.06 1.26
N VAL G 252 -24.59 28.11 0.19
CA VAL G 252 -24.70 29.15 -0.82
C VAL G 252 -25.12 28.49 -2.13
N ARG G 253 -26.20 28.98 -2.72
CA ARG G 253 -26.79 28.36 -3.89
C ARG G 253 -26.61 29.25 -5.11
N ASP G 254 -26.34 28.63 -6.25
CA ASP G 254 -26.15 29.33 -7.51
C ASP G 254 -27.34 29.08 -8.42
N ASP G 255 -27.64 30.04 -9.27
CA ASP G 255 -28.74 29.94 -10.20
C ASP G 255 -28.21 29.55 -11.58
N TYR G 256 -28.56 28.36 -12.04
CA TYR G 256 -28.12 27.85 -13.33
C TYR G 256 -29.30 27.89 -14.28
N GLN G 257 -29.27 28.84 -15.23
CA GLN G 257 -30.33 29.01 -16.20
C GLN G 257 -29.93 28.43 -17.54
N LEU G 258 -30.86 27.80 -18.22
CA LEU G 258 -30.61 27.33 -19.58
C LEU G 258 -31.83 27.59 -20.43
N HIS G 259 -31.59 28.03 -21.67
CA HIS G 259 -32.64 28.45 -22.58
C HIS G 259 -32.26 28.07 -24.00
N TRP G 260 -33.23 28.14 -24.90
CA TRP G 260 -33.03 27.74 -26.29
C TRP G 260 -32.73 28.94 -27.15
N THR G 261 -31.69 28.81 -27.99
CA THR G 261 -31.30 29.86 -28.93
C THR G 261 -31.78 29.59 -30.35
N SER G 262 -32.82 28.77 -30.50
CA SER G 262 -33.45 28.33 -31.74
C SER G 262 -32.60 27.31 -32.48
N THR G 263 -31.40 26.99 -32.02
CA THR G 263 -30.57 25.97 -32.62
C THR G 263 -30.03 24.97 -31.61
N ASN G 264 -29.68 25.42 -30.42
CA ASN G 264 -29.13 24.55 -29.37
C ASN G 264 -29.30 25.24 -28.04
N TRP G 265 -29.22 24.46 -26.97
CA TRP G 265 -29.34 25.02 -25.64
C TRP G 265 -28.11 25.83 -25.27
N LYS G 266 -28.33 26.90 -24.51
CA LYS G 266 -27.23 27.67 -23.95
C LYS G 266 -27.48 27.86 -22.46
N GLY G 267 -26.46 27.60 -21.66
CA GLY G 267 -26.60 27.65 -20.22
C GLY G 267 -25.67 28.67 -19.59
N THR G 268 -26.18 29.38 -18.59
CA THR G 268 -25.44 30.40 -17.88
C THR G 268 -25.60 30.19 -16.38
N ASN G 269 -24.54 30.49 -15.64
CA ASN G 269 -24.50 30.28 -14.20
C ASN G 269 -24.19 31.60 -13.51
N THR G 270 -24.97 31.93 -12.48
CA THR G 270 -24.79 33.15 -11.70
C THR G 270 -24.37 32.78 -10.29
N LYS G 271 -23.26 33.36 -9.83
CA LYS G 271 -22.61 32.90 -8.62
C LYS G 271 -23.17 33.58 -7.37
N ASP G 272 -23.39 32.77 -6.33
CA ASP G 272 -23.82 33.24 -5.01
C ASP G 272 -25.15 33.99 -5.11
N LYS G 273 -26.20 33.26 -5.49
CA LYS G 273 -27.50 33.87 -5.63
C LYS G 273 -28.25 33.94 -4.31
N TRP G 274 -28.33 32.81 -3.59
CA TRP G 274 -29.01 32.76 -2.31
C TRP G 274 -28.10 32.12 -1.27
N THR G 275 -28.15 32.64 -0.06
CA THR G 275 -27.43 32.06 1.07
C THR G 275 -28.35 32.04 2.28
N ASP G 276 -28.45 30.89 2.94
CA ASP G 276 -29.33 30.72 4.09
C ASP G 276 -28.52 30.24 5.28
N ARG G 277 -28.59 30.99 6.37
CA ARG G 277 -27.79 30.73 7.56
C ARG G 277 -28.68 30.21 8.67
N SER G 278 -28.20 29.18 9.38
CA SER G 278 -28.85 28.66 10.57
C SER G 278 -27.91 28.88 11.74
N SER G 279 -28.27 29.77 12.65
CA SER G 279 -27.44 30.12 13.79
C SER G 279 -28.09 29.65 15.08
N GLU G 280 -27.27 29.08 15.95
CA GLU G 280 -27.70 28.60 17.26
C GLU G 280 -26.72 29.08 18.30
N ARG G 281 -27.21 29.37 19.50
CA ARG G 281 -26.36 29.86 20.58
C ARG G 281 -26.38 28.87 21.73
N TYR G 282 -25.20 28.45 22.16
CA TYR G 282 -25.03 27.47 23.21
C TYR G 282 -24.30 28.12 24.37
N LYS G 283 -24.78 27.86 25.58
CA LYS G 283 -24.22 28.41 26.79
C LYS G 283 -23.41 27.34 27.50
N ILE G 284 -22.14 27.64 27.78
CA ILE G 284 -21.21 26.68 28.36
C ILE G 284 -21.08 26.97 29.85
N ASP G 285 -21.10 25.93 30.66
CA ASP G 285 -20.95 26.06 32.11
C ASP G 285 -19.73 25.24 32.51
N TRP G 286 -18.60 25.92 32.69
CA TRP G 286 -17.36 25.20 32.96
C TRP G 286 -17.39 24.52 34.32
N GLU G 287 -18.02 25.16 35.30
CA GLU G 287 -18.04 24.60 36.65
C GLU G 287 -18.84 23.31 36.70
N LYS G 288 -20.04 23.31 36.10
CA LYS G 288 -20.88 22.13 36.04
C LYS G 288 -20.43 21.13 34.98
N GLU G 289 -19.58 21.56 34.06
CA GLU G 289 -19.14 20.73 32.93
C GLU G 289 -20.33 20.22 32.13
N GLU G 290 -21.12 21.16 31.61
CA GLU G 290 -22.22 20.85 30.71
C GLU G 290 -22.60 22.12 29.97
N MET G 291 -22.90 21.98 28.68
CA MET G 291 -23.37 23.10 27.88
C MET G 291 -24.71 22.74 27.26
N THR G 292 -25.63 23.71 27.26
CA THR G 292 -27.03 23.48 26.92
C THR G 292 -27.41 24.23 25.65
N ASN G 293 -28.52 23.81 25.05
CA ASN G 293 -29.07 24.45 23.86
C ASN G 293 -29.35 25.93 24.10
O1 P1O H . 2.12 25.54 -20.60
O2 P1O H . 1.60 25.22 -23.13
P1 P1O H . 1.35 24.86 -21.69
O3 P1O H . -0.22 25.06 -21.40
C1 P1O H . -1.05 25.69 -22.41
C2 P1O H . -2.11 24.71 -22.84
N1 P1O H . -3.54 25.16 -22.67
C3 P1O H . -4.18 24.40 -21.56
C4 P1O H . -4.30 24.91 -23.92
C5 P1O H . -3.58 26.61 -22.35
O4 P1O H . 1.58 23.27 -21.54
C6 P1O H . 0.47 22.35 -21.67
C7 P1O H . -0.12 22.14 -20.30
C8 P1O H . -1.63 22.04 -20.31
O5 P1O H . -2.04 21.13 -21.36
C9 P1O H . -3.30 20.69 -21.28
O6 P1O H . -3.98 20.82 -20.31
C10 P1O H . -3.73 20.01 -22.54
C11 P1O H . -5.04 20.51 -23.05
O7 P1O H . 0.39 20.93 -19.69
C19 P1O H . 1.73 20.77 -19.61
O8 P1O H . 2.45 21.57 -19.08
C20 P1O H . 2.16 19.48 -20.25
O1 P1O I . -14.68 18.24 -23.18
O2 P1O I . -14.58 17.65 -25.72
P1 P1O I . -14.52 17.23 -24.28
O3 P1O I . -15.63 16.09 -24.07
C1 P1O I . -16.44 15.67 -25.19
C2 P1O I . -16.72 14.19 -25.08
N1 P1O I . -17.99 13.70 -25.75
C3 P1O I . -18.57 12.58 -24.97
C4 P1O I . -17.67 13.22 -27.12
C5 P1O I . -18.97 14.81 -25.83
O4 P1O I . -13.13 16.47 -24.03
C6 P1O I . -13.08 15.02 -24.15
C7 P1O I . -13.19 14.43 -22.76
C8 P1O I . -14.07 13.20 -22.71
O5 P1O I . -13.75 12.36 -23.85
C9 P1O I . -14.52 11.29 -24.00
O6 P1O I . -15.64 11.21 -23.59
C10 P1O I . -13.81 10.20 -24.75
C11 P1O I . -14.74 9.33 -25.52
O7 P1O I . -11.87 14.09 -22.29
C19 P1O I . -11.20 15.01 -21.56
O8 P1O I . -11.56 16.15 -21.46
C20 P1O I . -9.99 14.43 -20.90
O1 P1O J . -18.87 -0.11 -26.38
O2 P1O J . -18.71 -0.23 -28.98
P1 P1O J . -18.17 -0.58 -27.62
O3 P1O J . -18.05 -2.19 -27.54
C1 P1O J . -18.31 -2.97 -28.73
C2 P1O J . -17.07 -3.76 -29.07
N1 P1O J . -17.23 -5.27 -29.03
C3 P1O J . -16.66 -5.82 -27.78
C4 P1O J . -16.51 -5.87 -30.19
C5 P1O J . -18.67 -5.63 -29.11
O4 P1O J . -16.65 -0.06 -27.55
C6 P1O J . -15.55 -0.99 -27.30
C7 P1O J . -15.56 -1.41 -25.85
C8 P1O J . -15.12 -2.84 -25.63
O5 P1O J . -14.13 -3.18 -26.64
C9 P1O J . -13.52 -4.34 -26.49
O6 P1O J . -13.83 -5.14 -25.65
C10 P1O J . -12.43 -4.54 -27.49
C11 P1O J . -12.52 -5.84 -28.21
O7 P1O J . -14.73 -0.50 -25.09
C19 P1O J . -15.31 0.53 -24.45
O8 P1O J . -16.48 0.79 -24.57
C20 P1O J . -14.35 1.28 -23.59
O1 P1O K . -7.47 -14.84 -28.15
O2 P1O K . -6.51 -14.39 -30.53
P1 P1O K . -6.35 -14.36 -29.03
O3 P1O K . -5.02 -15.17 -28.65
C1 P1O K . -4.26 -15.82 -29.71
C2 P1O K . -2.83 -15.37 -29.61
N1 P1O K . -1.80 -16.48 -29.53
C3 P1O K . -1.16 -16.50 -28.19
C4 P1O K . -0.74 -16.25 -30.56
C5 P1O K . -2.45 -17.78 -29.79
O4 P1O K . -6.03 -12.84 -28.60
C6 P1O K . -4.68 -12.48 -28.24
C7 P1O K . -4.51 -12.68 -26.74
C8 P1O K . -3.17 -13.31 -26.38
O5 P1O K . -2.15 -12.77 -27.25
C9 P1O K . -0.90 -13.02 -26.90
O6 P1O K . -0.60 -13.77 -26.02
C10 P1O K . 0.08 -12.26 -27.74
C11 P1O K . 1.28 -13.08 -28.11
O7 P1O K . -4.65 -11.41 -26.07
C19 P1O K . -5.88 -11.07 -25.62
O8 P1O K . -6.87 -11.71 -25.87
C20 P1O K . -5.86 -9.83 -24.79
O1 P1O L . 11.04 -15.41 -26.83
O2 P1O L . 11.62 -14.19 -29.04
P1 P1O L . 11.48 -14.16 -27.55
O3 P1O L . 12.88 -13.69 -26.93
C1 P1O L . 13.98 -13.38 -27.83
C2 P1O L . 14.80 -12.27 -27.21
N1 P1O L . 16.28 -12.31 -27.51
C3 P1O L . 17.04 -11.89 -26.31
C4 P1O L . 16.60 -11.38 -28.62
C5 P1O L . 16.68 -13.69 -27.89
O4 P1O L . 10.46 -12.98 -27.16
C6 P1O L . 10.99 -11.69 -26.78
C7 P1O L . 11.05 -11.63 -25.27
C8 P1O L . 12.31 -10.98 -24.75
O5 P1O L . 12.60 -9.82 -25.56
C9 P1O L . 13.73 -9.19 -25.29
O6 P1O L . 14.71 -9.74 -24.86
C10 P1O L . 13.66 -7.73 -25.62
C11 P1O L . 14.98 -7.13 -25.99
O7 P1O L . 9.90 -10.89 -24.77
C19 P1O L . 8.79 -11.58 -24.46
O8 P1O L . 8.63 -12.73 -24.74
C20 P1O L . 7.79 -10.72 -23.75
O1 P1O M . 23.05 -1.21 -23.48
O2 P1O M . 22.75 0.12 -25.70
P1 P1O M . 22.46 -0.05 -24.23
O3 P1O M . 22.87 1.30 -23.48
C1 P1O M . 23.46 2.39 -24.25
C2 P1O M . 22.96 3.69 -23.69
N1 P1O M . 23.89 4.87 -23.83
C3 P1O M . 23.81 5.74 -22.63
C4 P1O M . 23.51 5.66 -25.02
C5 P1O M . 25.29 4.39 -23.98
O4 P1O M . 20.86 -0.12 -24.05
C6 P1O M . 20.12 1.10 -23.80
C7 P1O M . 19.84 1.19 -22.32
C8 P1O M . 20.06 2.57 -21.74
O5 P1O M . 19.49 3.54 -22.66
C9 P1O M . 19.66 4.82 -22.34
O6 P1O M . 20.55 5.20 -21.63
C10 P1O M . 18.60 5.69 -22.94
C11 P1O M . 19.08 7.09 -23.18
O7 P1O M . 18.47 0.77 -22.07
C19 P1O M . 18.24 -0.52 -21.79
O8 P1O M . 19.05 -1.39 -21.95
C20 P1O M . 16.84 -0.74 -21.28
O1 P1O N . 19.10 17.00 -20.59
O2 P1O N . 18.41 17.71 -23.00
P1 P1O N . 18.03 17.34 -21.60
O3 P1O N . 17.12 18.53 -21.00
C1 P1O N . 16.83 19.67 -21.83
C2 P1O N . 15.43 20.16 -21.49
N1 P1O N . 15.20 21.63 -21.67
C3 P1O N . 14.32 22.14 -20.59
C4 P1O N . 14.54 21.88 -22.99
C5 P1O N . 16.49 22.37 -21.64
O4 P1O N . 17.02 16.09 -21.67
C6 P1O N . 15.59 16.31 -21.60
C7 P1O N . 15.15 16.14 -20.16
C8 P1O N . 14.13 17.16 -19.72
O5 P1O N . 13.18 17.34 -20.80
C9 P1O N . 12.28 18.31 -20.62
O6 P1O N . 12.48 19.28 -19.94
C10 P1O N . 11.01 18.03 -21.36
C11 P1O N . 10.28 19.28 -21.75
O7 P1O N . 14.60 14.81 -19.99
C19 P1O N . 15.42 13.83 -19.56
O8 P1O N . 16.62 13.94 -19.53
C20 P1O N . 14.67 12.61 -19.13
#